data_1X9F
#
_entry.id   1X9F
#
_cell.length_a   139.225
_cell.length_b   172.071
_cell.length_c   202.886
_cell.angle_alpha   90.00
_cell.angle_beta   90.00
_cell.angle_gamma   90.00
#
_symmetry.space_group_name_H-M   'C 2 2 21'
#
loop_
_entity.id
_entity.type
_entity.pdbx_description
1 polymer 'Globin IV, extracellular'
2 polymer 'Globin II, extracellular'
3 polymer 'Globin III, extracellular'
4 polymer 'hemoglobin chain d1'
5 non-polymer 'PROTOPORPHYRIN IX CONTAINING FE'
6 non-polymer 'CARBON MONOXIDE'
7 non-polymer 'PHOSPHATE ION'
8 water water
#
loop_
_entity_poly.entity_id
_entity_poly.type
_entity_poly.pdbx_seq_one_letter_code
_entity_poly.pdbx_strand_id
1 'polypeptide(L)'
;ADDEDCCSYEDRREIRHIWDDVWSSSFTDRRVAIVRAVFDDLFKHYPTSKALFERVKIDEPESGEFKSHLVRVANGLKLL
INLLDDTLVLQSHLGHLADQHIQRKGVTKEYFRGIGEAFARVLPQVLSCFNVDAWNRCFHRLVARIAKDLP
;
A,E,I
2 'polypeptide(L)'
;KKQCGVLEGLKVKSEWGRAYGSGHDREAFSQAIWRATFAQVPESRSLFKRVHGDDTSHPAFIAHADRVLGGLDIAISTLD
QPATLKEELDHLQVQHEGRKIPDNYFDAFKTAILHVVAAQLGRCYDREAWDACIDHIEDGIKGHH
;
B,F,J
3 'polypeptide(L)'
;DEHEHCCSEEDHRIVQKQWDILWRDTESSKIKIGFGRLLLTKLAKDIPEVNDLFKRVDIEHAEGPKFSAHALRILNGLDL
AINLLDDPPALDAALDHLAHQHEVREGVQKAHFKKFGEILATGLPQVLDDYDALAWKSCLKGILTKISSRLNA
;
C,G,K
4 'polypeptide(L)'
;ECLVTESLKVKLQWASAFGHAHERVAFGLELWRDIIDDHPEIKAPFSRVRGDNIYSPEFGAHSQRVLSGLDITISMLDTP
DMLAAQLAHLKVQHVERNLKPEFFDIFLKHLLHVLGDRLGTHFDFGAWHDCVDQIIDGIK
;
D,H,L
#
# COMPACT_ATOMS: atom_id res chain seq x y z
N ASP A 5 -37.24 -14.64 -5.98
CA ASP A 5 -37.21 -14.57 -4.49
C ASP A 5 -35.88 -15.04 -3.88
N CYS A 6 -34.84 -15.10 -4.72
CA CYS A 6 -33.52 -15.38 -4.23
C CYS A 6 -32.92 -14.03 -3.86
N CYS A 7 -31.94 -14.05 -2.97
CA CYS A 7 -31.24 -12.84 -2.55
C CYS A 7 -30.06 -12.59 -3.50
N SER A 8 -30.26 -11.71 -4.48
CA SER A 8 -29.26 -11.49 -5.52
C SER A 8 -28.03 -10.75 -4.99
N TYR A 9 -27.02 -10.66 -5.83
CA TYR A 9 -25.83 -9.92 -5.48
C TYR A 9 -26.14 -8.42 -5.40
N GLU A 10 -26.96 -7.93 -6.32
CA GLU A 10 -27.44 -6.55 -6.31
C GLU A 10 -28.23 -6.26 -5.05
N ASP A 11 -29.04 -7.23 -4.65
CA ASP A 11 -29.86 -7.05 -3.46
C ASP A 11 -28.98 -6.88 -2.24
N ARG A 12 -27.92 -7.69 -2.16
CA ARG A 12 -27.03 -7.67 -1.01
C ARG A 12 -26.30 -6.34 -0.96
N ARG A 13 -25.96 -5.81 -2.12
CA ARG A 13 -25.31 -4.54 -2.23
C ARG A 13 -26.25 -3.41 -1.85
N GLU A 14 -27.51 -3.53 -2.28
CA GLU A 14 -28.55 -2.59 -1.92
C GLU A 14 -28.74 -2.53 -0.41
N ILE A 15 -28.76 -3.71 0.21
CA ILE A 15 -28.92 -3.80 1.65
C ILE A 15 -27.77 -3.17 2.41
N ARG A 16 -26.57 -3.21 1.84
CA ARG A 16 -25.42 -2.53 2.47
C ARG A 16 -25.65 -1.02 2.57
N HIS A 17 -25.98 -0.39 1.45
CA HIS A 17 -26.29 1.03 1.46
C HIS A 17 -27.44 1.37 2.41
N ILE A 18 -28.54 0.62 2.34
CA ILE A 18 -29.64 0.79 3.30
C ILE A 18 -29.08 0.78 4.72
N TRP A 19 -28.25 -0.23 5.01
CA TRP A 19 -27.83 -0.53 6.37
C TRP A 19 -26.92 0.50 7.00
N ASP A 20 -26.20 1.23 6.15
CA ASP A 20 -25.41 2.37 6.61
C ASP A 20 -26.28 3.44 7.28
N ASP A 21 -27.53 3.57 6.83
CA ASP A 21 -28.42 4.61 7.33
C ASP A 21 -29.18 4.26 8.61
N VAL A 22 -29.60 3.00 8.77
CA VAL A 22 -30.26 2.55 10.02
C VAL A 22 -29.23 2.44 11.15
N TRP A 23 -28.11 1.79 10.83
CA TRP A 23 -27.01 1.48 11.76
C TRP A 23 -25.94 2.56 11.74
N SER A 24 -26.29 3.72 12.24
CA SER A 24 -25.33 4.81 12.28
C SER A 24 -24.63 4.73 13.62
N SER A 25 -24.59 5.86 14.33
CA SER A 25 -23.86 6.01 15.61
C SER A 25 -23.34 4.75 16.31
N SER A 26 -22.22 4.92 16.99
CA SER A 26 -21.68 3.92 17.89
C SER A 26 -22.26 4.15 19.30
N PHE A 27 -23.55 4.49 19.31
CA PHE A 27 -24.32 4.74 20.52
C PHE A 27 -25.49 3.81 20.36
N THR A 28 -26.13 3.40 21.45
CA THR A 28 -27.18 2.38 21.30
C THR A 28 -28.57 2.91 21.07
N ASP A 29 -28.79 4.19 21.34
CA ASP A 29 -30.14 4.76 21.33
C ASP A 29 -30.95 4.43 20.10
N ARG A 30 -30.39 4.71 18.93
CA ARG A 30 -31.07 4.49 17.68
C ARG A 30 -31.38 3.00 17.47
N ARG A 31 -30.39 2.15 17.74
CA ARG A 31 -30.53 0.71 17.55
C ARG A 31 -31.34 0.08 18.70
N VAL A 32 -31.19 0.58 20.00
CA VAL A 32 -32.34 0.25 20.93
C VAL A 32 -33.77 0.56 20.35
N ALA A 33 -34.01 1.77 19.82
CA ALA A 33 -35.37 2.20 19.44
C ALA A 33 -36.00 1.50 18.21
N ILE A 34 -35.18 1.20 17.22
CA ILE A 34 -35.69 0.56 16.01
C ILE A 34 -36.10 -0.88 16.33
N VAL A 35 -35.23 -1.58 17.06
CA VAL A 35 -35.48 -2.99 17.41
C VAL A 35 -36.62 -3.10 18.40
N ARG A 36 -36.70 -2.14 19.32
CA ARG A 36 -37.84 -2.07 20.22
C ARG A 36 -39.12 -1.97 19.41
N ALA A 37 -39.11 -1.13 18.38
CA ALA A 37 -40.29 -0.95 17.55
C ALA A 37 -40.62 -2.20 16.75
N VAL A 38 -39.59 -2.91 16.29
CA VAL A 38 -39.75 -4.17 15.58
C VAL A 38 -40.48 -5.19 16.45
N PHE A 39 -40.04 -5.29 17.72
CA PHE A 39 -40.63 -6.23 18.67
C PHE A 39 -42.02 -5.84 19.13
N ASP A 40 -42.25 -4.54 19.35
CA ASP A 40 -43.60 -4.05 19.63
C ASP A 40 -44.52 -4.52 18.52
N ASP A 41 -44.05 -4.40 17.28
CA ASP A 41 -44.82 -4.87 16.12
C ASP A 41 -45.03 -6.38 16.22
N LEU A 42 -43.97 -7.15 16.47
CA LEU A 42 -44.09 -8.58 16.65
C LEU A 42 -45.11 -8.94 17.73
N PHE A 43 -45.01 -8.28 18.89
CA PHE A 43 -45.91 -8.56 20.00
C PHE A 43 -47.35 -8.18 19.69
N LYS A 44 -47.53 -7.16 18.87
CA LYS A 44 -48.87 -6.75 18.48
C LYS A 44 -49.52 -7.77 17.53
N HIS A 45 -48.71 -8.41 16.68
CA HIS A 45 -49.26 -9.36 15.70
C HIS A 45 -49.21 -10.81 16.14
N TYR A 46 -48.32 -11.11 17.09
CA TYR A 46 -48.13 -12.46 17.62
C TYR A 46 -47.93 -12.35 19.12
N PRO A 47 -49.00 -12.01 19.85
CA PRO A 47 -48.88 -11.76 21.28
C PRO A 47 -48.27 -12.89 22.11
N THR A 48 -48.51 -14.15 21.73
CA THR A 48 -47.95 -15.27 22.49
C THR A 48 -46.40 -15.30 22.46
N SER A 49 -45.79 -14.60 21.51
CA SER A 49 -44.34 -14.53 21.42
C SER A 49 -43.72 -13.73 22.56
N LYS A 50 -44.53 -12.87 23.19
CA LYS A 50 -44.04 -11.98 24.24
C LYS A 50 -43.57 -12.77 25.47
N ALA A 51 -44.19 -13.93 25.70
CA ALA A 51 -43.85 -14.79 26.82
C ALA A 51 -42.43 -15.39 26.76
N LEU A 52 -41.80 -15.32 25.59
CA LEU A 52 -40.47 -15.87 25.41
C LEU A 52 -39.35 -15.00 25.97
N PHE A 53 -39.69 -13.79 26.40
CA PHE A 53 -38.68 -12.80 26.75
C PHE A 53 -38.64 -12.38 28.22
N GLU A 54 -39.14 -13.24 29.10
CA GLU A 54 -39.21 -12.91 30.53
C GLU A 54 -37.83 -12.90 31.20
N ARG A 55 -36.95 -13.79 30.72
CA ARG A 55 -35.59 -13.94 31.23
C ARG A 55 -34.76 -12.67 30.97
N VAL A 56 -35.06 -11.99 29.86
CA VAL A 56 -34.41 -10.71 29.51
C VAL A 56 -35.25 -9.49 29.95
N LYS A 57 -36.25 -9.75 30.78
CA LYS A 57 -37.07 -8.74 31.47
C LYS A 57 -37.94 -7.82 30.61
N ILE A 58 -38.74 -8.36 29.68
CA ILE A 58 -39.75 -7.52 28.98
C ILE A 58 -40.61 -6.74 29.95
N ASP A 59 -40.81 -7.32 31.14
CA ASP A 59 -41.63 -6.72 32.19
C ASP A 59 -41.08 -5.37 32.61
N GLU A 60 -39.77 -5.18 32.46
CA GLU A 60 -39.14 -3.89 32.70
C GLU A 60 -38.41 -3.49 31.43
N PRO A 61 -39.16 -2.94 30.48
CA PRO A 61 -38.64 -2.62 29.13
C PRO A 61 -37.58 -1.52 29.06
N GLU A 62 -37.34 -0.81 30.17
CA GLU A 62 -36.28 0.18 30.20
C GLU A 62 -35.14 -0.30 31.10
N SER A 63 -35.14 -1.60 31.38
CA SER A 63 -34.28 -2.18 32.41
C SER A 63 -32.78 -2.29 32.16
N GLY A 64 -32.30 -2.22 30.93
CA GLY A 64 -30.83 -2.45 30.77
C GLY A 64 -30.57 -3.89 30.42
N GLU A 65 -31.07 -4.86 31.19
CA GLU A 65 -31.04 -6.24 30.73
C GLU A 65 -31.84 -6.40 29.43
N PHE A 66 -33.01 -5.76 29.36
CA PHE A 66 -33.86 -5.89 28.16
C PHE A 66 -33.34 -5.03 27.02
N LYS A 67 -32.86 -3.85 27.37
CA LYS A 67 -32.25 -2.96 26.39
C LYS A 67 -31.00 -3.60 25.81
N SER A 68 -30.20 -4.26 26.64
CA SER A 68 -29.01 -4.93 26.14
C SER A 68 -29.40 -6.10 25.26
N HIS A 69 -30.50 -6.77 25.61
CA HIS A 69 -31.03 -7.84 24.77
C HIS A 69 -31.39 -7.30 23.38
N LEU A 70 -32.05 -6.14 23.36
CA LEU A 70 -32.42 -5.48 22.12
C LEU A 70 -31.19 -5.12 21.29
N VAL A 71 -30.12 -4.70 21.95
CA VAL A 71 -28.87 -4.39 21.23
C VAL A 71 -28.23 -5.66 20.67
N ARG A 72 -28.26 -6.74 21.44
CA ARG A 72 -27.72 -8.00 20.97
C ARG A 72 -28.39 -8.45 19.68
N VAL A 73 -29.71 -8.27 19.62
CA VAL A 73 -30.48 -8.55 18.42
C VAL A 73 -30.07 -7.62 17.31
N ALA A 74 -30.04 -6.32 17.61
CA ALA A 74 -29.57 -5.31 16.66
C ALA A 74 -28.21 -5.71 16.07
N ASN A 75 -27.24 -5.95 16.95
CA ASN A 75 -25.91 -6.36 16.51
C ASN A 75 -25.83 -7.73 15.85
N GLY A 76 -26.74 -8.64 16.22
CA GLY A 76 -26.81 -9.93 15.53
C GLY A 76 -27.17 -9.66 14.08
N LEU A 77 -28.12 -8.75 13.89
CA LEU A 77 -28.57 -8.43 12.56
C LEU A 77 -27.48 -7.70 11.79
N LYS A 78 -26.78 -6.79 12.47
CA LYS A 78 -25.63 -6.08 11.93
C LYS A 78 -24.57 -7.07 11.49
N LEU A 79 -24.34 -8.09 12.30
CA LEU A 79 -23.40 -9.16 11.96
C LEU A 79 -23.82 -9.86 10.67
N LEU A 80 -25.10 -10.23 10.57
CA LEU A 80 -25.58 -10.90 9.35
C LEU A 80 -25.38 -10.05 8.11
N ILE A 81 -25.78 -8.78 8.20
CA ILE A 81 -25.66 -7.86 7.07
C ILE A 81 -24.20 -7.76 6.64
N ASN A 82 -23.30 -7.61 7.61
CA ASN A 82 -21.87 -7.48 7.32
C ASN A 82 -21.18 -8.78 6.93
N LEU A 83 -21.95 -9.84 6.76
CA LEU A 83 -21.43 -11.11 6.31
C LEU A 83 -21.98 -11.42 4.93
N LEU A 84 -22.89 -10.56 4.45
CA LEU A 84 -23.52 -10.73 3.12
C LEU A 84 -22.52 -10.81 1.97
N ASP A 85 -21.27 -10.47 2.26
CA ASP A 85 -20.23 -10.53 1.23
C ASP A 85 -19.19 -11.60 1.53
N ASP A 86 -19.38 -12.37 2.60
CA ASP A 86 -18.48 -13.45 3.00
C ASP A 86 -19.36 -14.67 3.21
N THR A 87 -19.88 -15.17 2.10
CA THR A 87 -20.99 -16.13 2.09
C THR A 87 -20.72 -17.44 2.82
N LEU A 88 -19.48 -17.92 2.80
CA LEU A 88 -19.16 -19.15 3.51
C LEU A 88 -19.14 -18.94 5.02
N VAL A 89 -18.57 -17.82 5.47
CA VAL A 89 -18.64 -17.43 6.89
C VAL A 89 -20.12 -17.24 7.26
N LEU A 90 -20.84 -16.51 6.41
CA LEU A 90 -22.28 -16.31 6.58
C LEU A 90 -23.02 -17.63 6.80
N GLN A 91 -22.79 -18.58 5.90
CA GLN A 91 -23.42 -19.89 5.95
C GLN A 91 -23.17 -20.56 7.31
N SER A 92 -21.91 -20.59 7.74
CA SER A 92 -21.55 -21.16 9.02
C SER A 92 -22.23 -20.44 10.17
N HIS A 93 -22.05 -19.12 10.26
CA HIS A 93 -22.66 -18.33 11.34
C HIS A 93 -24.18 -18.50 11.43
N LEU A 94 -24.83 -18.64 10.28
CA LEU A 94 -26.28 -18.78 10.24
C LEU A 94 -26.77 -19.99 11.04
N GLY A 95 -25.99 -21.08 10.99
CA GLY A 95 -26.30 -22.30 11.74
C GLY A 95 -26.13 -22.07 13.23
N HIS A 96 -25.09 -21.32 13.59
CA HIS A 96 -24.86 -20.93 14.98
C HIS A 96 -26.06 -20.17 15.53
N LEU A 97 -26.54 -19.17 14.79
CA LEU A 97 -27.71 -18.39 15.17
C LEU A 97 -28.96 -19.27 15.25
N ALA A 98 -29.06 -20.24 14.33
CA ALA A 98 -30.13 -21.24 14.38
C ALA A 98 -30.10 -22.00 15.70
N ASP A 99 -28.93 -22.51 16.08
CA ASP A 99 -28.80 -23.31 17.31
C ASP A 99 -29.16 -22.53 18.57
N GLN A 100 -28.79 -21.26 18.61
CA GLN A 100 -29.15 -20.41 19.75
C GLN A 100 -30.68 -20.31 19.93
N HIS A 101 -31.42 -20.31 18.82
CA HIS A 101 -32.88 -20.21 18.88
C HIS A 101 -33.61 -21.54 19.06
N ILE A 102 -33.00 -22.62 18.58
CA ILE A 102 -33.55 -23.96 18.77
C ILE A 102 -33.45 -24.33 20.25
N GLN A 103 -32.47 -23.79 20.96
CA GLN A 103 -32.32 -24.06 22.40
C GLN A 103 -33.27 -23.25 23.26
N ARG A 104 -34.01 -22.37 22.59
CA ARG A 104 -35.10 -21.62 23.17
C ARG A 104 -36.36 -22.32 22.73
N LYS A 105 -36.90 -23.18 23.58
CA LYS A 105 -38.15 -23.85 23.26
C LYS A 105 -39.23 -22.77 23.14
N GLY A 106 -40.12 -22.91 22.17
CA GLY A 106 -41.15 -21.88 21.99
C GLY A 106 -40.92 -20.99 20.78
N VAL A 107 -39.69 -20.88 20.29
CA VAL A 107 -39.45 -20.08 19.10
C VAL A 107 -39.90 -20.85 17.85
N THR A 108 -40.77 -20.24 17.04
CA THR A 108 -41.32 -20.94 15.88
C THR A 108 -40.99 -20.26 14.54
N LYS A 109 -41.25 -20.97 13.45
CA LYS A 109 -41.09 -20.41 12.11
C LYS A 109 -42.06 -19.27 11.96
N GLU A 110 -43.27 -19.45 12.49
CA GLU A 110 -44.30 -18.43 12.45
C GLU A 110 -43.80 -17.12 13.06
N TYR A 111 -43.08 -17.20 14.16
CA TYR A 111 -42.54 -15.98 14.78
C TYR A 111 -41.48 -15.32 13.93
N PHE A 112 -40.68 -16.14 13.23
CA PHE A 112 -39.71 -15.58 12.31
C PHE A 112 -40.39 -14.98 11.09
N ARG A 113 -41.54 -15.52 10.70
CA ARG A 113 -42.34 -14.88 9.66
C ARG A 113 -42.78 -13.50 10.17
N GLY A 114 -43.24 -13.45 11.42
CA GLY A 114 -43.70 -12.21 12.05
C GLY A 114 -42.67 -11.10 12.19
N ILE A 115 -41.45 -11.46 12.59
CA ILE A 115 -40.35 -10.49 12.71
C ILE A 115 -39.98 -9.94 11.34
N GLY A 116 -40.11 -10.80 10.32
CA GLY A 116 -39.90 -10.37 8.94
C GLY A 116 -40.91 -9.30 8.56
N GLU A 117 -42.18 -9.56 8.86
CA GLU A 117 -43.26 -8.62 8.59
C GLU A 117 -43.06 -7.33 9.38
N ALA A 118 -42.52 -7.48 10.59
CA ALA A 118 -42.28 -6.35 11.47
C ALA A 118 -41.18 -5.42 10.93
N PHE A 119 -40.09 -6.00 10.46
CA PHE A 119 -39.01 -5.22 9.84
C PHE A 119 -39.50 -4.50 8.60
N ALA A 120 -40.29 -5.20 7.79
CA ALA A 120 -40.86 -4.66 6.56
C ALA A 120 -41.80 -3.48 6.82
N ARG A 121 -42.44 -3.48 7.98
CA ARG A 121 -43.34 -2.41 8.38
C ARG A 121 -42.55 -1.26 9.02
N VAL A 122 -41.56 -1.61 9.84
CA VAL A 122 -40.79 -0.61 10.60
C VAL A 122 -39.70 0.13 9.81
N LEU A 123 -38.83 -0.61 9.11
CA LEU A 123 -37.72 0.02 8.38
C LEU A 123 -38.15 1.18 7.48
N PRO A 124 -39.19 0.99 6.66
CA PRO A 124 -39.67 2.08 5.80
C PRO A 124 -40.09 3.34 6.57
N GLN A 125 -40.32 3.20 7.88
CA GLN A 125 -40.65 4.35 8.73
C GLN A 125 -39.41 5.06 9.28
N VAL A 126 -38.26 4.38 9.31
CA VAL A 126 -37.06 5.01 9.83
C VAL A 126 -36.16 5.57 8.72
N LEU A 127 -36.29 5.02 7.53
CA LEU A 127 -35.56 5.60 6.40
C LEU A 127 -36.36 5.62 5.11
N SER A 128 -36.14 6.67 4.31
CA SER A 128 -36.82 6.80 3.03
C SER A 128 -35.94 6.24 1.90
N CYS A 129 -36.52 6.09 0.71
CA CYS A 129 -35.85 5.43 -0.41
C CYS A 129 -35.33 4.06 0.01
N PHE A 130 -36.14 3.37 0.82
CA PHE A 130 -35.78 2.06 1.31
C PHE A 130 -36.35 1.02 0.35
N ASN A 131 -35.49 0.17 -0.20
CA ASN A 131 -35.92 -0.90 -1.11
C ASN A 131 -36.43 -2.10 -0.32
N VAL A 132 -37.71 -2.07 0.06
CA VAL A 132 -38.28 -3.12 0.93
C VAL A 132 -38.29 -4.49 0.25
N ASP A 133 -38.44 -4.49 -1.07
CA ASP A 133 -38.40 -5.72 -1.85
C ASP A 133 -37.06 -6.42 -1.72
N ALA A 134 -35.98 -5.67 -1.94
CA ALA A 134 -34.64 -6.22 -1.81
C ALA A 134 -34.40 -6.69 -0.39
N TRP A 135 -34.82 -5.87 0.58
CA TRP A 135 -34.71 -6.23 1.99
C TRP A 135 -35.41 -7.56 2.30
N ASN A 136 -36.65 -7.70 1.82
CA ASN A 136 -37.46 -8.88 2.10
C ASN A 136 -36.87 -10.17 1.53
N ARG A 137 -36.38 -10.07 0.30
CA ARG A 137 -35.77 -11.21 -0.39
C ARG A 137 -34.65 -11.81 0.42
N CYS A 138 -33.75 -10.94 0.87
CA CYS A 138 -32.58 -11.34 1.61
C CYS A 138 -32.89 -11.71 3.03
N PHE A 139 -33.77 -10.93 3.67
CA PHE A 139 -34.17 -11.25 5.02
C PHE A 139 -34.91 -12.59 5.09
N HIS A 140 -35.73 -12.90 4.08
CA HIS A 140 -36.38 -14.23 4.02
C HIS A 140 -35.35 -15.34 3.87
N ARG A 141 -34.34 -15.10 3.04
CA ARG A 141 -33.28 -16.10 2.82
C ARG A 141 -32.55 -16.37 4.12
N LEU A 142 -32.25 -15.30 4.87
CA LEU A 142 -31.57 -15.42 6.15
C LEU A 142 -32.42 -16.19 7.14
N VAL A 143 -33.67 -15.75 7.29
CA VAL A 143 -34.62 -16.36 8.20
C VAL A 143 -34.93 -17.81 7.86
N ALA A 144 -34.97 -18.12 6.57
CA ALA A 144 -35.22 -19.49 6.11
C ALA A 144 -34.21 -20.45 6.73
N ARG A 145 -32.94 -20.05 6.75
CA ARG A 145 -31.91 -20.88 7.33
C ARG A 145 -32.00 -20.90 8.85
N ILE A 146 -32.22 -19.72 9.46
CA ILE A 146 -32.25 -19.62 10.93
C ILE A 146 -33.37 -20.48 11.50
N ALA A 147 -34.51 -20.46 10.82
CA ALA A 147 -35.69 -21.16 11.31
C ALA A 147 -35.94 -22.51 10.64
N LYS A 148 -34.91 -23.06 10.00
CA LYS A 148 -35.05 -24.32 9.27
C LYS A 148 -35.64 -25.45 10.12
N ASP A 149 -35.18 -25.58 11.37
CA ASP A 149 -35.57 -26.71 12.25
C ASP A 149 -36.42 -26.27 13.43
N LEU A 150 -36.94 -25.05 13.37
CA LEU A 150 -37.61 -24.42 14.51
C LEU A 150 -39.02 -24.87 14.86
N PRO A 151 -39.86 -25.18 13.87
CA PRO A 151 -41.31 -25.15 14.09
C PRO A 151 -41.71 -25.96 15.32
N LYS B 1 -52.27 14.10 10.33
CA LYS B 1 -52.07 12.97 9.37
C LYS B 1 -51.09 11.92 9.93
N LYS B 2 -50.27 12.34 10.88
CA LYS B 2 -49.25 11.50 11.50
C LYS B 2 -48.71 12.30 12.69
N GLN B 3 -48.37 11.62 13.78
CA GLN B 3 -47.86 12.30 14.97
C GLN B 3 -46.35 12.14 15.05
N CYS B 4 -45.69 13.09 15.71
CA CYS B 4 -44.25 13.02 15.90
C CYS B 4 -43.91 11.97 16.94
N GLY B 5 -44.02 10.71 16.55
CA GLY B 5 -43.67 9.60 17.41
C GLY B 5 -42.21 9.21 17.29
N VAL B 6 -41.89 8.09 17.94
CA VAL B 6 -40.53 7.57 17.99
C VAL B 6 -39.93 7.43 16.60
N LEU B 7 -40.64 6.76 15.70
CA LEU B 7 -40.13 6.43 14.37
C LEU B 7 -39.98 7.65 13.47
N GLU B 8 -40.98 8.53 13.48
CA GLU B 8 -40.93 9.79 12.72
C GLU B 8 -39.82 10.72 13.23
N GLY B 9 -39.62 10.73 14.54
CA GLY B 9 -38.54 11.50 15.15
C GLY B 9 -37.19 10.95 14.73
N LEU B 10 -37.08 9.62 14.73
CA LEU B 10 -35.89 8.96 14.23
C LEU B 10 -35.60 9.37 12.79
N LYS B 11 -36.61 9.29 11.93
CA LYS B 11 -36.45 9.61 10.51
C LYS B 11 -36.07 11.07 10.29
N VAL B 12 -36.78 11.97 10.97
CA VAL B 12 -36.50 13.40 10.86
C VAL B 12 -35.11 13.76 11.37
N LYS B 13 -34.65 13.11 12.45
CA LYS B 13 -33.27 13.34 12.90
C LYS B 13 -32.26 13.05 11.80
N SER B 14 -32.41 11.91 11.13
CA SER B 14 -31.48 11.52 10.06
C SER B 14 -31.56 12.42 8.84
N GLU B 15 -32.78 12.69 8.38
CA GLU B 15 -32.98 13.51 7.20
C GLU B 15 -32.52 14.93 7.45
N TRP B 16 -32.66 15.40 8.69
CA TRP B 16 -32.15 16.72 9.07
C TRP B 16 -30.63 16.75 8.94
N GLY B 17 -29.97 15.76 9.55
CA GLY B 17 -28.53 15.59 9.45
C GLY B 17 -28.04 15.69 8.02
N ARG B 18 -28.64 14.92 7.12
CA ARG B 18 -28.27 14.94 5.71
C ARG B 18 -28.53 16.26 4.99
N ALA B 19 -29.58 16.99 5.38
CA ALA B 19 -29.97 18.23 4.69
C ALA B 19 -29.27 19.46 5.25
N TYR B 20 -28.97 19.40 6.54
CA TYR B 20 -28.38 20.53 7.26
C TYR B 20 -27.01 20.92 6.72
N GLY B 21 -26.16 19.94 6.44
CA GLY B 21 -24.82 20.21 5.89
C GLY B 21 -23.97 21.10 6.79
N SER B 22 -22.97 21.73 6.19
CA SER B 22 -22.03 22.56 6.93
C SER B 22 -21.43 23.66 6.03
N GLY B 23 -20.63 24.57 6.61
CA GLY B 23 -19.96 25.62 5.82
C GLY B 23 -20.90 26.39 4.89
N HIS B 24 -20.46 26.61 3.65
CA HIS B 24 -21.26 27.38 2.68
C HIS B 24 -22.63 26.74 2.39
N ASP B 25 -22.68 25.41 2.38
CA ASP B 25 -23.95 24.67 2.19
C ASP B 25 -24.98 24.97 3.26
N ARG B 26 -24.51 25.11 4.50
CA ARG B 26 -25.39 25.43 5.61
C ARG B 26 -25.91 26.86 5.49
N GLU B 27 -25.06 27.80 5.12
CA GLU B 27 -25.51 29.18 4.90
C GLU B 27 -26.58 29.23 3.83
N ALA B 28 -26.32 28.60 2.69
CA ALA B 28 -27.24 28.58 1.56
C ALA B 28 -28.57 27.98 1.99
N PHE B 29 -28.47 26.89 2.75
CA PHE B 29 -29.61 26.19 3.31
C PHE B 29 -30.43 27.10 4.24
N SER B 30 -29.74 27.79 5.15
CA SER B 30 -30.36 28.76 6.03
C SER B 30 -31.12 29.82 5.27
N GLN B 31 -30.53 30.30 4.17
CA GLN B 31 -31.13 31.39 3.38
C GLN B 31 -32.32 30.91 2.56
N ALA B 32 -32.18 29.73 1.96
CA ALA B 32 -33.25 29.09 1.21
C ALA B 32 -34.53 29.02 2.04
N ILE B 33 -34.41 28.64 3.32
CA ILE B 33 -35.57 28.53 4.20
C ILE B 33 -36.23 29.89 4.48
N TRP B 34 -35.44 30.90 4.83
CA TRP B 34 -35.98 32.25 5.08
C TRP B 34 -36.58 32.93 3.85
N ARG B 35 -35.96 32.74 2.68
CA ARG B 35 -36.54 33.23 1.43
C ARG B 35 -37.86 32.58 1.10
N ALA B 36 -37.93 31.25 1.30
CA ALA B 36 -39.17 30.53 1.08
C ALA B 36 -40.24 31.02 2.05
N THR B 37 -39.85 31.30 3.30
CA THR B 37 -40.77 31.86 4.28
C THR B 37 -41.31 33.21 3.81
N PHE B 38 -40.39 34.12 3.47
CA PHE B 38 -40.77 35.46 3.01
C PHE B 38 -41.60 35.42 1.74
N ALA B 39 -41.28 34.52 0.81
CA ALA B 39 -42.08 34.40 -0.42
C ALA B 39 -43.53 34.07 -0.10
N GLN B 40 -43.74 33.33 0.98
CA GLN B 40 -45.07 32.90 1.36
C GLN B 40 -45.82 33.91 2.24
N VAL B 41 -45.10 34.52 3.19
CA VAL B 41 -45.68 35.56 4.02
C VAL B 41 -44.77 36.78 4.09
N PRO B 42 -44.74 37.56 3.00
CA PRO B 42 -43.85 38.72 2.90
C PRO B 42 -44.02 39.73 4.04
N GLU B 43 -45.20 39.74 4.67
CA GLU B 43 -45.44 40.57 5.84
C GLU B 43 -44.46 40.33 6.96
N SER B 44 -44.03 39.08 7.10
CA SER B 44 -43.21 38.64 8.24
C SER B 44 -41.83 39.26 8.22
N ARG B 45 -41.42 39.71 7.04
CA ARG B 45 -40.12 40.31 6.82
C ARG B 45 -39.83 41.47 7.76
N SER B 46 -40.84 42.33 7.98
CA SER B 46 -40.72 43.53 8.81
C SER B 46 -40.26 43.23 10.24
N LEU B 47 -40.50 42.00 10.68
CA LEU B 47 -40.07 41.54 11.99
C LEU B 47 -38.55 41.45 12.12
N PHE B 48 -37.86 41.42 10.99
CA PHE B 48 -36.43 41.10 10.98
C PHE B 48 -35.60 42.31 10.60
N LYS B 49 -36.19 43.49 10.75
CA LYS B 49 -35.53 44.75 10.40
C LYS B 49 -34.25 44.95 11.21
N ARG B 50 -34.28 44.57 12.48
CA ARG B 50 -33.11 44.73 13.35
C ARG B 50 -31.96 43.82 12.94
N VAL B 51 -32.24 42.86 12.06
CA VAL B 51 -31.24 41.88 11.71
C VAL B 51 -31.11 41.83 10.18
N HIS B 52 -31.44 42.97 9.56
CA HIS B 52 -31.31 43.20 8.12
C HIS B 52 -32.12 42.27 7.25
N GLY B 53 -33.37 42.00 7.65
CA GLY B 53 -34.27 41.11 6.91
C GLY B 53 -34.57 41.56 5.50
N ASP B 54 -34.31 42.83 5.22
CA ASP B 54 -34.51 43.39 3.90
C ASP B 54 -33.51 42.84 2.87
N ASP B 55 -32.39 42.33 3.36
CA ASP B 55 -31.37 41.78 2.49
C ASP B 55 -30.91 40.44 3.06
N THR B 56 -31.31 39.34 2.42
CA THR B 56 -31.01 38.00 2.94
C THR B 56 -29.55 37.57 2.69
N SER B 57 -28.81 38.41 1.98
CA SER B 57 -27.39 38.18 1.74
C SER B 57 -26.55 38.90 2.77
N HIS B 58 -27.18 39.79 3.51
CA HIS B 58 -26.45 40.55 4.52
C HIS B 58 -25.86 39.59 5.56
N PRO B 59 -24.62 39.82 5.99
CA PRO B 59 -23.97 38.95 6.97
C PRO B 59 -24.72 38.83 8.30
N ALA B 60 -25.30 39.94 8.76
CA ALA B 60 -26.12 39.94 9.98
C ALA B 60 -27.35 39.06 9.81
N PHE B 61 -27.88 38.99 8.60
CA PHE B 61 -29.01 38.13 8.37
C PHE B 61 -28.61 36.67 8.32
N ILE B 62 -27.48 36.36 7.69
CA ILE B 62 -26.98 35.00 7.64
C ILE B 62 -26.81 34.51 9.06
N ALA B 63 -26.15 35.31 9.89
CA ALA B 63 -25.85 34.95 11.26
C ALA B 63 -27.13 34.59 11.98
N HIS B 64 -28.13 35.45 11.81
CA HIS B 64 -29.43 35.22 12.36
C HIS B 64 -30.08 33.90 11.87
N ALA B 65 -29.97 33.64 10.58
CA ALA B 65 -30.58 32.45 9.99
C ALA B 65 -29.84 31.19 10.43
N ASP B 66 -28.50 31.26 10.47
CA ASP B 66 -27.69 30.17 11.04
C ASP B 66 -28.10 29.94 12.51
N ARG B 67 -28.39 31.03 13.21
CA ARG B 67 -28.79 30.97 14.62
C ARG B 67 -30.13 30.24 14.78
N VAL B 68 -31.07 30.56 13.90
CA VAL B 68 -32.39 29.92 13.90
C VAL B 68 -32.29 28.44 13.65
N LEU B 69 -31.55 28.08 12.61
CA LEU B 69 -31.36 26.67 12.30
C LEU B 69 -30.60 25.95 13.41
N GLY B 70 -29.80 26.71 14.17
CA GLY B 70 -29.09 26.20 15.33
C GLY B 70 -30.07 25.78 16.42
N GLY B 71 -31.09 26.62 16.63
CA GLY B 71 -32.15 26.32 17.57
C GLY B 71 -32.96 25.12 17.10
N LEU B 72 -33.30 25.11 15.81
CA LEU B 72 -34.06 24.01 15.25
C LEU B 72 -33.26 22.71 15.35
N ASP B 73 -31.94 22.82 15.13
CA ASP B 73 -31.06 21.67 15.24
C ASP B 73 -31.11 21.04 16.64
N ILE B 74 -31.13 21.88 17.67
CA ILE B 74 -31.24 21.39 19.05
C ILE B 74 -32.55 20.63 19.25
N ALA B 75 -33.64 21.22 18.77
CA ALA B 75 -34.98 20.66 18.90
C ALA B 75 -35.06 19.30 18.19
N ILE B 76 -34.67 19.26 16.92
CA ILE B 76 -34.73 18.01 16.16
C ILE B 76 -33.84 16.94 16.80
N SER B 77 -32.64 17.34 17.22
CA SER B 77 -31.68 16.39 17.78
C SER B 77 -32.19 15.74 19.07
N THR B 78 -33.10 16.41 19.77
CA THR B 78 -33.63 15.86 21.03
C THR B 78 -35.10 15.50 20.96
N LEU B 79 -35.62 15.24 19.76
CA LEU B 79 -36.98 14.74 19.64
C LEU B 79 -37.15 13.45 20.44
N ASP B 80 -36.05 12.70 20.58
CA ASP B 80 -36.04 11.47 21.35
C ASP B 80 -35.76 11.68 22.85
N GLN B 81 -35.52 12.94 23.24
CA GLN B 81 -35.32 13.28 24.65
C GLN B 81 -36.28 14.39 25.06
N PRO B 82 -37.53 13.99 25.36
CA PRO B 82 -38.61 14.94 25.66
C PRO B 82 -38.32 15.97 26.73
N ALA B 83 -37.66 15.55 27.82
CA ALA B 83 -37.33 16.46 28.91
C ALA B 83 -36.40 17.59 28.46
N THR B 84 -35.38 17.22 27.69
CA THR B 84 -34.42 18.19 27.17
C THR B 84 -35.09 19.06 26.12
N LEU B 85 -35.89 18.45 25.25
CA LEU B 85 -36.58 19.18 24.19
C LEU B 85 -37.45 20.29 24.77
N LYS B 86 -38.21 19.93 25.80
CA LYS B 86 -39.11 20.85 26.47
C LYS B 86 -38.32 22.04 27.00
N GLU B 87 -37.15 21.78 27.57
CA GLU B 87 -36.34 22.83 28.15
C GLU B 87 -35.83 23.76 27.06
N GLU B 88 -35.37 23.17 25.95
CA GLU B 88 -34.99 23.97 24.78
C GLU B 88 -36.18 24.75 24.24
N LEU B 89 -37.32 24.06 24.08
CA LEU B 89 -38.50 24.72 23.56
C LEU B 89 -38.98 25.90 24.41
N ASP B 90 -38.86 25.77 25.74
CA ASP B 90 -39.20 26.84 26.68
C ASP B 90 -38.27 28.02 26.52
N HIS B 91 -36.97 27.74 26.36
CA HIS B 91 -35.96 28.77 26.14
C HIS B 91 -36.31 29.58 24.90
N LEU B 92 -36.66 28.89 23.82
CA LEU B 92 -37.04 29.51 22.55
C LEU B 92 -38.34 30.29 22.67
N GLN B 93 -39.31 29.70 23.37
CA GLN B 93 -40.60 30.34 23.60
C GLN B 93 -40.43 31.66 24.33
N VAL B 94 -39.53 31.68 25.31
CA VAL B 94 -39.24 32.94 26.02
C VAL B 94 -38.68 33.97 25.05
N GLN B 95 -37.85 33.54 24.11
CA GLN B 95 -37.26 34.45 23.14
C GLN B 95 -38.26 34.95 22.09
N HIS B 96 -39.39 34.26 21.92
CA HIS B 96 -40.42 34.66 20.95
C HIS B 96 -41.67 35.33 21.53
N GLU B 97 -42.00 35.03 22.78
CA GLU B 97 -43.12 35.68 23.48
C GLU B 97 -42.79 37.17 23.61
N GLY B 98 -43.76 38.02 23.34
CA GLY B 98 -43.50 39.44 23.24
C GLY B 98 -43.60 39.84 21.79
N ARG B 99 -42.89 39.13 20.91
CA ARG B 99 -42.96 39.41 19.48
C ARG B 99 -44.35 39.05 18.97
N LYS B 100 -44.86 39.86 18.03
CA LYS B 100 -46.20 39.61 17.53
C LYS B 100 -46.11 38.65 16.35
N ILE B 101 -46.00 37.35 16.64
CA ILE B 101 -45.88 36.38 15.55
C ILE B 101 -47.17 35.57 15.44
N PRO B 102 -47.99 35.87 14.42
CA PRO B 102 -49.19 35.07 14.17
C PRO B 102 -48.85 33.62 13.75
N ASP B 103 -49.76 32.68 14.03
CA ASP B 103 -49.60 31.27 13.66
C ASP B 103 -49.29 31.14 12.18
N ASN B 104 -49.99 31.97 11.41
CA ASN B 104 -49.79 32.13 9.99
C ASN B 104 -48.31 32.12 9.60
N TYR B 105 -47.46 32.72 10.45
CA TYR B 105 -46.03 32.78 10.19
C TYR B 105 -45.29 31.49 10.50
N PHE B 106 -45.48 30.94 11.71
CA PHE B 106 -44.91 29.63 12.04
C PHE B 106 -45.33 28.63 10.98
N ASP B 107 -46.51 28.86 10.42
CA ASP B 107 -47.06 27.99 9.40
C ASP B 107 -46.27 28.06 8.09
N ALA B 108 -45.95 29.27 7.64
CA ALA B 108 -45.16 29.44 6.42
C ALA B 108 -43.74 28.90 6.60
N PHE B 109 -43.17 29.15 7.78
CA PHE B 109 -41.85 28.66 8.11
C PHE B 109 -41.80 27.15 7.96
N LYS B 110 -42.78 26.47 8.54
CA LYS B 110 -42.86 25.02 8.46
C LYS B 110 -42.90 24.54 7.00
N THR B 111 -43.71 25.22 6.18
CA THR B 111 -43.83 24.88 4.76
C THR B 111 -42.48 25.05 4.08
N ALA B 112 -41.80 26.13 4.44
CA ALA B 112 -40.51 26.47 3.87
C ALA B 112 -39.45 25.42 4.22
N ILE B 113 -39.35 25.08 5.51
CA ILE B 113 -38.44 24.01 5.95
C ILE B 113 -38.68 22.76 5.12
N LEU B 114 -39.94 22.32 5.03
CA LEU B 114 -40.28 21.10 4.31
C LEU B 114 -39.92 21.18 2.85
N HIS B 115 -40.03 22.39 2.30
CA HIS B 115 -39.81 22.61 0.91
C HIS B 115 -38.34 22.53 0.56
N VAL B 116 -37.53 23.23 1.34
CA VAL B 116 -36.09 23.23 1.15
C VAL B 116 -35.51 21.85 1.44
N VAL B 117 -35.98 21.20 2.51
CA VAL B 117 -35.54 19.84 2.83
C VAL B 117 -35.89 18.85 1.71
N ALA B 118 -37.12 18.92 1.19
CA ALA B 118 -37.52 18.11 0.04
C ALA B 118 -36.57 18.28 -1.15
N ALA B 119 -36.17 19.51 -1.43
CA ALA B 119 -35.25 19.79 -2.53
C ALA B 119 -33.85 19.23 -2.24
N GLN B 120 -33.33 19.52 -1.05
CA GLN B 120 -32.05 19.01 -0.57
C GLN B 120 -31.87 17.49 -0.69
N LEU B 121 -32.91 16.74 -0.37
CA LEU B 121 -32.82 15.28 -0.34
C LEU B 121 -33.52 14.61 -1.51
N GLY B 122 -34.16 15.39 -2.37
CA GLY B 122 -34.90 14.83 -3.50
C GLY B 122 -36.03 13.93 -3.05
N ARG B 123 -35.97 12.66 -3.47
CA ARG B 123 -36.99 11.67 -3.09
C ARG B 123 -36.92 11.28 -1.62
N CYS B 124 -35.72 11.21 -1.07
CA CYS B 124 -35.51 10.53 0.21
C CYS B 124 -35.88 11.37 1.40
N TYR B 125 -37.16 11.68 1.52
CA TYR B 125 -37.63 12.34 2.71
C TYR B 125 -39.11 12.02 2.90
N ASP B 126 -39.57 12.13 4.14
CA ASP B 126 -40.95 11.86 4.47
C ASP B 126 -41.63 13.12 4.98
N ARG B 127 -42.42 13.72 4.10
CA ARG B 127 -43.11 14.98 4.34
C ARG B 127 -44.04 14.91 5.55
N GLU B 128 -44.76 13.80 5.67
CA GLU B 128 -45.70 13.63 6.77
C GLU B 128 -44.99 13.56 8.11
N ALA B 129 -43.83 12.91 8.14
CA ALA B 129 -43.04 12.80 9.36
C ALA B 129 -42.42 14.14 9.74
N TRP B 130 -41.92 14.87 8.74
CA TRP B 130 -41.39 16.22 8.97
C TRP B 130 -42.48 17.18 9.43
N ASP B 131 -43.60 17.20 8.71
CA ASP B 131 -44.71 18.08 9.06
C ASP B 131 -45.12 17.91 10.52
N ALA B 132 -45.24 16.66 10.94
CA ALA B 132 -45.67 16.33 12.29
C ALA B 132 -44.65 16.79 13.34
N CYS B 133 -43.37 16.57 13.05
CA CYS B 133 -42.31 16.88 13.99
C CYS B 133 -41.98 18.38 14.05
N ILE B 134 -42.10 19.09 12.92
CA ILE B 134 -41.94 20.55 12.95
C ILE B 134 -43.09 21.20 13.73
N ASP B 135 -44.31 20.68 13.54
CA ASP B 135 -45.46 21.12 14.32
C ASP B 135 -45.21 21.00 15.80
N HIS B 136 -44.79 19.80 16.20
CA HIS B 136 -44.50 19.52 17.59
C HIS B 136 -43.50 20.52 18.16
N ILE B 137 -42.52 20.89 17.34
CA ILE B 137 -41.47 21.80 17.79
C ILE B 137 -42.02 23.22 17.91
N GLU B 138 -42.80 23.63 16.92
CA GLU B 138 -43.41 24.95 16.92
C GLU B 138 -44.46 25.15 18.02
N ASP B 139 -45.20 24.09 18.37
CA ASP B 139 -46.14 24.18 19.49
C ASP B 139 -45.46 24.64 20.77
N GLY B 140 -44.20 24.22 20.96
CA GLY B 140 -43.42 24.59 22.13
C GLY B 140 -42.84 26.00 22.09
N ILE B 141 -42.74 26.57 20.89
CA ILE B 141 -42.18 27.92 20.76
C ILE B 141 -43.30 28.95 20.88
N LYS B 142 -44.44 28.61 20.29
CA LYS B 142 -45.63 29.42 20.39
C LYS B 142 -46.15 29.37 21.82
N GLY B 143 -46.15 28.18 22.41
CA GLY B 143 -46.82 27.92 23.68
C GLY B 143 -48.30 27.64 23.50
N HIS B 144 -48.77 27.80 22.26
CA HIS B 144 -50.17 27.59 21.90
C HIS B 144 -50.40 26.14 21.50
N HIS B 145 -51.67 25.74 21.54
CA HIS B 145 -52.14 24.41 21.08
C HIS B 145 -51.60 24.04 19.70
N HIS C 3 -4.35 35.96 5.14
CA HIS C 3 -3.55 36.80 4.33
C HIS C 3 -3.55 37.19 5.84
N GLU C 4 -3.08 38.17 9.18
CA GLU C 4 -3.64 37.33 8.08
C GLU C 4 -3.10 35.93 8.24
N HIS C 5 -2.26 35.81 9.26
CA HIS C 5 -1.44 34.66 9.55
C HIS C 5 -1.96 34.02 10.84
N CYS C 6 -2.95 34.70 11.40
CA CYS C 6 -3.60 34.26 12.60
C CYS C 6 -4.97 33.75 12.20
N CYS C 7 -5.19 32.46 12.45
CA CYS C 7 -6.37 31.79 11.94
C CYS C 7 -6.55 32.11 10.46
N SER C 8 -5.49 31.80 9.71
CA SER C 8 -5.41 32.01 8.28
C SER C 8 -6.44 31.17 7.53
N GLU C 9 -6.48 31.33 6.21
CA GLU C 9 -7.34 30.52 5.34
C GLU C 9 -7.20 29.03 5.62
N GLU C 10 -5.98 28.49 5.42
CA GLU C 10 -5.70 27.07 5.67
C GLU C 10 -5.99 26.70 7.12
N ASP C 11 -5.62 27.57 8.07
CA ASP C 11 -5.90 27.36 9.50
C ASP C 11 -7.35 27.01 9.76
N HIS C 12 -8.25 27.89 9.32
CA HIS C 12 -9.67 27.67 9.59
C HIS C 12 -10.25 26.49 8.81
N ARG C 13 -9.64 26.17 7.68
CA ARG C 13 -10.04 25.01 6.89
C ARG C 13 -9.62 23.72 7.64
N ILE C 14 -8.46 23.74 8.28
CA ILE C 14 -7.99 22.62 9.10
C ILE C 14 -8.94 22.42 10.29
N VAL C 15 -9.30 23.53 10.94
CA VAL C 15 -10.19 23.50 12.10
C VAL C 15 -11.57 22.91 11.74
N GLN C 16 -12.14 23.36 10.63
CA GLN C 16 -13.47 22.93 10.18
C GLN C 16 -13.52 21.44 9.85
N LYS C 17 -12.50 20.98 9.14
CA LYS C 17 -12.36 19.58 8.76
C LYS C 17 -12.23 18.72 10.00
N GLN C 18 -11.40 19.16 10.94
CA GLN C 18 -11.15 18.38 12.15
C GLN C 18 -12.36 18.33 13.08
N TRP C 19 -13.05 19.45 13.22
CA TRP C 19 -14.25 19.54 14.03
C TRP C 19 -15.36 18.65 13.48
N ASP C 20 -15.49 18.65 12.16
CA ASP C 20 -16.52 17.91 11.45
C ASP C 20 -16.52 16.41 11.76
N ILE C 21 -15.32 15.88 11.96
CA ILE C 21 -15.17 14.50 12.40
C ILE C 21 -16.07 14.15 13.61
N LEU C 22 -16.22 15.06 14.56
CA LEU C 22 -17.09 14.77 15.72
C LEU C 22 -18.52 14.41 15.38
N TRP C 23 -19.02 14.88 14.23
CA TRP C 23 -20.44 14.70 13.90
C TRP C 23 -20.64 13.69 12.78
N ARG C 24 -19.61 12.86 12.58
CA ARG C 24 -19.67 11.75 11.65
C ARG C 24 -20.89 10.87 11.95
N ASP C 25 -21.25 10.75 13.22
CA ASP C 25 -22.39 9.89 13.57
C ASP C 25 -23.63 10.66 14.06
N THR C 26 -24.80 10.00 14.05
CA THR C 26 -26.09 10.70 14.17
C THR C 26 -26.53 11.08 15.59
N GLU C 27 -25.92 10.49 16.61
CA GLU C 27 -26.29 10.83 17.98
C GLU C 27 -25.44 11.99 18.48
N SER C 28 -25.44 13.06 17.69
CA SER C 28 -24.63 14.23 17.96
C SER C 28 -25.07 15.00 19.19
N SER C 29 -26.35 14.92 19.56
CA SER C 29 -26.81 15.52 20.81
C SER C 29 -26.08 14.87 21.98
N LYS C 30 -25.95 13.55 21.94
CA LYS C 30 -25.28 12.82 22.99
C LYS C 30 -23.87 13.34 23.18
N ILE C 31 -23.17 13.54 22.06
CA ILE C 31 -21.79 14.03 22.06
C ILE C 31 -21.71 15.50 22.48
N LYS C 32 -22.65 16.31 22.00
CA LYS C 32 -22.65 17.73 22.34
C LYS C 32 -22.87 17.93 23.83
N ILE C 33 -23.86 17.23 24.38
CA ILE C 33 -24.16 17.29 25.81
C ILE C 33 -23.01 16.82 26.69
N GLY C 34 -22.43 15.66 26.35
CA GLY C 34 -21.32 15.10 27.13
C GLY C 34 -20.13 16.04 27.14
N PHE C 35 -19.74 16.51 25.97
CA PHE C 35 -18.56 17.36 25.83
C PHE C 35 -18.76 18.72 26.50
N GLY C 36 -19.88 19.37 26.21
CA GLY C 36 -20.22 20.68 26.78
C GLY C 36 -20.34 20.64 28.29
N ARG C 37 -21.02 19.62 28.80
CA ARG C 37 -21.09 19.39 30.24
C ARG C 37 -19.68 19.29 30.84
N LEU C 38 -18.85 18.46 30.23
CA LEU C 38 -17.46 18.30 30.69
C LEU C 38 -16.74 19.65 30.74
N LEU C 39 -16.80 20.40 29.63
CA LEU C 39 -16.14 21.71 29.56
C LEU C 39 -16.58 22.69 30.65
N LEU C 40 -17.87 22.91 30.78
CA LEU C 40 -18.37 23.89 31.75
C LEU C 40 -18.13 23.41 33.18
N THR C 41 -18.34 22.12 33.41
CA THR C 41 -18.06 21.51 34.71
C THR C 41 -16.62 21.77 35.15
N LYS C 42 -15.67 21.55 34.24
CA LYS C 42 -14.26 21.79 34.49
C LYS C 42 -14.02 23.28 34.71
N LEU C 43 -14.73 24.12 33.96
CA LEU C 43 -14.63 25.57 34.13
C LEU C 43 -15.03 25.97 35.54
N ALA C 44 -16.18 25.47 36.02
CA ALA C 44 -16.68 25.79 37.36
C ALA C 44 -15.76 25.26 38.46
N LYS C 45 -15.20 24.07 38.22
CA LYS C 45 -14.21 23.47 39.12
C LYS C 45 -13.03 24.40 39.36
N ASP C 46 -12.53 25.01 38.29
CA ASP C 46 -11.35 25.88 38.36
C ASP C 46 -11.66 27.28 38.87
N ILE C 47 -12.84 27.79 38.55
CA ILE C 47 -13.23 29.12 38.98
C ILE C 47 -14.61 29.03 39.62
N PRO C 48 -14.66 28.78 40.94
CA PRO C 48 -15.91 28.42 41.63
C PRO C 48 -17.06 29.41 41.44
N GLU C 49 -16.73 30.69 41.27
CA GLU C 49 -17.74 31.72 41.05
C GLU C 49 -18.59 31.42 39.81
N VAL C 50 -18.06 30.62 38.90
CA VAL C 50 -18.77 30.22 37.68
C VAL C 50 -20.05 29.44 37.98
N ASN C 51 -20.04 28.62 39.03
CA ASN C 51 -21.25 27.91 39.44
C ASN C 51 -22.44 28.82 39.65
N ASP C 52 -22.19 30.02 40.18
CA ASP C 52 -23.25 31.00 40.40
C ASP C 52 -23.80 31.52 39.07
N LEU C 53 -22.91 31.74 38.12
CA LEU C 53 -23.27 32.26 36.78
C LEU C 53 -24.23 31.33 36.05
N PHE C 54 -24.15 30.03 36.35
CA PHE C 54 -24.97 29.02 35.69
C PHE C 54 -26.12 28.46 36.57
N LYS C 55 -26.52 29.19 37.59
CA LYS C 55 -27.63 28.79 38.47
C LYS C 55 -28.94 28.70 37.68
N ARG C 56 -29.17 29.69 36.83
CA ARG C 56 -30.38 29.76 36.00
C ARG C 56 -30.53 28.52 35.12
N VAL C 57 -29.42 27.85 34.80
CA VAL C 57 -29.50 26.65 33.96
C VAL C 57 -29.28 25.35 34.72
N ASP C 58 -29.24 25.43 36.04
CA ASP C 58 -29.20 24.27 36.92
C ASP C 58 -27.93 23.42 36.75
N ILE C 59 -26.78 24.10 36.71
CA ILE C 59 -25.50 23.40 36.68
C ILE C 59 -25.40 22.48 37.89
N GLU C 60 -26.13 22.83 38.95
CA GLU C 60 -26.21 22.03 40.17
C GLU C 60 -26.55 20.59 39.83
N HIS C 61 -27.37 20.41 38.80
CA HIS C 61 -27.73 19.10 38.32
C HIS C 61 -27.23 18.94 36.89
N ALA C 62 -25.91 18.87 36.76
CA ALA C 62 -25.24 18.78 35.45
C ALA C 62 -25.90 17.85 34.44
N GLU C 63 -26.44 16.73 34.92
CA GLU C 63 -27.06 15.74 34.05
C GLU C 63 -28.52 16.08 33.73
N GLY C 64 -29.05 17.10 34.41
CA GLY C 64 -30.46 17.49 34.28
C GLY C 64 -30.83 17.99 32.89
N PRO C 65 -32.12 18.01 32.57
CA PRO C 65 -32.58 18.52 31.27
C PRO C 65 -32.25 20.01 31.05
N LYS C 66 -32.31 20.79 32.12
CA LYS C 66 -31.96 22.22 32.05
C LYS C 66 -30.53 22.44 31.58
N PHE C 67 -29.58 21.88 32.32
CA PHE C 67 -28.17 22.06 32.00
C PHE C 67 -27.83 21.44 30.64
N SER C 68 -28.44 20.28 30.37
CA SER C 68 -28.28 19.61 29.09
C SER C 68 -28.61 20.52 27.91
N ALA C 69 -29.79 21.14 27.94
CA ALA C 69 -30.20 22.06 26.88
C ALA C 69 -29.17 23.19 26.72
N HIS C 70 -28.72 23.71 27.84
CA HIS C 70 -27.74 24.76 27.82
C HIS C 70 -26.43 24.31 27.17
N ALA C 71 -26.00 23.10 27.48
CA ALA C 71 -24.76 22.57 26.92
C ALA C 71 -24.86 22.43 25.41
N LEU C 72 -26.04 22.01 24.93
CA LEU C 72 -26.33 22.00 23.50
C LEU C 72 -26.24 23.41 22.94
N ARG C 73 -26.73 24.37 23.71
CA ARG C 73 -26.77 25.76 23.30
C ARG C 73 -25.37 26.34 23.09
N ILE C 74 -24.48 26.19 24.07
CA ILE C 74 -23.09 26.66 23.93
C ILE C 74 -22.35 25.92 22.84
N LEU C 75 -22.57 24.61 22.76
CA LEU C 75 -21.89 23.78 21.79
C LEU C 75 -22.31 24.16 20.37
N ASN C 76 -23.58 24.51 20.20
CA ASN C 76 -24.05 24.99 18.91
C ASN C 76 -23.56 26.40 18.61
N GLY C 77 -23.29 27.16 19.67
CA GLY C 77 -22.71 28.49 19.54
C GLY C 77 -21.31 28.37 18.97
N LEU C 78 -20.55 27.41 19.52
CA LEU C 78 -19.18 27.15 19.05
C LEU C 78 -19.20 26.53 17.66
N ASP C 79 -20.19 25.67 17.42
CA ASP C 79 -20.43 25.08 16.09
C ASP C 79 -20.72 26.15 15.03
N LEU C 80 -21.55 27.12 15.41
CA LEU C 80 -21.89 28.25 14.56
C LEU C 80 -20.66 29.04 14.15
N ALA C 81 -19.85 29.44 15.13
CA ALA C 81 -18.62 30.18 14.86
C ALA C 81 -17.72 29.42 13.88
N ILE C 82 -17.41 28.16 14.21
CA ILE C 82 -16.57 27.33 13.36
C ILE C 82 -17.14 27.20 11.95
N ASN C 83 -18.46 26.99 11.85
CA ASN C 83 -19.07 26.86 10.55
C ASN C 83 -19.15 28.17 9.77
N LEU C 84 -18.85 29.28 10.45
CA LEU C 84 -18.80 30.57 9.78
C LEU C 84 -17.37 31.09 9.56
N LEU C 85 -16.37 30.27 9.87
CA LEU C 85 -14.97 30.69 9.71
C LEU C 85 -14.61 31.06 8.26
N ASP C 86 -15.23 30.39 7.29
CA ASP C 86 -14.99 30.73 5.89
C ASP C 86 -15.80 31.92 5.40
N ASP C 87 -16.34 32.71 6.32
CA ASP C 87 -17.16 33.87 5.97
C ASP C 87 -16.99 34.93 7.07
N PRO C 88 -15.82 35.57 7.09
CA PRO C 88 -15.45 36.49 8.18
C PRO C 88 -16.51 37.52 8.61
N PRO C 89 -17.21 38.20 7.70
CA PRO C 89 -18.20 39.18 8.14
C PRO C 89 -19.46 38.55 8.77
N ALA C 90 -19.90 37.40 8.29
CA ALA C 90 -21.00 36.70 8.94
C ALA C 90 -20.60 36.17 10.31
N LEU C 91 -19.35 35.69 10.42
CA LEU C 91 -18.79 35.31 11.71
C LEU C 91 -18.80 36.46 12.72
N ASP C 92 -18.42 37.65 12.25
CA ASP C 92 -18.37 38.81 13.14
C ASP C 92 -19.72 39.21 13.70
N ALA C 93 -20.73 39.16 12.84
CA ALA C 93 -22.10 39.42 13.24
C ALA C 93 -22.52 38.41 14.31
N ALA C 94 -22.14 37.14 14.10
CA ALA C 94 -22.50 36.06 15.01
C ALA C 94 -21.79 36.20 16.36
N LEU C 95 -20.49 36.49 16.31
CA LEU C 95 -19.70 36.62 17.53
C LEU C 95 -20.08 37.87 18.31
N ASP C 96 -20.46 38.91 17.58
CA ASP C 96 -20.94 40.14 18.21
C ASP C 96 -22.26 39.91 18.95
N HIS C 97 -23.19 39.21 18.31
CA HIS C 97 -24.43 38.77 18.95
C HIS C 97 -24.16 37.97 20.23
N LEU C 98 -23.29 36.97 20.15
CA LEU C 98 -22.84 36.24 21.34
C LEU C 98 -22.23 37.19 22.37
N ALA C 99 -21.42 38.15 21.89
CA ALA C 99 -20.82 39.14 22.77
C ALA C 99 -21.87 39.85 23.61
N HIS C 100 -22.93 40.36 22.97
CA HIS C 100 -24.03 41.01 23.69
C HIS C 100 -24.66 40.07 24.70
N GLN C 101 -24.94 38.84 24.30
CA GLN C 101 -25.58 37.87 25.17
C GLN C 101 -24.81 37.62 26.47
N HIS C 102 -23.47 37.65 26.43
CA HIS C 102 -22.69 37.45 27.66
C HIS C 102 -22.54 38.75 28.43
N GLU C 103 -22.53 39.87 27.71
CA GLU C 103 -22.44 41.19 28.28
C GLU C 103 -23.56 41.41 29.31
N VAL C 104 -24.77 41.00 28.98
CA VAL C 104 -25.91 41.20 29.89
C VAL C 104 -25.93 40.23 31.07
N ARG C 105 -24.90 39.40 31.20
CA ARG C 105 -24.81 38.51 32.38
C ARG C 105 -23.76 39.07 33.31
N GLU C 106 -24.19 39.53 34.49
CA GLU C 106 -23.24 40.02 35.51
C GLU C 106 -22.39 38.90 36.09
N GLY C 107 -21.10 39.18 36.26
CA GLY C 107 -20.16 38.22 36.81
C GLY C 107 -19.26 37.60 35.77
N VAL C 108 -19.82 37.34 34.59
CA VAL C 108 -19.08 36.76 33.47
C VAL C 108 -17.97 37.72 33.08
N GLN C 109 -16.72 37.27 33.15
CA GLN C 109 -15.60 38.15 32.89
C GLN C 109 -14.54 37.54 31.97
N LYS C 110 -13.73 38.41 31.37
CA LYS C 110 -12.70 37.97 30.42
C LYS C 110 -11.87 36.78 30.92
N ALA C 111 -11.57 36.76 32.22
CA ALA C 111 -10.73 35.71 32.81
C ALA C 111 -11.35 34.32 32.63
N HIS C 112 -12.68 34.27 32.66
CA HIS C 112 -13.40 33.03 32.48
C HIS C 112 -13.20 32.47 31.07
N PHE C 113 -13.22 33.37 30.08
CA PHE C 113 -13.02 32.97 28.69
C PHE C 113 -11.59 32.53 28.39
N LYS C 114 -10.63 33.08 29.14
CA LYS C 114 -9.24 32.64 28.97
C LYS C 114 -9.05 31.23 29.50
N LYS C 115 -9.75 30.91 30.58
CA LYS C 115 -9.71 29.59 31.17
C LYS C 115 -10.42 28.60 30.26
N PHE C 116 -11.59 28.97 29.77
CA PHE C 116 -12.35 28.14 28.85
C PHE C 116 -11.50 27.72 27.66
N GLY C 117 -10.79 28.68 27.07
CA GLY C 117 -9.83 28.41 25.99
C GLY C 117 -8.81 27.34 26.32
N GLU C 118 -8.27 27.38 27.55
CA GLU C 118 -7.32 26.38 28.00
C GLU C 118 -8.00 25.02 28.13
N ILE C 119 -9.17 25.00 28.78
CA ILE C 119 -9.92 23.76 28.94
C ILE C 119 -10.29 23.16 27.57
N LEU C 120 -10.67 24.04 26.64
CA LEU C 120 -11.06 23.64 25.29
C LEU C 120 -9.85 23.09 24.52
N ALA C 121 -8.70 23.72 24.70
CA ALA C 121 -7.45 23.26 24.08
C ALA C 121 -7.01 21.88 24.57
N THR C 122 -7.26 21.61 25.85
CA THR C 122 -6.91 20.34 26.46
C THR C 122 -7.90 19.24 26.05
N GLY C 123 -9.19 19.57 26.07
CA GLY C 123 -10.24 18.58 25.85
C GLY C 123 -10.40 18.13 24.40
N LEU C 124 -10.18 19.04 23.46
CA LEU C 124 -10.41 18.72 22.05
C LEU C 124 -9.56 17.56 21.51
N PRO C 125 -8.24 17.56 21.73
CA PRO C 125 -7.43 16.43 21.28
C PRO C 125 -7.86 15.12 21.94
N GLN C 126 -8.57 15.23 23.06
CA GLN C 126 -9.07 14.05 23.77
C GLN C 126 -10.25 13.38 23.06
N VAL C 127 -10.93 14.14 22.19
CA VAL C 127 -11.99 13.56 21.38
C VAL C 127 -11.62 13.44 19.90
N LEU C 128 -10.75 14.32 19.40
CA LEU C 128 -10.33 14.28 18.00
C LEU C 128 -8.95 13.67 17.88
N ASP C 129 -8.83 12.56 17.16
CA ASP C 129 -7.49 11.97 17.01
C ASP C 129 -6.69 12.70 15.93
N ASP C 130 -7.28 13.74 15.36
CA ASP C 130 -6.58 14.61 14.44
C ASP C 130 -6.74 16.06 14.87
N TYR C 131 -5.66 16.68 15.35
CA TYR C 131 -5.76 17.99 15.98
C TYR C 131 -4.52 18.82 15.75
N ASP C 132 -4.63 19.82 14.89
CA ASP C 132 -3.55 20.78 14.74
C ASP C 132 -3.64 21.79 15.87
N ALA C 133 -2.73 21.69 16.83
CA ALA C 133 -2.80 22.56 18.00
C ALA C 133 -2.67 24.04 17.65
N LEU C 134 -1.84 24.35 16.66
CA LEU C 134 -1.57 25.74 16.28
C LEU C 134 -2.77 26.40 15.63
N ALA C 135 -3.41 25.69 14.71
CA ALA C 135 -4.59 26.20 14.00
C ALA C 135 -5.78 26.41 14.94
N TRP C 136 -6.02 25.45 15.83
CA TRP C 136 -7.11 25.57 16.78
C TRP C 136 -6.85 26.71 17.75
N LYS C 137 -5.62 26.78 18.26
CA LYS C 137 -5.25 27.84 19.20
C LYS C 137 -5.58 29.24 18.67
N SER C 138 -5.12 29.54 17.45
CA SER C 138 -5.35 30.86 16.87
C SER C 138 -6.80 31.12 16.51
N CYS C 139 -7.50 30.11 15.96
CA CYS C 139 -8.91 30.25 15.67
C CYS C 139 -9.75 30.40 16.95
N LEU C 140 -9.50 29.54 17.94
CA LEU C 140 -10.19 29.65 19.22
C LEU C 140 -9.99 31.01 19.87
N LYS C 141 -8.76 31.53 19.78
CA LYS C 141 -8.45 32.82 20.38
C LYS C 141 -9.27 33.95 19.78
N GLY C 142 -9.33 34.01 18.45
CA GLY C 142 -10.12 35.03 17.77
C GLY C 142 -11.58 35.00 18.20
N ILE C 143 -12.13 33.79 18.32
CA ILE C 143 -13.55 33.60 18.66
C ILE C 143 -13.84 34.02 20.11
N LEU C 144 -13.10 33.42 21.04
CA LEU C 144 -13.16 33.73 22.47
C LEU C 144 -12.94 35.19 22.79
N THR C 145 -12.02 35.84 22.09
CA THR C 145 -11.77 37.26 22.27
C THR C 145 -12.97 38.09 21.83
N LYS C 146 -13.60 37.72 20.71
CA LYS C 146 -14.73 38.48 20.19
C LYS C 146 -15.97 38.36 21.09
N ILE C 147 -16.26 37.15 21.56
CA ILE C 147 -17.39 36.94 22.48
C ILE C 147 -17.18 37.67 23.80
N SER C 148 -15.93 37.75 24.25
CA SER C 148 -15.63 38.32 25.59
C SER C 148 -15.22 39.79 25.60
N SER C 149 -15.20 40.42 24.42
CA SER C 149 -14.78 41.84 24.27
C SER C 149 -15.66 42.86 25.01
N ARG C 150 -16.96 42.53 25.13
CA ARG C 150 -17.95 43.40 25.77
C ARG C 150 -18.06 43.18 27.26
N LEU C 151 -17.09 42.49 27.84
CA LEU C 151 -17.10 42.22 29.26
C LEU C 151 -16.21 43.21 29.98
N GLU D 1 -10.53 3.30 34.27
CA GLU D 1 -11.48 4.43 34.41
C GLU D 1 -11.65 5.17 33.09
N CYS D 2 -12.77 4.90 32.43
CA CYS D 2 -13.09 5.51 31.13
C CYS D 2 -14.05 6.67 31.32
N LEU D 3 -13.51 7.89 31.32
CA LEU D 3 -14.37 9.08 31.37
C LEU D 3 -15.10 9.30 30.04
N VAL D 4 -15.83 10.42 29.96
CA VAL D 4 -16.65 10.77 28.79
C VAL D 4 -15.84 10.99 27.50
N THR D 5 -14.72 11.70 27.61
CA THR D 5 -13.92 11.97 26.42
C THR D 5 -13.26 10.71 25.89
N GLU D 6 -12.83 9.83 26.79
CA GLU D 6 -12.13 8.64 26.38
C GLU D 6 -13.05 7.63 25.69
N SER D 7 -14.24 7.41 26.25
CA SER D 7 -15.21 6.50 25.66
C SER D 7 -15.62 6.98 24.28
N LEU D 8 -15.75 8.30 24.16
CA LEU D 8 -16.06 8.94 22.89
C LEU D 8 -14.96 8.66 21.87
N LYS D 9 -13.71 8.83 22.32
CA LYS D 9 -12.54 8.59 21.48
C LYS D 9 -12.50 7.15 21.00
N VAL D 10 -12.73 6.24 21.94
CA VAL D 10 -12.72 4.82 21.62
C VAL D 10 -13.83 4.53 20.64
N LYS D 11 -15.02 5.06 20.88
CA LYS D 11 -16.13 4.84 19.95
C LYS D 11 -15.76 5.26 18.52
N LEU D 12 -15.20 6.46 18.38
CA LEU D 12 -14.82 7.02 17.08
C LEU D 12 -13.74 6.22 16.38
N GLN D 13 -12.68 5.89 17.11
CA GLN D 13 -11.54 5.16 16.56
C GLN D 13 -11.92 3.73 16.22
N TRP D 14 -12.83 3.16 17.00
CA TRP D 14 -13.33 1.84 16.73
C TRP D 14 -14.09 1.82 15.41
N ALA D 15 -14.92 2.84 15.19
CA ALA D 15 -15.67 2.97 13.95
C ALA D 15 -14.75 2.88 12.73
N SER D 16 -13.55 3.47 12.79
CA SER D 16 -12.61 3.39 11.67
C SER D 16 -11.90 2.06 11.62
N ALA D 17 -11.31 1.63 12.72
CA ALA D 17 -10.50 0.41 12.72
C ALA D 17 -11.33 -0.84 12.43
N PHE D 18 -12.57 -0.87 12.90
CA PHE D 18 -13.46 -2.02 12.69
C PHE D 18 -13.73 -2.22 11.21
N GLY D 19 -14.24 -1.18 10.55
CA GLY D 19 -14.62 -1.27 9.13
C GLY D 19 -15.95 -1.97 8.93
N HIS D 20 -16.19 -2.46 7.72
CA HIS D 20 -17.49 -3.05 7.40
C HIS D 20 -17.49 -4.52 7.03
N ALA D 21 -17.90 -4.87 5.82
CA ALA D 21 -18.07 -6.30 5.52
C ALA D 21 -16.76 -7.09 5.71
N HIS D 22 -15.99 -7.18 4.63
CA HIS D 22 -14.75 -7.94 4.57
C HIS D 22 -13.62 -7.36 5.41
N GLU D 23 -13.61 -6.04 5.58
CA GLU D 23 -12.62 -5.39 6.44
C GLU D 23 -12.67 -5.93 7.86
N ARG D 24 -13.86 -6.29 8.33
CA ARG D 24 -14.00 -6.88 9.66
C ARG D 24 -13.39 -8.28 9.69
N VAL D 25 -13.71 -9.08 8.69
CA VAL D 25 -13.18 -10.44 8.55
C VAL D 25 -11.65 -10.45 8.56
N ALA D 26 -11.01 -9.54 7.84
CA ALA D 26 -9.54 -9.50 7.82
C ALA D 26 -8.95 -9.04 9.15
N PHE D 27 -9.64 -8.12 9.81
CA PHE D 27 -9.18 -7.58 11.09
C PHE D 27 -9.18 -8.70 12.11
N GLY D 28 -10.30 -9.42 12.17
CA GLY D 28 -10.47 -10.51 13.13
C GLY D 28 -9.44 -11.61 13.00
N LEU D 29 -9.13 -11.97 11.75
CA LEU D 29 -8.18 -13.02 11.43
C LEU D 29 -6.79 -12.60 11.89
N GLU D 30 -6.39 -11.38 11.52
CA GLU D 30 -5.08 -10.86 11.89
C GLU D 30 -4.92 -10.85 13.39
N LEU D 31 -5.99 -10.43 14.09
CA LEU D 31 -6.02 -10.44 15.53
C LEU D 31 -5.79 -11.83 16.11
N TRP D 32 -6.62 -12.80 15.73
CA TRP D 32 -6.48 -14.16 16.30
C TRP D 32 -5.21 -14.87 15.91
N ARG D 33 -4.70 -14.58 14.73
CA ARG D 33 -3.45 -15.20 14.32
C ARG D 33 -2.31 -14.74 15.21
N ASP D 34 -2.26 -13.44 15.49
CA ASP D 34 -1.29 -12.85 16.40
C ASP D 34 -1.37 -13.50 17.77
N ILE D 35 -2.59 -13.53 18.33
CA ILE D 35 -2.86 -14.11 19.64
C ILE D 35 -2.39 -15.56 19.71
N ILE D 36 -2.92 -16.39 18.81
CA ILE D 36 -2.60 -17.83 18.82
C ILE D 36 -1.13 -18.13 18.46
N ASP D 37 -0.50 -17.22 17.71
CA ASP D 37 0.92 -17.32 17.43
C ASP D 37 1.70 -17.18 18.72
N ASP D 38 1.30 -16.18 19.51
CA ASP D 38 1.99 -15.86 20.75
C ASP D 38 1.63 -16.87 21.83
N HIS D 39 0.41 -17.37 21.82
CA HIS D 39 -0.02 -18.36 22.81
C HIS D 39 -0.85 -19.48 22.19
N PRO D 40 -0.18 -20.51 21.68
CA PRO D 40 -0.84 -21.66 21.07
C PRO D 40 -1.76 -22.48 22.00
N GLU D 41 -1.68 -22.29 23.31
CA GLU D 41 -2.60 -23.00 24.22
C GLU D 41 -4.03 -22.56 23.93
N ILE D 42 -4.17 -21.31 23.50
CA ILE D 42 -5.48 -20.72 23.25
C ILE D 42 -6.30 -21.44 22.17
N LYS D 43 -5.68 -22.32 21.38
CA LYS D 43 -6.43 -23.11 20.38
C LYS D 43 -7.33 -24.13 21.05
N ALA D 44 -6.90 -24.61 22.21
CA ALA D 44 -7.57 -25.71 22.90
C ALA D 44 -9.06 -25.42 23.15
N PRO D 45 -9.38 -24.28 23.76
CA PRO D 45 -10.78 -23.93 23.97
C PRO D 45 -11.54 -23.61 22.69
N PHE D 46 -10.83 -23.39 21.57
CA PHE D 46 -11.47 -23.09 20.27
C PHE D 46 -11.70 -24.33 19.43
N SER D 47 -11.77 -25.46 20.13
CA SER D 47 -11.89 -26.78 19.52
C SER D 47 -13.16 -26.94 18.68
N ARG D 48 -14.27 -26.40 19.18
CA ARG D 48 -15.56 -26.48 18.52
C ARG D 48 -15.67 -25.55 17.31
N VAL D 49 -14.75 -24.58 17.19
CA VAL D 49 -14.83 -23.60 16.11
C VAL D 49 -13.63 -23.63 15.15
N ARG D 50 -12.96 -24.78 15.06
CA ARG D 50 -11.75 -24.93 14.22
C ARG D 50 -10.65 -23.91 14.53
N GLY D 51 -10.16 -23.94 15.77
CA GLY D 51 -9.09 -23.07 16.21
C GLY D 51 -7.75 -23.46 15.58
N ASP D 52 -7.70 -24.68 15.04
CA ASP D 52 -6.51 -25.20 14.38
C ASP D 52 -6.38 -24.64 12.97
N ASN D 53 -7.46 -24.07 12.47
CA ASN D 53 -7.50 -23.47 11.14
C ASN D 53 -8.29 -22.17 11.16
N ILE D 54 -7.62 -21.07 11.43
CA ILE D 54 -8.29 -19.79 11.62
C ILE D 54 -8.77 -19.21 10.28
N TYR D 55 -8.34 -19.84 9.19
CA TYR D 55 -8.75 -19.44 7.86
C TYR D 55 -10.00 -20.17 7.41
N SER D 56 -10.54 -21.03 8.26
CA SER D 56 -11.74 -21.78 7.93
C SER D 56 -12.95 -20.86 8.09
N PRO D 57 -14.07 -21.20 7.44
CA PRO D 57 -15.29 -20.44 7.64
C PRO D 57 -15.88 -20.59 9.06
N GLU D 58 -15.68 -21.74 9.69
CA GLU D 58 -16.18 -21.95 11.08
C GLU D 58 -15.52 -20.99 12.04
N PHE D 59 -14.20 -20.88 11.93
CA PHE D 59 -13.50 -19.98 12.82
C PHE D 59 -13.74 -18.51 12.44
N GLY D 60 -13.90 -18.25 11.14
CA GLY D 60 -14.22 -16.89 10.67
C GLY D 60 -15.53 -16.42 11.26
N ALA D 61 -16.50 -17.34 11.36
CA ALA D 61 -17.78 -17.06 12.00
C ALA D 61 -17.58 -16.70 13.47
N HIS D 62 -16.83 -17.53 14.20
CA HIS D 62 -16.50 -17.25 15.60
C HIS D 62 -15.81 -15.90 15.74
N SER D 63 -14.77 -15.66 14.94
CA SER D 63 -14.05 -14.39 14.91
C SER D 63 -15.00 -13.19 14.80
N GLN D 64 -15.91 -13.27 13.83
CA GLN D 64 -16.90 -12.21 13.58
C GLN D 64 -17.83 -12.03 14.76
N ARG D 65 -18.23 -13.14 15.40
CA ARG D 65 -19.06 -13.09 16.60
C ARG D 65 -18.35 -12.34 17.73
N VAL D 66 -17.03 -12.51 17.82
CA VAL D 66 -16.23 -11.82 18.85
C VAL D 66 -16.17 -10.33 18.60
N LEU D 67 -15.81 -9.94 17.38
CA LEU D 67 -15.71 -8.52 17.05
C LEU D 67 -17.06 -7.83 17.21
N SER D 68 -18.14 -8.52 16.82
CA SER D 68 -19.48 -7.96 16.98
C SER D 68 -19.79 -7.77 18.46
N GLY D 69 -19.28 -8.69 19.28
CA GLY D 69 -19.41 -8.61 20.73
C GLY D 69 -18.67 -7.42 21.31
N LEU D 70 -17.43 -7.26 20.87
CA LEU D 70 -16.62 -6.11 21.27
C LEU D 70 -17.34 -4.85 20.85
N ASP D 71 -17.94 -4.88 19.68
CA ASP D 71 -18.68 -3.74 19.18
C ASP D 71 -19.81 -3.31 20.13
N ILE D 72 -20.54 -4.30 20.65
CA ILE D 72 -21.63 -4.06 21.59
C ILE D 72 -21.13 -3.36 22.85
N THR D 73 -20.03 -3.87 23.40
CA THR D 73 -19.48 -3.33 24.64
C THR D 73 -18.92 -1.93 24.43
N ILE D 74 -18.17 -1.72 23.36
CA ILE D 74 -17.67 -0.37 23.06
C ILE D 74 -18.84 0.60 22.94
N SER D 75 -19.92 0.17 22.31
CA SER D 75 -21.04 1.08 22.10
C SER D 75 -21.89 1.29 23.37
N MET D 76 -21.60 0.50 24.42
CA MET D 76 -22.28 0.62 25.72
C MET D 76 -21.41 1.32 26.77
N LEU D 77 -20.22 1.77 26.37
CA LEU D 77 -19.30 2.43 27.32
C LEU D 77 -19.94 3.58 28.12
N ASP D 78 -20.97 4.22 27.54
CA ASP D 78 -21.64 5.36 28.18
C ASP D 78 -22.98 5.02 28.85
N THR D 79 -23.38 3.75 28.85
CA THR D 79 -24.63 3.34 29.51
C THR D 79 -24.32 2.26 30.53
N PRO D 80 -23.97 2.62 31.78
CA PRO D 80 -23.51 1.63 32.76
C PRO D 80 -24.52 0.48 33.01
N ASP D 81 -25.81 0.78 33.05
CA ASP D 81 -26.86 -0.24 33.22
C ASP D 81 -26.76 -1.36 32.16
N MET D 82 -26.74 -0.94 30.89
CA MET D 82 -26.62 -1.87 29.77
C MET D 82 -25.28 -2.55 29.76
N LEU D 83 -24.22 -1.80 30.08
CA LEU D 83 -22.89 -2.37 30.08
C LEU D 83 -22.77 -3.50 31.10
N ALA D 84 -23.27 -3.26 32.32
CA ALA D 84 -23.26 -4.28 33.38
C ALA D 84 -23.94 -5.57 32.93
N ALA D 85 -25.14 -5.42 32.38
CA ALA D 85 -25.89 -6.59 31.87
C ALA D 85 -25.17 -7.32 30.75
N GLN D 86 -24.62 -6.58 29.79
CA GLN D 86 -23.94 -7.20 28.65
C GLN D 86 -22.69 -7.92 29.10
N LEU D 87 -21.94 -7.31 30.01
CA LEU D 87 -20.72 -7.94 30.49
C LEU D 87 -21.02 -9.22 31.26
N ALA D 88 -22.07 -9.20 32.07
CA ALA D 88 -22.54 -10.39 32.78
C ALA D 88 -22.87 -11.51 31.77
N HIS D 89 -23.55 -11.13 30.70
CA HIS D 89 -23.99 -12.04 29.65
C HIS D 89 -22.81 -12.68 28.95
N LEU D 90 -21.81 -11.87 28.64
CA LEU D 90 -20.61 -12.36 27.98
C LEU D 90 -19.84 -13.27 28.91
N LYS D 91 -19.87 -12.94 30.20
CA LYS D 91 -19.19 -13.76 31.19
C LYS D 91 -19.78 -15.16 31.27
N VAL D 92 -21.11 -15.25 31.34
CA VAL D 92 -21.81 -16.56 31.32
C VAL D 92 -21.26 -17.38 30.16
N GLN D 93 -21.12 -16.72 29.01
CA GLN D 93 -20.70 -17.38 27.79
C GLN D 93 -19.23 -17.80 27.80
N HIS D 94 -18.48 -17.35 28.80
CA HIS D 94 -17.08 -17.71 28.89
C HIS D 94 -16.74 -18.54 30.13
N VAL D 95 -17.62 -18.51 31.13
CA VAL D 95 -17.30 -19.00 32.48
C VAL D 95 -17.00 -20.50 32.64
N GLU D 96 -17.63 -21.34 31.81
CA GLU D 96 -17.51 -22.79 31.97
C GLU D 96 -16.40 -23.41 31.13
N ARG D 97 -15.55 -22.57 30.58
CA ARG D 97 -14.46 -23.06 29.75
C ARG D 97 -13.21 -22.79 30.53
N ASN D 98 -12.21 -23.66 30.39
CA ASN D 98 -10.98 -23.49 31.18
C ASN D 98 -10.17 -22.33 30.64
N LEU D 99 -10.72 -21.13 30.71
CA LEU D 99 -10.02 -19.95 30.25
C LEU D 99 -9.29 -19.33 31.42
N LYS D 100 -7.97 -19.20 31.28
CA LYS D 100 -7.17 -18.50 32.26
C LYS D 100 -7.49 -17.01 32.13
N PRO D 101 -7.66 -16.30 33.25
CA PRO D 101 -7.97 -14.88 33.19
C PRO D 101 -6.96 -14.08 32.37
N GLU D 102 -5.72 -14.59 32.26
CA GLU D 102 -4.67 -13.90 31.51
C GLU D 102 -4.86 -13.99 29.99
N PHE D 103 -5.67 -14.95 29.55
CA PHE D 103 -6.06 -15.02 28.15
C PHE D 103 -6.63 -13.70 27.66
N PHE D 104 -7.52 -13.12 28.46
CA PHE D 104 -8.12 -11.83 28.13
C PHE D 104 -7.08 -10.72 28.14
N ASP D 105 -6.11 -10.81 29.04
CA ASP D 105 -5.01 -9.86 29.04
C ASP D 105 -4.21 -9.94 27.76
N ILE D 106 -3.94 -11.17 27.30
CA ILE D 106 -3.24 -11.36 26.04
C ILE D 106 -4.09 -10.83 24.90
N PHE D 107 -5.40 -11.07 24.99
CA PHE D 107 -6.32 -10.55 23.99
C PHE D 107 -6.19 -9.04 23.85
N LEU D 108 -6.29 -8.34 24.98
CA LEU D 108 -6.19 -6.90 25.02
C LEU D 108 -4.85 -6.43 24.46
N LYS D 109 -3.77 -7.13 24.84
CA LYS D 109 -2.42 -6.79 24.35
C LYS D 109 -2.39 -6.77 22.82
N HIS D 110 -2.99 -7.78 22.22
CA HIS D 110 -2.97 -7.90 20.78
C HIS D 110 -4.02 -7.05 20.09
N LEU D 111 -5.18 -6.88 20.71
CA LEU D 111 -6.17 -5.95 20.20
C LEU D 111 -5.52 -4.57 20.05
N LEU D 112 -4.85 -4.10 21.11
CA LEU D 112 -4.22 -2.78 21.08
C LEU D 112 -3.12 -2.65 20.02
N HIS D 113 -2.38 -3.74 19.83
CA HIS D 113 -1.30 -3.79 18.85
C HIS D 113 -1.83 -3.74 17.42
N VAL D 114 -2.84 -4.55 17.11
CA VAL D 114 -3.48 -4.51 15.79
C VAL D 114 -4.20 -3.19 15.56
N LEU D 115 -4.84 -2.64 16.60
CA LEU D 115 -5.50 -1.35 16.49
C LEU D 115 -4.48 -0.26 16.16
N GLY D 116 -3.33 -0.32 16.84
CA GLY D 116 -2.20 0.56 16.58
C GLY D 116 -1.77 0.60 15.13
N ASP D 117 -1.70 -0.56 14.49
CA ASP D 117 -1.36 -0.64 13.07
C ASP D 117 -2.38 0.06 12.21
N ARG D 118 -3.66 -0.17 12.50
CA ARG D 118 -4.74 0.41 11.70
C ARG D 118 -4.82 1.91 11.88
N LEU D 119 -4.74 2.38 13.13
CA LEU D 119 -4.98 3.79 13.39
C LEU D 119 -3.71 4.62 13.32
N GLY D 120 -2.56 3.99 13.56
CA GLY D 120 -1.28 4.69 13.48
C GLY D 120 -0.96 5.50 14.72
N THR D 121 -0.22 6.60 14.52
CA THR D 121 0.23 7.43 15.63
C THR D 121 -0.93 8.16 16.34
N HIS D 122 -2.10 8.18 15.71
CA HIS D 122 -3.28 8.84 16.26
C HIS D 122 -3.99 7.98 17.31
N PHE D 123 -3.55 6.74 17.46
CA PHE D 123 -4.21 5.75 18.29
C PHE D 123 -4.15 6.17 19.76
N ASP D 124 -5.32 6.41 20.34
CA ASP D 124 -5.41 6.80 21.74
C ASP D 124 -5.27 5.61 22.68
N PHE D 125 -4.03 5.14 22.80
CA PHE D 125 -3.65 4.05 23.65
C PHE D 125 -4.18 4.20 25.08
N GLY D 126 -3.98 5.38 25.67
CA GLY D 126 -4.49 5.69 27.01
C GLY D 126 -5.97 5.43 27.13
N ALA D 127 -6.75 6.04 26.23
CA ALA D 127 -8.19 5.91 26.24
C ALA D 127 -8.60 4.45 26.03
N TRP D 128 -8.03 3.81 25.01
CA TRP D 128 -8.33 2.40 24.75
C TRP D 128 -8.04 1.54 25.95
N HIS D 129 -6.83 1.66 26.47
CA HIS D 129 -6.41 0.84 27.58
C HIS D 129 -7.32 0.96 28.79
N ASP D 130 -7.65 2.19 29.17
CA ASP D 130 -8.59 2.40 30.26
C ASP D 130 -9.89 1.71 29.92
N CYS D 131 -10.45 2.10 28.77
CA CYS D 131 -11.79 1.73 28.35
C CYS D 131 -12.06 0.23 28.15
N VAL D 132 -11.22 -0.44 27.37
CA VAL D 132 -11.42 -1.86 27.08
C VAL D 132 -11.08 -2.71 28.31
N ASP D 133 -10.13 -2.23 29.11
CA ASP D 133 -9.73 -2.90 30.35
C ASP D 133 -10.93 -3.21 31.21
N GLN D 134 -11.77 -2.21 31.43
CA GLN D 134 -13.02 -2.37 32.14
C GLN D 134 -13.88 -3.46 31.51
N ILE D 135 -13.95 -3.50 30.18
CA ILE D 135 -14.70 -4.52 29.46
C ILE D 135 -14.08 -5.89 29.71
N ILE D 136 -12.78 -6.01 29.51
CA ILE D 136 -12.08 -7.25 29.82
C ILE D 136 -12.35 -7.73 31.25
N ASP D 137 -12.33 -6.82 32.22
CA ASP D 137 -12.54 -7.19 33.63
C ASP D 137 -13.92 -7.76 33.89
N GLY D 138 -14.92 -7.28 33.15
CA GLY D 138 -16.29 -7.75 33.33
C GLY D 138 -16.53 -9.16 32.80
N ILE D 139 -15.64 -9.63 31.95
CA ILE D 139 -15.81 -10.94 31.33
C ILE D 139 -14.84 -11.93 31.93
N LYS D 140 -13.64 -11.42 32.25
CA LYS D 140 -12.53 -12.20 32.80
C LYS D 140 -12.95 -13.17 33.88
N ASP E 5 26.63 -8.37 -29.45
CA ASP E 5 26.42 -9.73 -28.88
C ASP E 5 26.38 -9.75 -27.34
N CYS E 6 26.06 -8.59 -26.75
CA CYS E 6 25.93 -8.47 -25.30
C CYS E 6 24.46 -8.57 -25.01
N CYS E 7 24.13 -9.00 -23.79
CA CYS E 7 22.73 -9.19 -23.42
C CYS E 7 22.16 -7.87 -22.92
N SER E 8 21.54 -7.09 -23.80
CA SER E 8 21.06 -5.75 -23.44
C SER E 8 19.89 -5.79 -22.46
N TYR E 9 19.55 -4.62 -21.92
CA TYR E 9 18.42 -4.47 -21.04
C TYR E 9 17.13 -4.77 -21.81
N GLU E 10 17.10 -4.36 -23.08
CA GLU E 10 15.97 -4.61 -23.96
C GLU E 10 15.84 -6.10 -24.22
N ASP E 11 16.96 -6.76 -24.50
CA ASP E 11 16.95 -8.21 -24.69
C ASP E 11 16.36 -8.91 -23.46
N ARG E 12 16.84 -8.51 -22.29
CA ARG E 12 16.42 -9.15 -21.04
C ARG E 12 14.92 -8.99 -20.80
N ARG E 13 14.41 -7.79 -21.08
CA ARG E 13 12.97 -7.51 -21.03
C ARG E 13 12.17 -8.27 -22.09
N GLU E 14 12.74 -8.37 -23.28
CA GLU E 14 12.15 -9.14 -24.37
C GLU E 14 12.01 -10.60 -23.99
N ILE E 15 13.05 -11.12 -23.34
CA ILE E 15 13.05 -12.51 -22.92
C ILE E 15 12.03 -12.74 -21.81
N ARG E 16 11.84 -11.76 -20.92
CA ARG E 16 10.80 -11.90 -19.91
C ARG E 16 9.42 -12.15 -20.51
N HIS E 17 9.06 -11.38 -21.54
CA HIS E 17 7.80 -11.60 -22.25
C HIS E 17 7.73 -13.01 -22.86
N ILE E 18 8.67 -13.34 -23.75
CA ILE E 18 8.80 -14.69 -24.30
C ILE E 18 8.57 -15.74 -23.21
N TRP E 19 9.30 -15.62 -22.09
CA TRP E 19 9.31 -16.67 -21.07
C TRP E 19 7.96 -17.00 -20.45
N ASP E 20 7.10 -15.98 -20.32
CA ASP E 20 5.72 -16.22 -19.86
C ASP E 20 4.95 -17.24 -20.72
N ASP E 21 5.35 -17.38 -21.98
CA ASP E 21 4.62 -18.21 -22.93
C ASP E 21 5.14 -19.65 -23.03
N VAL E 22 6.43 -19.86 -22.78
CA VAL E 22 6.95 -21.23 -22.75
C VAL E 22 6.68 -21.87 -21.39
N TRP E 23 6.86 -21.05 -20.34
CA TRP E 23 6.73 -21.48 -18.95
C TRP E 23 5.37 -21.08 -18.41
N SER E 24 4.34 -21.74 -18.94
CA SER E 24 3.04 -21.44 -18.42
C SER E 24 2.80 -22.35 -17.23
N SER E 25 1.64 -23.01 -17.26
CA SER E 25 1.12 -23.87 -16.21
C SER E 25 2.04 -24.22 -15.06
N SER E 26 1.45 -24.38 -13.89
CA SER E 26 2.10 -24.95 -12.72
C SER E 26 1.96 -26.49 -12.71
N PHE E 27 1.87 -27.09 -13.88
CA PHE E 27 1.97 -28.55 -14.04
C PHE E 27 3.25 -28.76 -14.84
N THR E 28 3.78 -29.98 -14.90
CA THR E 28 5.09 -30.18 -15.55
C THR E 28 5.08 -30.57 -17.02
N ASP E 29 3.96 -31.11 -17.49
CA ASP E 29 3.86 -31.62 -18.86
C ASP E 29 4.57 -30.79 -19.93
N ARG E 30 4.25 -29.51 -19.99
CA ARG E 30 4.80 -28.61 -20.99
C ARG E 30 6.31 -28.44 -20.82
N ARG E 31 6.75 -28.28 -19.57
CA ARG E 31 8.17 -28.09 -19.27
C ARG E 31 8.95 -29.43 -19.28
N VAL E 32 8.33 -30.57 -18.84
CA VAL E 32 9.00 -31.88 -19.33
C VAL E 32 9.27 -31.98 -20.87
N ALA E 33 8.24 -31.73 -21.70
CA ALA E 33 8.30 -31.99 -23.15
C ALA E 33 9.22 -31.08 -23.96
N ILE E 34 9.25 -29.80 -23.60
CA ILE E 34 10.13 -28.86 -24.26
C ILE E 34 11.61 -29.19 -23.99
N VAL E 35 11.95 -29.34 -22.72
CA VAL E 35 13.32 -29.66 -22.31
C VAL E 35 13.74 -31.03 -22.84
N ARG E 36 12.77 -31.98 -22.85
CA ARG E 36 13.00 -33.27 -23.48
C ARG E 36 13.42 -33.08 -24.93
N ALA E 37 12.70 -32.23 -25.67
CA ALA E 37 13.03 -31.97 -27.07
C ALA E 37 14.41 -31.31 -27.22
N VAL E 38 14.70 -30.35 -26.34
CA VAL E 38 15.99 -29.67 -26.33
C VAL E 38 17.11 -30.70 -26.22
N PHE E 39 16.96 -31.64 -25.28
CA PHE E 39 17.95 -32.71 -25.09
C PHE E 39 18.02 -33.70 -26.22
N ASP E 40 16.87 -34.09 -26.75
CA ASP E 40 16.86 -34.95 -27.93
C ASP E 40 17.72 -34.30 -29.02
N ASP E 41 17.53 -33.00 -29.21
CA ASP E 41 18.30 -32.23 -30.18
C ASP E 41 19.79 -32.32 -29.82
N LEU E 42 20.11 -32.09 -28.55
CA LEU E 42 21.50 -32.17 -28.09
C LEU E 42 22.12 -33.53 -28.39
N PHE E 43 21.40 -34.61 -28.09
CA PHE E 43 21.91 -35.95 -28.30
C PHE E 43 22.03 -36.33 -29.78
N LYS E 44 21.19 -35.72 -30.62
CA LYS E 44 21.26 -35.91 -32.07
C LYS E 44 22.53 -35.29 -32.64
N HIS E 45 22.92 -34.14 -32.10
CA HIS E 45 24.08 -33.41 -32.65
C HIS E 45 25.39 -33.67 -31.91
N TYR E 46 25.30 -34.16 -30.68
CA TYR E 46 26.49 -34.48 -29.89
C TYR E 46 26.16 -35.75 -29.12
N PRO E 47 26.15 -36.89 -29.82
CA PRO E 47 25.65 -38.12 -29.20
C PRO E 47 26.46 -38.61 -28.00
N THR E 48 27.75 -38.25 -27.90
CA THR E 48 28.55 -38.70 -26.76
C THR E 48 28.11 -38.04 -25.45
N SER E 49 27.26 -37.01 -25.55
CA SER E 49 26.74 -36.31 -24.36
C SER E 49 25.69 -37.12 -23.62
N LYS E 50 25.00 -37.99 -24.36
CA LYS E 50 23.97 -38.86 -23.78
C LYS E 50 24.48 -39.72 -22.59
N ALA E 51 25.76 -40.04 -22.58
CA ALA E 51 26.34 -40.87 -21.52
C ALA E 51 26.45 -40.17 -20.16
N LEU E 52 26.39 -38.84 -20.16
CA LEU E 52 26.48 -38.08 -18.92
C LEU E 52 25.22 -38.21 -18.05
N PHE E 53 24.17 -38.82 -18.58
CA PHE E 53 22.86 -38.82 -17.91
C PHE E 53 22.37 -40.18 -17.39
N GLU E 54 23.28 -41.12 -17.17
CA GLU E 54 22.89 -42.47 -16.74
C GLU E 54 22.39 -42.50 -15.31
N ARG E 55 22.95 -41.61 -14.49
CA ARG E 55 22.59 -41.52 -13.07
C ARG E 55 21.14 -41.06 -12.89
N VAL E 56 20.66 -40.22 -13.81
CA VAL E 56 19.26 -39.77 -13.82
C VAL E 56 18.38 -40.59 -14.77
N LYS E 57 18.91 -41.73 -15.21
CA LYS E 57 18.18 -42.75 -15.99
C LYS E 57 17.66 -42.40 -17.39
N ILE E 58 18.49 -41.85 -18.28
CA ILE E 58 18.07 -41.65 -19.68
C ILE E 58 17.59 -42.94 -20.31
N ASP E 59 18.13 -44.07 -19.84
CA ASP E 59 17.76 -45.40 -20.32
C ASP E 59 16.26 -45.67 -20.11
N GLU E 60 15.68 -44.96 -19.15
CA GLU E 60 14.25 -45.04 -18.86
C GLU E 60 13.67 -43.64 -18.94
N PRO E 61 13.50 -43.13 -20.17
CA PRO E 61 13.13 -41.73 -20.40
C PRO E 61 11.77 -41.30 -19.85
N GLU E 62 10.94 -42.26 -19.43
CA GLU E 62 9.64 -41.93 -18.83
C GLU E 62 9.63 -42.25 -17.33
N SER E 63 10.82 -42.43 -16.77
CA SER E 63 10.96 -42.99 -15.41
C SER E 63 10.52 -42.11 -14.24
N GLY E 64 10.54 -40.79 -14.38
CA GLY E 64 10.23 -39.96 -13.19
C GLY E 64 11.50 -39.40 -12.60
N GLU E 65 12.50 -40.24 -12.37
CA GLU E 65 13.83 -39.74 -12.04
C GLU E 65 14.38 -38.96 -13.24
N PHE E 66 14.13 -39.46 -14.45
CA PHE E 66 14.55 -38.72 -15.64
C PHE E 66 13.70 -37.49 -15.91
N LYS E 67 12.39 -37.63 -15.72
CA LYS E 67 11.49 -36.52 -15.95
C LYS E 67 11.72 -35.41 -14.92
N SER E 68 11.93 -35.80 -13.66
CA SER E 68 12.23 -34.81 -12.62
C SER E 68 13.53 -34.08 -12.93
N HIS E 69 14.48 -34.81 -13.51
CA HIS E 69 15.72 -34.16 -13.93
C HIS E 69 15.42 -33.13 -15.00
N LEU E 70 14.52 -33.47 -15.93
CA LEU E 70 14.16 -32.54 -17.00
C LEU E 70 13.55 -31.28 -16.41
N VAL E 71 12.69 -31.47 -15.41
CA VAL E 71 12.06 -30.36 -14.69
C VAL E 71 13.10 -29.55 -13.91
N ARG E 72 14.07 -30.20 -13.30
CA ARG E 72 15.13 -29.48 -12.61
C ARG E 72 15.86 -28.53 -13.54
N VAL E 73 16.11 -28.98 -14.76
CA VAL E 73 16.75 -28.15 -15.78
C VAL E 73 15.83 -27.01 -16.17
N ALA E 74 14.57 -27.36 -16.41
CA ALA E 74 13.56 -26.37 -16.77
C ALA E 74 13.55 -25.29 -15.72
N ASN E 75 13.33 -25.68 -14.46
CA ASN E 75 13.27 -24.70 -13.37
C ASN E 75 14.57 -23.96 -13.17
N GLY E 76 15.68 -24.63 -13.46
CA GLY E 76 16.99 -23.98 -13.40
C GLY E 76 17.05 -22.82 -14.38
N LEU E 77 16.63 -23.09 -15.62
CA LEU E 77 16.55 -22.05 -16.62
C LEU E 77 15.53 -20.96 -16.22
N LYS E 78 14.38 -21.38 -15.71
CA LYS E 78 13.36 -20.46 -15.19
C LYS E 78 13.92 -19.57 -14.08
N LEU E 79 14.77 -20.12 -13.23
CA LEU E 79 15.45 -19.36 -12.20
C LEU E 79 16.31 -18.28 -12.85
N LEU E 80 17.15 -18.68 -13.80
CA LEU E 80 18.00 -17.74 -14.53
C LEU E 80 17.21 -16.60 -15.16
N ILE E 81 16.13 -16.94 -15.87
CA ILE E 81 15.33 -15.91 -16.54
C ILE E 81 14.77 -14.94 -15.49
N ASN E 82 14.24 -15.47 -14.39
CA ASN E 82 13.69 -14.63 -13.32
C ASN E 82 14.73 -13.88 -12.49
N LEU E 83 15.98 -13.98 -12.91
CA LEU E 83 17.05 -13.28 -12.23
C LEU E 83 17.66 -12.24 -13.13
N LEU E 84 17.21 -12.22 -14.39
CA LEU E 84 17.77 -11.33 -15.38
C LEU E 84 17.66 -9.88 -14.97
N ASP E 85 16.87 -9.62 -13.92
CA ASP E 85 16.64 -8.28 -13.43
C ASP E 85 17.21 -8.04 -12.02
N ASP E 86 17.88 -9.06 -11.45
CA ASP E 86 18.61 -8.91 -10.19
C ASP E 86 20.03 -9.39 -10.48
N THR E 87 20.77 -8.54 -11.19
CA THR E 87 22.04 -8.93 -11.78
C THR E 87 23.09 -9.41 -10.79
N LEU E 88 23.11 -8.89 -9.58
CA LEU E 88 24.09 -9.35 -8.60
C LEU E 88 23.76 -10.74 -8.05
N VAL E 89 22.49 -10.98 -7.73
CA VAL E 89 22.05 -12.32 -7.37
C VAL E 89 22.35 -13.27 -8.54
N LEU E 90 22.06 -12.82 -9.76
CA LEU E 90 22.32 -13.59 -10.98
C LEU E 90 23.79 -13.99 -11.08
N GLN E 91 24.66 -13.00 -10.95
CA GLN E 91 26.10 -13.21 -11.02
C GLN E 91 26.51 -14.31 -10.06
N SER E 92 26.00 -14.24 -8.83
CA SER E 92 26.30 -15.22 -7.79
C SER E 92 25.77 -16.60 -8.14
N HIS E 93 24.47 -16.70 -8.42
CA HIS E 93 23.89 -17.99 -8.77
C HIS E 93 24.55 -18.67 -9.98
N LEU E 94 24.95 -17.87 -10.96
CA LEU E 94 25.58 -18.38 -12.19
C LEU E 94 26.83 -19.18 -11.83
N GLY E 95 27.55 -18.68 -10.83
CA GLY E 95 28.72 -19.35 -10.29
C GLY E 95 28.36 -20.67 -9.66
N HIS E 96 27.21 -20.71 -8.99
CA HIS E 96 26.74 -21.92 -8.32
C HIS E 96 26.42 -23.01 -9.34
N LEU E 97 25.73 -22.60 -10.40
CA LEU E 97 25.39 -23.51 -11.50
C LEU E 97 26.63 -24.02 -12.21
N ALA E 98 27.63 -23.14 -12.32
CA ALA E 98 28.94 -23.48 -12.87
C ALA E 98 29.58 -24.58 -12.04
N ASP E 99 29.60 -24.42 -10.71
CA ASP E 99 30.20 -25.41 -9.82
C ASP E 99 29.49 -26.75 -9.87
N GLN E 100 28.17 -26.74 -10.03
CA GLN E 100 27.44 -27.98 -10.17
C GLN E 100 27.83 -28.74 -11.44
N HIS E 101 28.13 -28.00 -12.51
CA HIS E 101 28.52 -28.68 -13.76
C HIS E 101 30.00 -29.04 -13.82
N ILE E 102 30.87 -28.23 -13.23
CA ILE E 102 32.30 -28.57 -13.09
C ILE E 102 32.47 -29.89 -12.35
N GLN E 103 31.55 -30.18 -11.44
CA GLN E 103 31.65 -31.37 -10.61
C GLN E 103 31.11 -32.62 -11.29
N ARG E 104 30.76 -32.48 -12.56
CA ARG E 104 30.28 -33.57 -13.39
C ARG E 104 31.29 -33.70 -14.51
N LYS E 105 32.13 -34.72 -14.44
CA LYS E 105 33.20 -34.86 -15.41
C LYS E 105 32.56 -35.32 -16.72
N GLY E 106 33.04 -34.77 -17.82
CA GLY E 106 32.45 -35.07 -19.12
C GLY E 106 31.66 -33.90 -19.66
N VAL E 107 31.20 -33.01 -18.79
CA VAL E 107 30.46 -31.81 -19.23
C VAL E 107 31.46 -30.81 -19.83
N THR E 108 31.24 -30.39 -21.07
CA THR E 108 32.21 -29.55 -21.74
C THR E 108 31.62 -28.24 -22.27
N LYS E 109 32.51 -27.34 -22.67
CA LYS E 109 32.09 -26.11 -23.35
C LYS E 109 31.32 -26.42 -24.63
N GLU E 110 31.75 -27.45 -25.35
CA GLU E 110 31.10 -27.85 -26.60
C GLU E 110 29.65 -28.26 -26.39
N TYR E 111 29.39 -29.04 -25.33
CA TYR E 111 28.03 -29.46 -25.03
C TYR E 111 27.14 -28.28 -24.70
N PHE E 112 27.70 -27.25 -24.06
CA PHE E 112 26.92 -26.08 -23.71
C PHE E 112 26.63 -25.21 -24.93
N ARG E 113 27.58 -25.19 -25.86
CA ARG E 113 27.34 -24.62 -27.19
C ARG E 113 26.16 -25.36 -27.84
N GLY E 114 26.19 -26.69 -27.72
CA GLY E 114 25.17 -27.56 -28.29
C GLY E 114 23.77 -27.41 -27.72
N ILE E 115 23.68 -27.22 -26.40
CA ILE E 115 22.40 -26.95 -25.76
C ILE E 115 21.89 -25.59 -26.25
N GLY E 116 22.81 -24.67 -26.53
CA GLY E 116 22.43 -23.37 -27.08
C GLY E 116 21.79 -23.51 -28.45
N GLU E 117 22.37 -24.35 -29.29
CA GLU E 117 21.88 -24.58 -30.64
C GLU E 117 20.55 -25.32 -30.57
N ALA E 118 20.45 -26.21 -29.59
CA ALA E 118 19.22 -26.95 -29.30
C ALA E 118 18.06 -26.02 -28.94
N PHE E 119 18.29 -25.08 -28.04
CA PHE E 119 17.25 -24.14 -27.63
C PHE E 119 16.78 -23.23 -28.78
N ALA E 120 17.72 -22.78 -29.60
CA ALA E 120 17.45 -21.91 -30.76
C ALA E 120 16.69 -22.63 -31.88
N ARG E 121 16.86 -23.95 -31.95
CA ARG E 121 16.18 -24.77 -32.93
C ARG E 121 14.76 -25.10 -32.42
N VAL E 122 14.64 -25.34 -31.12
CA VAL E 122 13.40 -25.85 -30.50
C VAL E 122 12.42 -24.74 -30.10
N LEU E 123 12.90 -23.73 -29.38
CA LEU E 123 12.02 -22.65 -28.88
C LEU E 123 11.13 -22.04 -29.97
N PRO E 124 11.70 -21.68 -31.12
CA PRO E 124 10.88 -21.17 -32.22
C PRO E 124 9.81 -22.15 -32.69
N GLN E 125 9.91 -23.41 -32.29
CA GLN E 125 8.85 -24.39 -32.62
C GLN E 125 7.74 -24.43 -31.59
N VAL E 126 7.99 -23.93 -30.38
CA VAL E 126 6.95 -23.96 -29.35
C VAL E 126 6.20 -22.65 -29.27
N LEU E 127 6.84 -21.57 -29.70
CA LEU E 127 6.16 -20.29 -29.74
C LEU E 127 6.53 -19.44 -30.96
N SER E 128 5.55 -18.68 -31.43
CA SER E 128 5.72 -17.83 -32.60
C SER E 128 5.97 -16.41 -32.13
N CYS E 129 6.46 -15.57 -33.04
CA CYS E 129 6.92 -14.23 -32.69
C CYS E 129 7.99 -14.33 -31.60
N PHE E 130 8.84 -15.36 -31.73
CA PHE E 130 9.95 -15.55 -30.82
C PHE E 130 11.14 -14.78 -31.38
N ASN E 131 11.76 -13.99 -30.54
CA ASN E 131 12.94 -13.23 -30.94
C ASN E 131 14.17 -14.05 -30.62
N VAL E 132 14.57 -14.91 -31.55
CA VAL E 132 15.68 -15.84 -31.32
C VAL E 132 17.03 -15.13 -31.09
N ASP E 133 17.17 -13.96 -31.72
CA ASP E 133 18.39 -13.15 -31.62
C ASP E 133 18.63 -12.66 -30.20
N ALA E 134 17.62 -12.00 -29.63
CA ALA E 134 17.69 -11.54 -28.25
C ALA E 134 17.95 -12.73 -27.34
N TRP E 135 17.24 -13.83 -27.60
CA TRP E 135 17.37 -15.03 -26.79
C TRP E 135 18.80 -15.56 -26.81
N ASN E 136 19.37 -15.71 -28.00
CA ASN E 136 20.72 -16.24 -28.15
C ASN E 136 21.74 -15.33 -27.50
N ARG E 137 21.52 -14.02 -27.62
CA ARG E 137 22.47 -13.07 -27.09
C ARG E 137 22.57 -13.29 -25.59
N CYS E 138 21.43 -13.33 -24.91
CA CYS E 138 21.41 -13.52 -23.47
C CYS E 138 21.79 -14.92 -23.07
N PHE E 139 21.33 -15.91 -23.84
CA PHE E 139 21.62 -17.30 -23.51
C PHE E 139 23.12 -17.58 -23.57
N HIS E 140 23.80 -17.02 -24.58
CA HIS E 140 25.26 -17.15 -24.70
C HIS E 140 25.98 -16.51 -23.53
N ARG E 141 25.48 -15.34 -23.09
CA ARG E 141 26.06 -14.63 -21.96
C ARG E 141 25.93 -15.48 -20.71
N LEU E 142 24.77 -16.08 -20.50
CA LEU E 142 24.57 -16.98 -19.37
C LEU E 142 25.47 -18.20 -19.49
N VAL E 143 25.50 -18.82 -20.66
CA VAL E 143 26.28 -20.04 -20.85
C VAL E 143 27.79 -19.77 -20.76
N ALA E 144 28.21 -18.59 -21.19
CA ALA E 144 29.61 -18.18 -21.10
C ALA E 144 30.10 -18.32 -19.66
N ARG E 145 29.33 -17.79 -18.72
CA ARG E 145 29.69 -17.87 -17.31
C ARG E 145 29.65 -19.29 -16.75
N ILE E 146 28.56 -20.03 -17.02
CA ILE E 146 28.39 -21.41 -16.52
C ILE E 146 29.53 -22.32 -16.97
N ALA E 147 29.91 -22.18 -18.24
CA ALA E 147 30.92 -23.02 -18.85
C ALA E 147 32.34 -22.44 -18.81
N LYS E 148 32.57 -21.43 -17.99
CA LYS E 148 33.85 -20.73 -18.01
C LYS E 148 35.05 -21.65 -17.78
N ASP E 149 34.95 -22.61 -16.85
CA ASP E 149 36.09 -23.48 -16.56
C ASP E 149 35.81 -24.92 -16.91
N LEU E 150 34.88 -25.18 -17.81
CA LEU E 150 34.39 -26.55 -18.04
C LEU E 150 35.24 -27.52 -18.85
N PRO E 151 35.87 -27.03 -19.93
CA PRO E 151 36.17 -27.89 -21.08
C PRO E 151 37.03 -29.07 -20.64
N LYS F 1 3.12 -30.41 -45.25
CA LYS F 1 4.30 -29.50 -45.10
C LYS F 1 4.88 -29.56 -43.67
N LYS F 2 4.14 -30.18 -42.76
CA LYS F 2 4.49 -30.27 -41.35
C LYS F 2 3.50 -31.26 -40.73
N GLN F 3 3.98 -32.10 -39.82
CA GLN F 3 3.12 -33.09 -39.14
C GLN F 3 2.78 -32.64 -37.73
N CYS F 4 1.61 -33.01 -37.23
CA CYS F 4 1.21 -32.65 -35.87
C CYS F 4 1.95 -33.50 -34.84
N GLY F 5 3.23 -33.19 -34.67
CA GLY F 5 4.07 -33.80 -33.64
C GLY F 5 3.96 -33.06 -32.33
N VAL F 6 4.83 -33.45 -31.39
CA VAL F 6 4.87 -32.91 -30.04
C VAL F 6 4.97 -31.37 -30.03
N LEU F 7 5.97 -30.83 -30.72
CA LEU F 7 6.18 -29.38 -30.70
C LEU F 7 5.05 -28.56 -31.32
N GLU F 8 4.53 -29.01 -32.46
CA GLU F 8 3.41 -28.33 -33.09
C GLU F 8 2.12 -28.47 -32.27
N GLY F 9 1.91 -29.65 -31.69
CA GLY F 9 0.78 -29.83 -30.75
C GLY F 9 0.89 -28.85 -29.60
N LEU F 10 2.09 -28.72 -29.06
CA LEU F 10 2.38 -27.75 -28.00
C LEU F 10 1.99 -26.34 -28.40
N LYS F 11 2.53 -25.87 -29.53
CA LYS F 11 2.25 -24.53 -30.01
C LYS F 11 0.76 -24.24 -30.26
N VAL F 12 0.08 -25.19 -30.90
CA VAL F 12 -1.34 -25.03 -31.20
C VAL F 12 -2.15 -24.90 -29.91
N LYS F 13 -1.84 -25.72 -28.91
CA LYS F 13 -2.51 -25.66 -27.60
C LYS F 13 -2.46 -24.29 -26.95
N SER F 14 -1.26 -23.70 -26.96
CA SER F 14 -1.04 -22.37 -26.40
C SER F 14 -1.79 -21.33 -27.18
N GLU F 15 -1.58 -21.34 -28.50
CA GLU F 15 -2.20 -20.35 -29.38
C GLU F 15 -3.71 -20.47 -29.40
N TRP F 16 -4.20 -21.71 -29.29
CA TRP F 16 -5.64 -21.93 -29.14
C TRP F 16 -6.11 -21.29 -27.83
N GLY F 17 -5.40 -21.57 -26.75
CA GLY F 17 -5.66 -20.96 -25.44
C GLY F 17 -5.87 -19.46 -25.56
N ARG F 18 -4.89 -18.79 -26.19
CA ARG F 18 -4.97 -17.35 -26.40
C ARG F 18 -6.12 -16.87 -27.29
N ALA F 19 -6.46 -17.64 -28.32
CA ALA F 19 -7.50 -17.24 -29.28
C ALA F 19 -8.92 -17.55 -28.81
N TYR F 20 -9.07 -18.65 -28.06
CA TYR F 20 -10.39 -19.14 -27.69
C TYR F 20 -11.21 -18.12 -26.89
N GLY F 21 -10.61 -17.52 -25.86
CA GLY F 21 -11.31 -16.49 -25.06
C GLY F 21 -12.51 -17.05 -24.32
N SER F 22 -13.35 -16.18 -23.76
CA SER F 22 -14.51 -16.61 -23.01
C SER F 22 -15.64 -15.59 -23.15
N GLY F 23 -16.82 -15.92 -22.61
CA GLY F 23 -17.98 -15.02 -22.68
C GLY F 23 -18.29 -14.50 -24.07
N HIS F 24 -18.48 -13.18 -24.18
CA HIS F 24 -18.86 -12.55 -25.46
C HIS F 24 -17.80 -12.70 -26.54
N ASP F 25 -16.51 -12.65 -26.15
CA ASP F 25 -15.44 -12.91 -27.11
C ASP F 25 -15.56 -14.30 -27.70
N ARG F 26 -15.96 -15.26 -26.87
CA ARG F 26 -16.06 -16.64 -27.33
C ARG F 26 -17.20 -16.83 -28.31
N GLU F 27 -18.34 -16.20 -28.03
CA GLU F 27 -19.49 -16.23 -28.92
C GLU F 27 -19.12 -15.68 -30.29
N ALA F 28 -18.48 -14.51 -30.28
CA ALA F 28 -18.01 -13.86 -31.50
C ALA F 28 -17.04 -14.77 -32.23
N PHE F 29 -16.13 -15.40 -31.49
CA PHE F 29 -15.12 -16.28 -32.06
C PHE F 29 -15.79 -17.46 -32.79
N SER F 30 -16.81 -18.04 -32.15
CA SER F 30 -17.58 -19.16 -32.70
C SER F 30 -18.30 -18.77 -33.98
N GLN F 31 -18.92 -17.58 -33.97
CA GLN F 31 -19.66 -17.12 -35.14
C GLN F 31 -18.73 -16.79 -36.30
N ALA F 32 -17.59 -16.18 -35.98
CA ALA F 32 -16.63 -15.80 -37.00
C ALA F 32 -16.16 -17.02 -37.78
N ILE F 33 -15.95 -18.13 -37.08
CA ILE F 33 -15.51 -19.36 -37.73
C ILE F 33 -16.59 -19.93 -38.64
N TRP F 34 -17.83 -19.95 -38.15
CA TRP F 34 -18.92 -20.53 -38.96
C TRP F 34 -19.27 -19.68 -40.15
N ARG F 35 -19.18 -18.37 -40.00
CA ARG F 35 -19.38 -17.44 -41.11
C ARG F 35 -18.28 -17.60 -42.15
N ALA F 36 -17.05 -17.76 -41.70
CA ALA F 36 -15.95 -18.00 -42.62
C ALA F 36 -16.14 -19.33 -43.38
N THR F 37 -16.72 -20.32 -42.71
CA THR F 37 -16.96 -21.62 -43.34
C THR F 37 -18.05 -21.46 -44.41
N PHE F 38 -19.17 -20.87 -44.01
CA PHE F 38 -20.29 -20.59 -44.90
C PHE F 38 -19.90 -19.75 -46.10
N ALA F 39 -19.06 -18.73 -45.89
CA ALA F 39 -18.59 -17.91 -47.00
C ALA F 39 -17.83 -18.73 -48.05
N GLN F 40 -17.07 -19.73 -47.61
CA GLN F 40 -16.31 -20.59 -48.51
C GLN F 40 -17.15 -21.71 -49.11
N VAL F 41 -18.02 -22.32 -48.31
CA VAL F 41 -18.89 -23.40 -48.80
C VAL F 41 -20.36 -23.18 -48.44
N PRO F 42 -21.03 -22.21 -49.07
CA PRO F 42 -22.41 -21.87 -48.70
C PRO F 42 -23.37 -23.07 -48.77
N GLU F 43 -23.01 -24.05 -49.59
CA GLU F 43 -23.69 -25.35 -49.66
C GLU F 43 -23.85 -26.06 -48.32
N SER F 44 -22.84 -25.95 -47.46
CA SER F 44 -22.81 -26.63 -46.16
C SER F 44 -23.90 -26.14 -45.20
N ARG F 45 -24.31 -24.90 -45.40
CA ARG F 45 -25.35 -24.25 -44.60
C ARG F 45 -26.60 -25.10 -44.40
N SER F 46 -27.02 -25.82 -45.44
CA SER F 46 -28.22 -26.66 -45.40
C SER F 46 -28.14 -27.77 -44.36
N LEU F 47 -26.93 -28.14 -43.98
CA LEU F 47 -26.71 -29.17 -42.96
C LEU F 47 -27.18 -28.73 -41.57
N PHE F 48 -27.29 -27.41 -41.38
CA PHE F 48 -27.53 -26.81 -40.07
C PHE F 48 -28.91 -26.20 -39.92
N LYS F 49 -29.86 -26.67 -40.72
CA LYS F 49 -31.20 -26.14 -40.67
C LYS F 49 -31.83 -26.42 -39.30
N ARG F 50 -31.57 -27.59 -38.73
CA ARG F 50 -32.12 -27.93 -37.41
C ARG F 50 -31.64 -26.98 -36.31
N VAL F 51 -30.50 -26.35 -36.56
CA VAL F 51 -29.88 -25.52 -35.56
C VAL F 51 -29.84 -24.05 -36.00
N HIS F 52 -30.75 -23.72 -36.92
CA HIS F 52 -30.96 -22.36 -37.43
C HIS F 52 -29.73 -21.77 -38.14
N GLY F 53 -29.01 -22.61 -38.89
CA GLY F 53 -27.82 -22.18 -39.64
C GLY F 53 -28.08 -21.03 -40.60
N ASP F 54 -29.34 -20.84 -40.98
CA ASP F 54 -29.75 -19.69 -41.81
C ASP F 54 -29.44 -18.34 -41.14
N ASP F 55 -29.38 -18.31 -39.81
CA ASP F 55 -29.14 -17.08 -39.08
C ASP F 55 -28.07 -17.32 -38.01
N THR F 56 -26.84 -16.89 -38.27
CA THR F 56 -25.74 -17.18 -37.35
C THR F 56 -25.83 -16.43 -36.02
N SER F 57 -26.81 -15.55 -35.91
CA SER F 57 -27.04 -14.79 -34.67
C SER F 57 -28.12 -15.44 -33.81
N HIS F 58 -28.85 -16.38 -34.38
CA HIS F 58 -29.89 -17.07 -33.66
C HIS F 58 -29.29 -17.82 -32.46
N PRO F 59 -29.93 -17.74 -31.30
CA PRO F 59 -29.39 -18.32 -30.05
C PRO F 59 -29.13 -19.82 -30.17
N ALA F 60 -29.96 -20.51 -30.96
CA ALA F 60 -29.77 -21.93 -31.18
C ALA F 60 -28.52 -22.21 -32.00
N PHE F 61 -28.19 -21.29 -32.90
CA PHE F 61 -26.95 -21.45 -33.66
C PHE F 61 -25.71 -21.10 -32.83
N ILE F 62 -25.83 -20.11 -31.94
CA ILE F 62 -24.72 -19.78 -31.03
C ILE F 62 -24.41 -21.01 -30.20
N ALA F 63 -25.45 -21.62 -29.61
CA ALA F 63 -25.29 -22.82 -28.80
C ALA F 63 -24.55 -23.92 -29.58
N HIS F 64 -25.00 -24.17 -30.80
CA HIS F 64 -24.35 -25.14 -31.66
C HIS F 64 -22.87 -24.80 -31.93
N ALA F 65 -22.59 -23.54 -32.24
CA ALA F 65 -21.22 -23.09 -32.52
C ALA F 65 -20.29 -23.20 -31.30
N ASP F 66 -20.79 -22.85 -30.11
CA ASP F 66 -20.04 -23.01 -28.85
C ASP F 66 -19.78 -24.50 -28.57
N ARG F 67 -20.80 -25.32 -28.82
CA ARG F 67 -20.73 -26.77 -28.68
C ARG F 67 -19.63 -27.36 -29.57
N VAL F 68 -19.57 -26.89 -30.82
CA VAL F 68 -18.51 -27.30 -31.75
C VAL F 68 -17.14 -26.97 -31.21
N LEU F 69 -16.93 -25.69 -30.89
CA LEU F 69 -15.65 -25.26 -30.34
C LEU F 69 -15.37 -25.94 -29.02
N GLY F 70 -16.44 -26.35 -28.32
CA GLY F 70 -16.30 -27.14 -27.10
C GLY F 70 -15.60 -28.45 -27.41
N GLY F 71 -16.05 -29.10 -28.48
CA GLY F 71 -15.47 -30.37 -28.93
C GLY F 71 -14.07 -30.18 -29.47
N LEU F 72 -13.88 -29.12 -30.26
CA LEU F 72 -12.57 -28.81 -30.80
C LEU F 72 -11.57 -28.55 -29.67
N ASP F 73 -12.07 -27.91 -28.61
CA ASP F 73 -11.26 -27.57 -27.45
C ASP F 73 -10.70 -28.80 -26.78
N ILE F 74 -11.54 -29.81 -26.64
CA ILE F 74 -11.14 -31.08 -26.05
C ILE F 74 -10.05 -31.71 -26.90
N ALA F 75 -10.27 -31.73 -28.22
CA ALA F 75 -9.31 -32.29 -29.15
C ALA F 75 -7.96 -31.60 -29.09
N ILE F 76 -7.96 -30.27 -29.18
CA ILE F 76 -6.71 -29.52 -29.11
C ILE F 76 -6.02 -29.73 -27.76
N SER F 77 -6.77 -29.58 -26.68
CA SER F 77 -6.24 -29.75 -25.33
C SER F 77 -5.60 -31.13 -25.09
N THR F 78 -6.04 -32.15 -25.83
CA THR F 78 -5.48 -33.50 -25.66
C THR F 78 -4.58 -33.96 -26.80
N LEU F 79 -4.08 -33.01 -27.61
CA LEU F 79 -3.12 -33.35 -28.66
C LEU F 79 -1.90 -34.09 -28.08
N ASP F 80 -1.55 -33.75 -26.85
CA ASP F 80 -0.41 -34.37 -26.19
C ASP F 80 -0.80 -35.65 -25.43
N GLN F 81 -2.08 -36.01 -25.46
CA GLN F 81 -2.55 -37.25 -24.84
C GLN F 81 -3.32 -38.08 -25.86
N PRO F 82 -2.59 -38.83 -26.69
CA PRO F 82 -3.18 -39.51 -27.85
C PRO F 82 -4.32 -40.48 -27.53
N ALA F 83 -4.24 -41.20 -26.42
CA ALA F 83 -5.27 -42.18 -26.08
C ALA F 83 -6.61 -41.51 -25.76
N THR F 84 -6.54 -40.39 -25.04
CA THR F 84 -7.70 -39.57 -24.71
C THR F 84 -8.26 -38.90 -25.94
N LEU F 85 -7.37 -38.38 -26.78
CA LEU F 85 -7.75 -37.75 -28.04
C LEU F 85 -8.51 -38.73 -28.92
N LYS F 86 -7.97 -39.93 -29.08
CA LYS F 86 -8.59 -40.98 -29.91
C LYS F 86 -9.99 -41.26 -29.39
N GLU F 87 -10.12 -41.36 -28.08
CA GLU F 87 -11.42 -41.55 -27.46
C GLU F 87 -12.37 -40.41 -27.78
N GLU F 88 -11.91 -39.18 -27.69
CA GLU F 88 -12.75 -38.04 -28.02
C GLU F 88 -13.12 -38.00 -29.50
N LEU F 89 -12.13 -38.25 -30.36
CA LEU F 89 -12.33 -38.21 -31.80
C LEU F 89 -13.30 -39.29 -32.30
N ASP F 90 -13.25 -40.46 -31.66
CA ASP F 90 -14.23 -41.53 -31.92
C ASP F 90 -15.63 -41.09 -31.56
N HIS F 91 -15.77 -40.41 -30.42
CA HIS F 91 -17.07 -39.92 -29.97
C HIS F 91 -17.63 -38.92 -31.00
N LEU F 92 -16.77 -38.05 -31.51
CA LEU F 92 -17.16 -37.06 -32.52
C LEU F 92 -17.51 -37.71 -33.85
N GLN F 93 -16.69 -38.68 -34.26
CA GLN F 93 -16.89 -39.42 -35.49
C GLN F 93 -18.26 -40.09 -35.51
N VAL F 94 -18.63 -40.71 -34.39
CA VAL F 94 -19.94 -41.33 -34.25
C VAL F 94 -21.06 -40.30 -34.42
N GLN F 95 -20.85 -39.08 -33.93
CA GLN F 95 -21.86 -38.04 -34.07
C GLN F 95 -21.95 -37.48 -35.49
N HIS F 96 -20.93 -37.73 -36.31
CA HIS F 96 -20.89 -37.19 -37.66
C HIS F 96 -21.13 -38.28 -38.74
N GLU F 97 -20.97 -39.55 -38.39
CA GLU F 97 -21.26 -40.63 -39.36
C GLU F 97 -22.75 -40.71 -39.64
N GLY F 98 -23.06 -40.87 -40.92
CA GLY F 98 -24.43 -40.82 -41.39
C GLY F 98 -24.73 -39.48 -42.04
N ARG F 99 -24.15 -38.41 -41.50
CA ARG F 99 -24.33 -37.08 -42.09
C ARG F 99 -23.53 -37.04 -43.37
N LYS F 100 -24.06 -36.35 -44.38
CA LYS F 100 -23.36 -36.36 -45.67
C LYS F 100 -22.43 -35.16 -45.66
N ILE F 101 -21.24 -35.34 -45.10
CA ILE F 101 -20.26 -34.25 -45.05
C ILE F 101 -19.05 -34.59 -45.90
N PRO F 102 -18.94 -33.99 -47.08
CA PRO F 102 -17.82 -34.29 -47.97
C PRO F 102 -16.55 -33.61 -47.48
N ASP F 103 -15.39 -34.15 -47.85
CA ASP F 103 -14.09 -33.60 -47.44
C ASP F 103 -14.02 -32.10 -47.68
N ASN F 104 -14.60 -31.70 -48.80
CA ASN F 104 -14.82 -30.32 -49.17
C ASN F 104 -15.18 -29.42 -47.98
N TYR F 105 -16.07 -29.89 -47.11
CA TYR F 105 -16.54 -29.09 -45.98
C TYR F 105 -15.56 -29.00 -44.80
N PHE F 106 -15.05 -30.15 -44.36
CA PHE F 106 -14.02 -30.18 -43.32
C PHE F 106 -12.87 -29.29 -43.72
N ASP F 107 -12.64 -29.23 -45.02
CA ASP F 107 -11.56 -28.45 -45.57
C ASP F 107 -11.81 -26.95 -45.43
N ALA F 108 -13.02 -26.51 -45.76
CA ALA F 108 -13.40 -25.11 -45.59
C ALA F 108 -13.38 -24.70 -44.12
N PHE F 109 -13.84 -25.61 -43.27
CA PHE F 109 -13.92 -25.37 -41.83
C PHE F 109 -12.52 -25.15 -41.28
N LYS F 110 -11.59 -26.01 -41.65
CA LYS F 110 -10.19 -25.86 -41.27
C LYS F 110 -9.63 -24.50 -41.70
N THR F 111 -9.92 -24.09 -42.93
CA THR F 111 -9.49 -22.79 -43.44
C THR F 111 -10.07 -21.68 -42.59
N ALA F 112 -11.36 -21.83 -42.25
CA ALA F 112 -12.02 -20.86 -41.36
C ALA F 112 -11.34 -20.73 -40.00
N ILE F 113 -11.13 -21.86 -39.32
CA ILE F 113 -10.43 -21.88 -38.03
C ILE F 113 -9.13 -21.10 -38.15
N LEU F 114 -8.31 -21.48 -39.14
CA LEU F 114 -7.00 -20.83 -39.33
C LEU F 114 -7.11 -19.34 -39.61
N HIS F 115 -8.13 -18.96 -40.40
CA HIS F 115 -8.35 -17.57 -40.76
C HIS F 115 -8.72 -16.73 -39.54
N VAL F 116 -9.61 -17.25 -38.72
CA VAL F 116 -10.09 -16.51 -37.55
C VAL F 116 -9.03 -16.43 -36.45
N VAL F 117 -8.32 -17.53 -36.23
CA VAL F 117 -7.23 -17.59 -35.26
C VAL F 117 -6.13 -16.60 -35.65
N ALA F 118 -5.73 -16.64 -36.92
CA ALA F 118 -4.76 -15.70 -37.48
C ALA F 118 -5.18 -14.24 -37.21
N ALA F 119 -6.46 -13.94 -37.40
CA ALA F 119 -6.94 -12.60 -37.08
C ALA F 119 -6.86 -12.34 -35.58
N GLN F 120 -7.29 -13.33 -34.79
CA GLN F 120 -7.26 -13.23 -33.33
C GLN F 120 -5.89 -12.94 -32.75
N LEU F 121 -4.84 -13.49 -33.35
CA LEU F 121 -3.50 -13.41 -32.77
C LEU F 121 -2.51 -12.56 -33.58
N GLY F 122 -3.00 -11.99 -34.69
CA GLY F 122 -2.16 -11.20 -35.59
C GLY F 122 -1.04 -12.05 -36.17
N ARG F 123 0.20 -11.73 -35.80
CA ARG F 123 1.39 -12.43 -36.28
C ARG F 123 1.67 -13.70 -35.51
N CYS F 124 1.42 -13.67 -34.20
CA CYS F 124 1.81 -14.74 -33.27
C CYS F 124 1.00 -15.99 -33.48
N TYR F 125 1.27 -16.63 -34.61
CA TYR F 125 0.67 -17.91 -34.87
C TYR F 125 1.44 -18.59 -35.99
N ASP F 126 1.46 -19.91 -35.91
CA ASP F 126 2.11 -20.72 -36.92
C ASP F 126 1.06 -21.48 -37.74
N ARG F 127 0.85 -21.03 -38.97
CA ARG F 127 -0.17 -21.58 -39.86
C ARG F 127 0.05 -23.04 -40.22
N GLU F 128 1.29 -23.41 -40.54
CA GLU F 128 1.61 -24.80 -40.85
C GLU F 128 1.34 -25.72 -39.66
N ALA F 129 1.61 -25.25 -38.45
CA ALA F 129 1.39 -26.07 -37.26
C ALA F 129 -0.10 -26.30 -36.99
N TRP F 130 -0.86 -25.21 -37.10
CA TRP F 130 -2.31 -25.29 -36.99
C TRP F 130 -2.89 -26.21 -38.05
N ASP F 131 -2.44 -26.04 -39.29
CA ASP F 131 -2.90 -26.83 -40.42
C ASP F 131 -2.71 -28.32 -40.18
N ALA F 132 -1.52 -28.70 -39.74
CA ALA F 132 -1.22 -30.10 -39.49
C ALA F 132 -2.09 -30.66 -38.38
N CYS F 133 -2.27 -29.87 -37.32
CA CYS F 133 -3.00 -30.33 -36.16
C CYS F 133 -4.51 -30.36 -36.35
N ILE F 134 -5.07 -29.39 -37.10
CA ILE F 134 -6.51 -29.47 -37.41
C ILE F 134 -6.77 -30.65 -38.34
N ASP F 135 -5.86 -30.87 -39.28
CA ASP F 135 -5.92 -32.05 -40.16
C ASP F 135 -6.04 -33.33 -39.36
N HIS F 136 -5.12 -33.50 -38.43
CA HIS F 136 -5.07 -34.67 -37.58
C HIS F 136 -6.36 -34.88 -36.81
N ILE F 137 -6.93 -33.79 -36.31
CA ILE F 137 -8.19 -33.84 -35.59
C ILE F 137 -9.34 -34.23 -36.53
N GLU F 138 -9.38 -33.62 -37.72
CA GLU F 138 -10.43 -33.91 -38.69
C GLU F 138 -10.40 -35.34 -39.22
N ASP F 139 -9.20 -35.87 -39.45
CA ASP F 139 -9.04 -37.27 -39.84
C ASP F 139 -9.79 -38.20 -38.90
N GLY F 140 -9.70 -37.92 -37.61
CA GLY F 140 -10.38 -38.72 -36.59
C GLY F 140 -11.89 -38.57 -36.59
N ILE F 141 -12.38 -37.42 -37.07
CA ILE F 141 -13.82 -37.18 -37.07
C ILE F 141 -14.44 -37.78 -38.33
N LYS F 142 -13.69 -37.71 -39.44
CA LYS F 142 -14.13 -38.29 -40.70
C LYS F 142 -14.09 -39.82 -40.62
N GLY F 143 -13.07 -40.34 -39.93
CA GLY F 143 -12.73 -41.76 -40.00
C GLY F 143 -11.93 -42.07 -41.26
N HIS F 144 -11.89 -41.11 -42.18
CA HIS F 144 -11.18 -41.22 -43.46
C HIS F 144 -9.70 -40.82 -43.34
N HIS F 145 -8.90 -41.32 -44.30
CA HIS F 145 -7.45 -41.06 -44.40
C HIS F 145 -7.04 -39.60 -44.27
N HIS G 3 -38.34 -13.62 -9.78
CA HIS G 3 -37.23 -14.58 -10.03
C HIS G 3 -36.08 -13.96 -10.83
N GLU G 4 -36.15 -12.65 -11.08
CA GLU G 4 -35.09 -11.92 -11.79
C GLU G 4 -33.91 -11.73 -10.86
N HIS G 5 -34.10 -12.21 -9.64
CA HIS G 5 -33.17 -12.05 -8.54
C HIS G 5 -32.46 -13.36 -8.25
N CYS G 6 -32.78 -14.34 -9.08
CA CYS G 6 -32.14 -15.63 -9.07
C CYS G 6 -31.17 -15.70 -10.23
N CYS G 7 -29.89 -15.92 -9.91
CA CYS G 7 -28.84 -15.86 -10.92
C CYS G 7 -29.03 -14.59 -11.74
N SER G 8 -28.94 -13.45 -11.07
CA SER G 8 -29.14 -12.15 -11.70
C SER G 8 -27.96 -11.77 -12.58
N GLU G 9 -28.02 -10.55 -13.13
CA GLU G 9 -26.97 -10.02 -13.98
C GLU G 9 -25.64 -10.09 -13.23
N GLU G 10 -25.58 -9.44 -12.07
CA GLU G 10 -24.37 -9.44 -11.25
C GLU G 10 -23.99 -10.83 -10.76
N ASP G 11 -24.99 -11.62 -10.36
CA ASP G 11 -24.80 -13.03 -9.97
C ASP G 11 -23.99 -13.80 -11.00
N HIS G 12 -24.44 -13.79 -12.26
CA HIS G 12 -23.76 -14.58 -13.28
C HIS G 12 -22.40 -13.98 -13.65
N ARG G 13 -22.27 -12.68 -13.53
CA ARG G 13 -21.00 -12.00 -13.72
C ARG G 13 -19.97 -12.44 -12.67
N ILE G 14 -20.42 -12.59 -11.42
CA ILE G 14 -19.54 -13.07 -10.34
C ILE G 14 -19.07 -14.49 -10.64
N VAL G 15 -20.02 -15.35 -10.99
CA VAL G 15 -19.76 -16.76 -11.31
C VAL G 15 -18.73 -16.88 -12.44
N GLN G 16 -18.95 -16.15 -13.54
CA GLN G 16 -18.03 -16.19 -14.69
C GLN G 16 -16.62 -15.75 -14.33
N LYS G 17 -16.50 -14.64 -13.60
CA LYS G 17 -15.21 -14.15 -13.13
C LYS G 17 -14.51 -15.19 -12.27
N GLN G 18 -15.22 -15.76 -11.30
CA GLN G 18 -14.61 -16.70 -10.36
C GLN G 18 -14.23 -18.01 -11.04
N TRP G 19 -15.06 -18.43 -11.98
CA TRP G 19 -14.80 -19.62 -12.79
C TRP G 19 -13.60 -19.44 -13.71
N ASP G 20 -13.57 -18.34 -14.47
CA ASP G 20 -12.44 -18.03 -15.35
C ASP G 20 -11.09 -18.32 -14.72
N ILE G 21 -10.99 -18.04 -13.42
CA ILE G 21 -9.74 -18.16 -12.68
C ILE G 21 -9.09 -19.55 -12.81
N LEU G 22 -9.92 -20.59 -12.93
CA LEU G 22 -9.39 -21.95 -13.08
C LEU G 22 -8.58 -22.19 -14.37
N TRP G 23 -8.68 -21.29 -15.35
CA TRP G 23 -8.00 -21.54 -16.64
C TRP G 23 -6.94 -20.50 -16.95
N ARG G 24 -6.48 -19.81 -15.90
CA ARG G 24 -5.36 -18.87 -15.99
C ARG G 24 -4.16 -19.55 -16.63
N ASP G 25 -3.99 -20.83 -16.33
CA ASP G 25 -2.87 -21.58 -16.88
C ASP G 25 -3.28 -22.57 -17.99
N THR G 26 -2.28 -22.94 -18.80
CA THR G 26 -2.48 -23.66 -20.06
C THR G 26 -2.78 -25.15 -19.96
N GLU G 27 -2.51 -25.76 -18.80
CA GLU G 27 -2.82 -27.19 -18.68
C GLU G 27 -4.22 -27.40 -18.12
N SER G 28 -5.17 -26.70 -18.75
CA SER G 28 -6.59 -26.72 -18.37
C SER G 28 -7.22 -28.10 -18.45
N SER G 29 -6.84 -28.89 -19.45
CA SER G 29 -7.29 -30.28 -19.60
C SER G 29 -7.03 -31.11 -18.33
N LYS G 30 -5.80 -31.00 -17.84
CA LYS G 30 -5.36 -31.60 -16.59
C LYS G 30 -6.30 -31.24 -15.43
N ILE G 31 -6.63 -29.95 -15.35
CA ILE G 31 -7.53 -29.43 -14.31
C ILE G 31 -8.96 -29.92 -14.52
N LYS G 32 -9.43 -29.83 -15.77
CA LYS G 32 -10.76 -30.32 -16.11
C LYS G 32 -10.96 -31.81 -15.76
N ILE G 33 -10.00 -32.65 -16.17
CA ILE G 33 -10.06 -34.10 -15.94
C ILE G 33 -10.02 -34.43 -14.45
N GLY G 34 -9.06 -33.84 -13.74
CA GLY G 34 -8.91 -34.08 -12.30
C GLY G 34 -10.18 -33.71 -11.57
N PHE G 35 -10.69 -32.51 -11.86
CA PHE G 35 -11.87 -32.02 -11.18
C PHE G 35 -13.15 -32.78 -11.55
N GLY G 36 -13.40 -32.96 -12.85
CA GLY G 36 -14.57 -33.71 -13.31
C GLY G 36 -14.54 -35.14 -12.79
N ARG G 37 -13.38 -35.78 -12.91
CA ARG G 37 -13.18 -37.13 -12.41
C ARG G 37 -13.53 -37.20 -10.92
N LEU G 38 -13.06 -36.21 -10.16
CA LEU G 38 -13.33 -36.16 -8.72
C LEU G 38 -14.83 -36.07 -8.45
N LEU G 39 -15.51 -35.18 -9.18
CA LEU G 39 -16.96 -34.93 -9.01
C LEU G 39 -17.83 -36.16 -9.28
N LEU G 40 -17.56 -36.86 -10.37
CA LEU G 40 -18.36 -38.03 -10.73
C LEU G 40 -18.07 -39.20 -9.82
N THR G 41 -16.80 -39.36 -9.47
CA THR G 41 -16.34 -40.40 -8.55
C THR G 41 -17.07 -40.28 -7.21
N LYS G 42 -17.18 -39.05 -6.75
CA LYS G 42 -17.87 -38.74 -5.51
C LYS G 42 -19.36 -39.03 -5.66
N LEU G 43 -19.90 -38.75 -6.84
CA LEU G 43 -21.31 -39.01 -7.11
C LEU G 43 -21.60 -40.49 -7.05
N ALA G 44 -20.72 -41.28 -7.66
CA ALA G 44 -20.85 -42.74 -7.68
C ALA G 44 -20.75 -43.33 -6.27
N LYS G 45 -19.95 -42.69 -5.43
CA LYS G 45 -19.76 -43.10 -4.05
C LYS G 45 -21.04 -42.93 -3.25
N ASP G 46 -21.73 -41.81 -3.46
CA ASP G 46 -22.91 -41.48 -2.67
C ASP G 46 -24.17 -42.14 -3.19
N ILE G 47 -24.22 -42.34 -4.50
CA ILE G 47 -25.33 -43.05 -5.14
C ILE G 47 -24.77 -44.16 -6.03
N PRO G 48 -24.59 -45.35 -5.43
CA PRO G 48 -23.92 -46.50 -6.09
C PRO G 48 -24.40 -46.87 -7.50
N GLU G 49 -25.70 -46.73 -7.77
CA GLU G 49 -26.31 -47.02 -9.08
C GLU G 49 -25.67 -46.25 -10.24
N VAL G 50 -25.09 -45.09 -9.93
CA VAL G 50 -24.38 -44.25 -10.89
C VAL G 50 -23.23 -44.98 -11.61
N ASN G 51 -22.55 -45.89 -10.92
CA ASN G 51 -21.45 -46.65 -11.55
C ASN G 51 -21.90 -47.38 -12.80
N ASP G 52 -23.14 -47.84 -12.80
CA ASP G 52 -23.71 -48.54 -13.96
C ASP G 52 -23.98 -47.55 -15.08
N LEU G 53 -24.49 -46.38 -14.69
CA LEU G 53 -24.79 -45.31 -15.64
C LEU G 53 -23.57 -44.92 -16.45
N PHE G 54 -22.39 -45.01 -15.84
CA PHE G 54 -21.16 -44.65 -16.54
C PHE G 54 -20.32 -45.84 -17.02
N LYS G 55 -20.96 -47.01 -17.18
CA LYS G 55 -20.30 -48.21 -17.71
C LYS G 55 -19.71 -47.99 -19.13
N ARG G 56 -20.46 -47.30 -19.98
CA ARG G 56 -20.03 -47.06 -21.36
C ARG G 56 -18.73 -46.26 -21.43
N VAL G 57 -18.48 -45.45 -20.39
CA VAL G 57 -17.30 -44.57 -20.36
C VAL G 57 -16.22 -45.07 -19.40
N ASP G 58 -16.43 -46.27 -18.88
CA ASP G 58 -15.38 -46.97 -18.14
C ASP G 58 -15.00 -46.22 -16.86
N ILE G 59 -16.02 -45.83 -16.08
CA ILE G 59 -15.79 -45.21 -14.77
C ILE G 59 -14.97 -46.14 -13.85
N GLU G 60 -15.04 -47.44 -14.14
CA GLU G 60 -14.30 -48.47 -13.43
C GLU G 60 -12.79 -48.18 -13.41
N HIS G 61 -12.31 -47.50 -14.45
CA HIS G 61 -10.92 -47.09 -14.59
C HIS G 61 -10.90 -45.58 -14.73
N ALA G 62 -11.34 -44.89 -13.69
CA ALA G 62 -11.48 -43.43 -13.71
C ALA G 62 -10.28 -42.67 -14.32
N GLU G 63 -9.09 -43.25 -14.21
CA GLU G 63 -7.86 -42.67 -14.74
C GLU G 63 -7.65 -42.98 -16.23
N GLY G 64 -8.39 -43.94 -16.76
CA GLY G 64 -8.27 -44.32 -18.18
C GLY G 64 -8.70 -43.26 -19.17
N PRO G 65 -8.28 -43.42 -20.43
CA PRO G 65 -8.58 -42.45 -21.51
C PRO G 65 -10.08 -42.26 -21.75
N LYS G 66 -10.85 -43.33 -21.61
CA LYS G 66 -12.29 -43.30 -21.82
C LYS G 66 -12.98 -42.32 -20.88
N PHE G 67 -12.74 -42.51 -19.59
CA PHE G 67 -13.41 -41.70 -18.58
C PHE G 67 -12.81 -40.29 -18.51
N SER G 68 -11.53 -40.17 -18.86
CA SER G 68 -10.89 -38.86 -19.01
C SER G 68 -11.59 -38.01 -20.07
N ALA G 69 -11.83 -38.60 -21.24
CA ALA G 69 -12.54 -37.91 -22.31
C ALA G 69 -13.94 -37.49 -21.86
N HIS G 70 -14.59 -38.39 -21.14
CA HIS G 70 -15.88 -38.10 -20.57
C HIS G 70 -15.83 -36.96 -19.56
N ALA G 71 -14.86 -37.03 -18.64
CA ALA G 71 -14.64 -35.96 -17.66
C ALA G 71 -14.55 -34.60 -18.35
N LEU G 72 -13.81 -34.55 -19.46
CA LEU G 72 -13.70 -33.35 -20.27
C LEU G 72 -15.02 -32.92 -20.88
N ARG G 73 -15.78 -33.89 -21.35
CA ARG G 73 -17.03 -33.62 -22.03
C ARG G 73 -17.99 -32.93 -21.05
N ILE G 74 -18.11 -33.51 -19.85
CA ILE G 74 -18.95 -32.91 -18.81
C ILE G 74 -18.45 -31.56 -18.32
N LEU G 75 -17.13 -31.44 -18.16
CA LEU G 75 -16.58 -30.20 -17.65
C LEU G 75 -16.81 -29.12 -18.70
N ASN G 76 -16.60 -29.46 -19.98
CA ASN G 76 -16.89 -28.52 -21.05
C ASN G 76 -18.37 -28.19 -21.19
N GLY G 77 -19.23 -29.11 -20.75
CA GLY G 77 -20.67 -28.86 -20.70
C GLY G 77 -20.99 -27.77 -19.71
N LEU G 78 -20.46 -27.91 -18.49
CA LEU G 78 -20.63 -26.91 -17.44
C LEU G 78 -19.97 -25.59 -17.83
N ASP G 79 -18.83 -25.69 -18.52
CA ASP G 79 -18.13 -24.51 -18.97
C ASP G 79 -18.96 -23.75 -19.99
N LEU G 80 -19.63 -24.51 -20.87
CA LEU G 80 -20.49 -23.95 -21.91
C LEU G 80 -21.60 -23.14 -21.28
N ALA G 81 -22.31 -23.77 -20.35
CA ALA G 81 -23.40 -23.12 -19.64
C ALA G 81 -22.94 -21.83 -18.97
N ILE G 82 -21.84 -21.90 -18.22
CA ILE G 82 -21.33 -20.72 -17.52
C ILE G 82 -20.99 -19.61 -18.51
N ASN G 83 -20.28 -19.98 -19.59
CA ASN G 83 -19.92 -19.02 -20.62
C ASN G 83 -21.10 -18.45 -21.42
N LEU G 84 -22.27 -19.02 -21.23
CA LEU G 84 -23.43 -18.49 -21.93
C LEU G 84 -24.42 -17.81 -21.01
N LEU G 85 -24.05 -17.69 -19.73
CA LEU G 85 -24.95 -17.11 -18.72
C LEU G 85 -25.32 -15.67 -19.07
N ASP G 86 -24.42 -15.01 -19.81
CA ASP G 86 -24.72 -13.64 -20.23
C ASP G 86 -25.53 -13.55 -21.53
N ASP G 87 -26.21 -14.63 -21.89
CA ASP G 87 -27.02 -14.68 -23.10
C ASP G 87 -28.11 -15.72 -22.87
N PRO G 88 -29.10 -15.36 -22.04
CA PRO G 88 -30.10 -16.33 -21.59
C PRO G 88 -30.71 -17.24 -22.68
N PRO G 89 -31.12 -16.71 -23.84
CA PRO G 89 -31.76 -17.56 -24.84
C PRO G 89 -30.81 -18.59 -25.46
N ALA G 90 -29.55 -18.23 -25.66
CA ALA G 90 -28.54 -19.15 -26.17
C ALA G 90 -28.26 -20.23 -25.14
N LEU G 91 -28.23 -19.83 -23.87
CA LEU G 91 -28.03 -20.76 -22.77
C LEU G 91 -29.15 -21.78 -22.70
N ASP G 92 -30.37 -21.31 -22.87
CA ASP G 92 -31.53 -22.18 -22.85
C ASP G 92 -31.49 -23.22 -23.94
N ALA G 93 -31.10 -22.80 -25.15
CA ALA G 93 -30.89 -23.70 -26.27
C ALA G 93 -29.90 -24.81 -25.88
N ALA G 94 -28.77 -24.38 -25.30
CA ALA G 94 -27.70 -25.28 -24.86
C ALA G 94 -28.12 -26.23 -23.73
N LEU G 95 -28.89 -25.74 -22.77
CA LEU G 95 -29.30 -26.57 -21.64
C LEU G 95 -30.38 -27.55 -22.06
N ASP G 96 -31.21 -27.13 -23.01
CA ASP G 96 -32.21 -28.00 -23.63
C ASP G 96 -31.53 -29.16 -24.34
N HIS G 97 -30.54 -28.86 -25.18
CA HIS G 97 -29.73 -29.87 -25.83
C HIS G 97 -29.14 -30.85 -24.80
N LEU G 98 -28.52 -30.31 -23.74
CA LEU G 98 -28.02 -31.17 -22.64
C LEU G 98 -29.12 -32.02 -21.98
N ALA G 99 -30.31 -31.44 -21.84
CA ALA G 99 -31.45 -32.14 -21.25
C ALA G 99 -31.83 -33.38 -22.06
N HIS G 100 -31.94 -33.20 -23.38
CA HIS G 100 -32.19 -34.29 -24.32
C HIS G 100 -31.12 -35.37 -24.21
N GLN G 101 -29.86 -34.93 -24.11
CA GLN G 101 -28.75 -35.85 -23.97
C GLN G 101 -28.84 -36.69 -22.70
N HIS G 102 -29.43 -36.16 -21.64
CA HIS G 102 -29.56 -36.95 -20.41
C HIS G 102 -30.84 -37.78 -20.36
N GLU G 103 -31.88 -37.27 -21.01
CA GLU G 103 -33.17 -37.96 -21.20
C GLU G 103 -33.04 -39.35 -21.85
N VAL G 104 -32.28 -39.44 -22.93
CA VAL G 104 -32.07 -40.72 -23.62
C VAL G 104 -31.22 -41.72 -22.83
N ARG G 105 -30.78 -41.35 -21.62
CA ARG G 105 -29.98 -42.26 -20.80
C ARG G 105 -30.84 -42.87 -19.70
N GLU G 106 -30.92 -44.19 -19.67
CA GLU G 106 -31.77 -44.88 -18.71
C GLU G 106 -31.11 -45.02 -17.35
N GLY G 107 -31.85 -44.66 -16.31
CA GLY G 107 -31.32 -44.66 -14.96
C GLY G 107 -31.03 -43.26 -14.44
N VAL G 108 -30.62 -42.34 -15.31
CA VAL G 108 -30.31 -40.97 -14.88
C VAL G 108 -31.57 -40.28 -14.34
N GLN G 109 -31.52 -39.82 -13.10
CA GLN G 109 -32.69 -39.18 -12.50
C GLN G 109 -32.39 -37.90 -11.73
N LYS G 110 -33.45 -37.15 -11.44
CA LYS G 110 -33.36 -35.83 -10.82
C LYS G 110 -32.59 -35.83 -9.50
N ALA G 111 -32.67 -36.95 -8.78
CA ALA G 111 -31.98 -37.09 -7.50
C ALA G 111 -30.47 -37.03 -7.69
N HIS G 112 -30.00 -37.64 -8.78
CA HIS G 112 -28.59 -37.59 -9.18
C HIS G 112 -28.13 -36.15 -9.41
N PHE G 113 -29.00 -35.34 -10.02
CA PHE G 113 -28.67 -33.95 -10.27
C PHE G 113 -28.67 -33.09 -9.01
N LYS G 114 -29.45 -33.50 -8.01
CA LYS G 114 -29.48 -32.77 -6.73
C LYS G 114 -28.20 -33.06 -5.96
N LYS G 115 -27.78 -34.32 -6.01
CA LYS G 115 -26.57 -34.78 -5.35
C LYS G 115 -25.35 -34.12 -5.97
N PHE G 116 -25.31 -34.11 -7.31
CA PHE G 116 -24.23 -33.48 -8.06
C PHE G 116 -24.08 -32.01 -7.68
N GLY G 117 -25.20 -31.30 -7.60
CA GLY G 117 -25.21 -29.89 -7.19
C GLY G 117 -24.59 -29.66 -5.82
N GLU G 118 -24.92 -30.54 -4.87
CA GLU G 118 -24.29 -30.48 -3.55
C GLU G 118 -22.81 -30.77 -3.66
N ILE G 119 -22.45 -31.88 -4.29
CA ILE G 119 -21.04 -32.24 -4.47
C ILE G 119 -20.28 -31.09 -5.13
N LEU G 120 -20.96 -30.41 -6.06
CA LEU G 120 -20.37 -29.31 -6.80
C LEU G 120 -20.20 -28.06 -5.94
N ALA G 121 -21.19 -27.75 -5.11
CA ALA G 121 -21.12 -26.60 -4.20
C ALA G 121 -20.02 -26.77 -3.15
N THR G 122 -19.74 -28.01 -2.78
CA THR G 122 -18.68 -28.31 -1.83
C THR G 122 -17.30 -28.21 -2.47
N GLY G 123 -17.17 -28.78 -3.67
CA GLY G 123 -15.88 -28.89 -4.33
C GLY G 123 -15.33 -27.60 -4.94
N LEU G 124 -16.20 -26.72 -5.39
CA LEU G 124 -15.74 -25.50 -6.05
C LEU G 124 -14.89 -24.59 -5.17
N PRO G 125 -15.34 -24.31 -3.95
CA PRO G 125 -14.54 -23.53 -3.02
C PRO G 125 -13.22 -24.18 -2.64
N GLN G 126 -13.13 -25.50 -2.76
CA GLN G 126 -11.88 -26.19 -2.48
C GLN G 126 -10.83 -25.93 -3.57
N VAL G 127 -11.27 -25.41 -4.71
CA VAL G 127 -10.33 -25.10 -5.80
C VAL G 127 -10.26 -23.61 -6.14
N LEU G 128 -11.35 -22.89 -5.92
CA LEU G 128 -11.41 -21.46 -6.16
C LEU G 128 -11.30 -20.78 -4.81
N ASP G 129 -10.35 -19.88 -4.68
CA ASP G 129 -10.20 -19.20 -3.39
C ASP G 129 -11.04 -17.93 -3.31
N ASP G 130 -11.85 -17.71 -4.32
CA ASP G 130 -12.79 -16.61 -4.36
C ASP G 130 -14.13 -17.18 -4.81
N TYR G 131 -15.09 -17.28 -3.89
CA TYR G 131 -16.29 -18.04 -4.16
C TYR G 131 -17.53 -17.47 -3.48
N ASP G 132 -18.41 -16.85 -4.26
CA ASP G 132 -19.65 -16.37 -3.70
C ASP G 132 -20.64 -17.52 -3.70
N ALA G 133 -20.85 -18.11 -2.52
CA ALA G 133 -21.71 -19.28 -2.39
C ALA G 133 -23.12 -19.00 -2.88
N LEU G 134 -23.60 -17.78 -2.63
CA LEU G 134 -24.98 -17.43 -2.96
C LEU G 134 -25.21 -17.34 -4.47
N ALA G 135 -24.32 -16.62 -5.16
CA ALA G 135 -24.39 -16.47 -6.60
C ALA G 135 -24.27 -17.82 -7.30
N TRP G 136 -23.26 -18.60 -6.90
CA TRP G 136 -23.04 -19.92 -7.48
C TRP G 136 -24.23 -20.83 -7.30
N LYS G 137 -24.79 -20.84 -6.09
CA LYS G 137 -25.95 -21.67 -5.77
C LYS G 137 -27.16 -21.41 -6.69
N SER G 138 -27.51 -20.14 -6.88
CA SER G 138 -28.64 -19.80 -7.73
C SER G 138 -28.35 -20.12 -9.19
N CYS G 139 -27.15 -19.76 -9.65
CA CYS G 139 -26.78 -20.06 -11.02
C CYS G 139 -26.71 -21.57 -11.27
N LEU G 140 -26.05 -22.33 -10.40
CA LEU G 140 -25.96 -23.78 -10.59
C LEU G 140 -27.32 -24.46 -10.58
N LYS G 141 -28.24 -23.93 -9.78
CA LYS G 141 -29.57 -24.52 -9.66
C LYS G 141 -30.34 -24.39 -10.96
N GLY G 142 -30.34 -23.19 -11.54
CA GLY G 142 -30.95 -22.94 -12.84
C GLY G 142 -30.40 -23.91 -13.87
N ILE G 143 -29.08 -24.00 -13.94
CA ILE G 143 -28.42 -24.89 -14.90
C ILE G 143 -28.81 -26.36 -14.68
N LEU G 144 -28.61 -26.85 -13.46
CA LEU G 144 -28.96 -28.24 -13.09
C LEU G 144 -30.43 -28.61 -13.29
N THR G 145 -31.33 -27.67 -13.03
CA THR G 145 -32.76 -27.91 -13.15
C THR G 145 -33.16 -28.05 -14.62
N LYS G 146 -32.63 -27.16 -15.45
CA LYS G 146 -32.90 -27.21 -16.87
C LYS G 146 -32.35 -28.50 -17.48
N ILE G 147 -31.17 -28.95 -17.04
CA ILE G 147 -30.62 -30.20 -17.60
C ILE G 147 -31.41 -31.44 -17.17
N SER G 148 -32.12 -31.35 -16.05
CA SER G 148 -32.81 -32.52 -15.50
C SER G 148 -34.33 -32.43 -15.59
N SER G 149 -34.83 -31.41 -16.26
CA SER G 149 -36.27 -31.22 -16.43
C SER G 149 -36.87 -32.36 -17.26
N ARG G 150 -36.08 -32.90 -18.20
CA ARG G 150 -36.55 -33.98 -19.07
C ARG G 150 -36.36 -35.38 -18.49
N LEU G 151 -36.22 -35.49 -17.16
CA LEU G 151 -35.94 -36.80 -16.58
C LEU G 151 -37.14 -37.37 -15.84
N GLU H 1 -2.33 -35.51 3.91
CA GLU H 1 -2.99 -36.13 2.71
C GLU H 1 -3.50 -35.03 1.80
N CYS H 2 -2.89 -34.92 0.63
CA CYS H 2 -3.23 -33.88 -0.33
C CYS H 2 -3.97 -34.48 -1.53
N LEU H 3 -5.29 -34.27 -1.54
CA LEU H 3 -6.12 -34.78 -2.63
C LEU H 3 -6.04 -33.86 -3.84
N VAL H 4 -6.86 -34.15 -4.85
CA VAL H 4 -6.81 -33.41 -6.11
C VAL H 4 -7.12 -31.92 -5.94
N THR H 5 -8.18 -31.60 -5.20
CA THR H 5 -8.60 -30.22 -5.07
C THR H 5 -7.59 -29.37 -4.30
N GLU H 6 -6.99 -29.98 -3.27
CA GLU H 6 -6.03 -29.27 -2.44
C GLU H 6 -4.73 -28.99 -3.18
N SER H 7 -4.24 -29.97 -3.92
CA SER H 7 -3.05 -29.77 -4.73
C SER H 7 -3.32 -28.69 -5.75
N LEU H 8 -4.54 -28.69 -6.28
CA LEU H 8 -4.91 -27.72 -7.29
C LEU H 8 -4.98 -26.32 -6.68
N LYS H 9 -5.56 -26.23 -5.49
CA LYS H 9 -5.62 -24.99 -4.71
C LYS H 9 -4.23 -24.45 -4.41
N VAL H 10 -3.32 -25.33 -3.98
CA VAL H 10 -1.96 -24.92 -3.64
C VAL H 10 -1.23 -24.39 -4.87
N LYS H 11 -1.39 -25.07 -6.01
CA LYS H 11 -0.78 -24.61 -7.26
C LYS H 11 -1.27 -23.22 -7.59
N LEU H 12 -2.58 -23.03 -7.58
CA LEU H 12 -3.17 -21.75 -7.95
C LEU H 12 -2.73 -20.65 -6.99
N GLN H 13 -2.78 -20.93 -5.70
CA GLN H 13 -2.41 -19.93 -4.71
C GLN H 13 -0.91 -19.63 -4.76
N TRP H 14 -0.11 -20.66 -5.03
CA TRP H 14 1.32 -20.49 -5.18
C TRP H 14 1.63 -19.59 -6.35
N ALA H 15 0.96 -19.81 -7.49
CA ALA H 15 1.14 -18.92 -8.64
C ALA H 15 1.04 -17.43 -8.26
N SER H 16 0.04 -17.04 -7.46
CA SER H 16 -0.10 -15.64 -7.02
C SER H 16 0.98 -15.20 -6.01
N ALA H 17 1.10 -15.95 -4.91
CA ALA H 17 2.02 -15.60 -3.83
C ALA H 17 3.50 -15.56 -4.24
N PHE H 18 3.92 -16.57 -5.00
CA PHE H 18 5.29 -16.64 -5.47
C PHE H 18 5.67 -15.33 -6.18
N GLY H 19 4.86 -14.96 -7.18
CA GLY H 19 5.14 -13.80 -8.03
C GLY H 19 6.14 -14.11 -9.13
N HIS H 20 6.82 -13.08 -9.64
CA HIS H 20 7.84 -13.27 -10.70
C HIS H 20 9.25 -12.83 -10.34
N ALA H 21 9.82 -11.86 -11.06
CA ALA H 21 11.25 -11.54 -10.88
C ALA H 21 11.64 -11.14 -9.45
N HIS H 22 11.54 -9.84 -9.15
CA HIS H 22 11.93 -9.28 -7.85
C HIS H 22 10.90 -9.56 -6.75
N GLU H 23 9.67 -9.91 -7.14
CA GLU H 23 8.63 -10.25 -6.17
C GLU H 23 8.99 -11.54 -5.42
N ARG H 24 9.71 -12.43 -6.12
CA ARG H 24 10.22 -13.65 -5.54
C ARG H 24 11.30 -13.31 -4.54
N VAL H 25 12.23 -12.48 -4.96
CA VAL H 25 13.37 -12.07 -4.15
C VAL H 25 12.89 -11.53 -2.80
N ALA H 26 11.90 -10.64 -2.81
CA ALA H 26 11.42 -10.03 -1.56
C ALA H 26 10.71 -11.03 -0.67
N PHE H 27 10.03 -11.98 -1.30
CA PHE H 27 9.32 -13.05 -0.61
C PHE H 27 10.30 -13.92 0.14
N GLY H 28 11.32 -14.38 -0.58
CA GLY H 28 12.30 -15.30 -0.02
C GLY H 28 13.03 -14.68 1.14
N LEU H 29 13.40 -13.42 1.00
CA LEU H 29 14.11 -12.70 2.04
C LEU H 29 13.21 -12.56 3.27
N GLU H 30 11.99 -12.06 3.07
CA GLU H 30 11.05 -11.96 4.19
C GLU H 30 10.87 -13.28 4.96
N LEU H 31 10.80 -14.40 4.24
CA LEU H 31 10.65 -15.73 4.85
C LEU H 31 11.86 -16.10 5.71
N TRP H 32 13.05 -16.07 5.14
CA TRP H 32 14.27 -16.43 5.85
C TRP H 32 14.58 -15.50 7.01
N ARG H 33 14.23 -14.22 6.86
CA ARG H 33 14.42 -13.29 7.95
C ARG H 33 13.55 -13.69 9.14
N ASP H 34 12.27 -13.96 8.88
CA ASP H 34 11.35 -14.48 9.89
C ASP H 34 11.89 -15.76 10.55
N ILE H 35 12.35 -16.71 9.73
CA ILE H 35 12.85 -17.99 10.25
C ILE H 35 14.08 -17.82 11.14
N ILE H 36 15.11 -17.13 10.64
CA ILE H 36 16.37 -16.95 11.36
C ILE H 36 16.20 -16.06 12.59
N ASP H 37 15.22 -15.17 12.51
CA ASP H 37 14.83 -14.33 13.63
C ASP H 37 14.30 -15.19 14.79
N ASP H 38 13.36 -16.07 14.45
CA ASP H 38 12.76 -17.01 15.39
C ASP H 38 13.79 -18.04 15.87
N HIS H 39 14.73 -18.40 14.99
CA HIS H 39 15.72 -19.44 15.30
C HIS H 39 17.12 -19.17 14.75
N PRO H 40 17.88 -18.35 15.45
CA PRO H 40 19.26 -18.03 15.04
C PRO H 40 20.20 -19.22 14.79
N GLU H 41 19.89 -20.40 15.33
CA GLU H 41 20.77 -21.58 15.10
C GLU H 41 20.86 -21.94 13.61
N ILE H 42 19.82 -21.58 12.86
CA ILE H 42 19.71 -21.97 11.45
C ILE H 42 20.75 -21.29 10.57
N LYS H 43 21.40 -20.26 11.09
CA LYS H 43 22.45 -19.58 10.33
C LYS H 43 23.69 -20.44 10.18
N ALA H 44 23.98 -21.22 11.21
CA ALA H 44 25.13 -22.12 11.21
C ALA H 44 25.27 -22.94 9.91
N PRO H 45 24.28 -23.75 9.53
CA PRO H 45 24.40 -24.51 8.29
C PRO H 45 24.46 -23.63 7.03
N PHE H 46 24.06 -22.35 7.14
CA PHE H 46 24.06 -21.44 5.98
C PHE H 46 25.37 -20.66 5.83
N SER H 47 26.39 -21.15 6.51
CA SER H 47 27.73 -20.58 6.54
C SER H 47 28.29 -20.29 5.14
N ARG H 48 28.06 -21.20 4.19
CA ARG H 48 28.61 -21.09 2.84
C ARG H 48 27.81 -20.10 1.96
N VAL H 49 26.59 -19.78 2.37
CA VAL H 49 25.71 -18.93 1.55
C VAL H 49 25.44 -17.58 2.22
N ARG H 50 26.34 -17.21 3.13
CA ARG H 50 26.25 -15.98 3.92
C ARG H 50 24.94 -15.83 4.68
N GLY H 51 24.58 -16.85 5.46
CA GLY H 51 23.39 -16.79 6.31
C GLY H 51 23.43 -15.68 7.34
N ASP H 52 24.62 -15.12 7.57
CA ASP H 52 24.80 -14.03 8.53
C ASP H 52 24.34 -12.68 7.97
N ASN H 53 24.24 -12.62 6.64
CA ASN H 53 23.76 -11.44 5.94
C ASN H 53 22.78 -11.85 4.84
N ILE H 54 21.49 -11.89 5.18
CA ILE H 54 20.46 -12.39 4.25
C ILE H 54 20.19 -11.44 3.09
N TYR H 55 20.76 -10.24 3.16
CA TYR H 55 20.58 -9.22 2.16
C TYR H 55 21.74 -9.23 1.18
N SER H 56 22.68 -10.16 1.38
CA SER H 56 23.80 -10.27 0.46
C SER H 56 23.34 -11.00 -0.81
N PRO H 57 24.06 -10.81 -1.91
CA PRO H 57 23.67 -11.47 -3.15
C PRO H 57 23.85 -12.99 -3.06
N GLU H 58 24.78 -13.47 -2.24
CA GLU H 58 25.02 -14.92 -2.07
C GLU H 58 23.84 -15.61 -1.42
N PHE H 59 23.28 -14.98 -0.39
CA PHE H 59 22.12 -15.57 0.27
C PHE H 59 20.89 -15.38 -0.58
N GLY H 60 20.84 -14.26 -1.29
CA GLY H 60 19.76 -13.98 -2.22
C GLY H 60 19.64 -15.10 -3.22
N ALA H 61 20.79 -15.59 -3.68
CA ALA H 61 20.83 -16.68 -4.65
C ALA H 61 20.38 -17.99 -4.04
N HIS H 62 20.83 -18.26 -2.82
CA HIS H 62 20.41 -19.46 -2.14
C HIS H 62 18.89 -19.44 -1.93
N SER H 63 18.39 -18.30 -1.47
CA SER H 63 16.97 -18.06 -1.26
C SER H 63 16.18 -18.34 -2.53
N GLN H 64 16.67 -17.83 -3.66
CA GLN H 64 16.01 -18.08 -4.95
C GLN H 64 16.05 -19.54 -5.31
N ARG H 65 17.19 -20.19 -5.08
CA ARG H 65 17.33 -21.62 -5.30
C ARG H 65 16.28 -22.42 -4.51
N VAL H 66 16.02 -22.01 -3.27
CA VAL H 66 15.03 -22.66 -2.42
C VAL H 66 13.59 -22.53 -2.92
N LEU H 67 13.21 -21.30 -3.27
CA LEU H 67 11.87 -21.02 -3.75
C LEU H 67 11.63 -21.72 -5.08
N SER H 68 12.68 -21.82 -5.90
CA SER H 68 12.58 -22.56 -7.14
C SER H 68 12.38 -24.04 -6.86
N GLY H 69 13.05 -24.53 -5.81
CA GLY H 69 12.85 -25.90 -5.33
C GLY H 69 11.44 -26.15 -4.82
N LEU H 70 10.92 -25.23 -4.02
CA LEU H 70 9.55 -25.32 -3.53
C LEU H 70 8.62 -25.38 -4.73
N ASP H 71 8.94 -24.56 -5.74
CA ASP H 71 8.18 -24.48 -6.96
C ASP H 71 8.13 -25.79 -7.77
N ILE H 72 9.22 -26.54 -7.79
CA ILE H 72 9.26 -27.84 -8.49
C ILE H 72 8.32 -28.81 -7.80
N THR H 73 8.46 -28.89 -6.48
CA THR H 73 7.68 -29.82 -5.69
C THR H 73 6.18 -29.54 -5.75
N ILE H 74 5.82 -28.26 -5.77
CA ILE H 74 4.41 -27.88 -5.83
C ILE H 74 3.84 -28.25 -7.21
N SER H 75 4.64 -28.03 -8.26
CA SER H 75 4.20 -28.37 -9.60
C SER H 75 4.16 -29.88 -9.82
N MET H 76 4.68 -30.64 -8.86
CA MET H 76 4.73 -32.10 -8.94
C MET H 76 3.75 -32.82 -8.02
N LEU H 77 2.95 -32.07 -7.27
CA LEU H 77 2.02 -32.66 -6.29
C LEU H 77 1.06 -33.69 -6.89
N ASP H 78 0.82 -33.59 -8.19
CA ASP H 78 -0.12 -34.46 -8.89
C ASP H 78 0.58 -35.59 -9.66
N THR H 79 1.92 -35.63 -9.64
CA THR H 79 2.66 -36.68 -10.35
C THR H 79 3.53 -37.46 -9.37
N PRO H 80 2.99 -38.50 -8.74
CA PRO H 80 3.73 -39.17 -7.65
C PRO H 80 5.10 -39.75 -8.04
N ASP H 81 5.21 -40.30 -9.24
CA ASP H 81 6.51 -40.83 -9.73
C ASP H 81 7.60 -39.77 -9.65
N MET H 82 7.29 -38.59 -10.19
CA MET H 82 8.20 -37.45 -10.21
C MET H 82 8.43 -36.84 -8.83
N LEU H 83 7.36 -36.70 -8.06
CA LEU H 83 7.47 -36.15 -6.70
C LEU H 83 8.44 -36.98 -5.86
N ALA H 84 8.25 -38.31 -5.88
CA ALA H 84 9.10 -39.24 -5.14
C ALA H 84 10.56 -39.05 -5.52
N ALA H 85 10.86 -39.04 -6.82
CA ALA H 85 12.23 -38.83 -7.27
C ALA H 85 12.80 -37.48 -6.85
N GLN H 86 12.00 -36.42 -7.01
CA GLN H 86 12.43 -35.07 -6.67
C GLN H 86 12.66 -34.87 -5.18
N LEU H 87 11.76 -35.39 -4.35
CA LEU H 87 11.95 -35.32 -2.90
C LEU H 87 13.21 -36.07 -2.49
N ALA H 88 13.43 -37.24 -3.08
CA ALA H 88 14.66 -38.00 -2.86
C ALA H 88 15.89 -37.14 -3.19
N HIS H 89 15.87 -36.47 -4.33
CA HIS H 89 16.94 -35.59 -4.78
C HIS H 89 17.21 -34.46 -3.79
N LEU H 90 16.14 -33.84 -3.30
CA LEU H 90 16.24 -32.76 -2.34
C LEU H 90 16.80 -33.25 -1.01
N LYS H 91 16.37 -34.44 -0.59
CA LYS H 91 16.87 -35.04 0.64
C LYS H 91 18.39 -35.20 0.58
N VAL H 92 18.87 -35.76 -0.53
CA VAL H 92 20.30 -35.93 -0.78
C VAL H 92 21.05 -34.63 -0.52
N GLN H 93 20.49 -33.52 -0.98
CA GLN H 93 21.11 -32.21 -0.82
C GLN H 93 21.07 -31.66 0.59
N HIS H 94 20.30 -32.29 1.47
CA HIS H 94 20.17 -31.80 2.84
C HIS H 94 20.75 -32.77 3.87
N VAL H 95 20.93 -34.03 3.47
CA VAL H 95 21.16 -35.14 4.40
C VAL H 95 22.51 -35.13 5.14
N GLU H 96 23.54 -34.53 4.57
CA GLU H 96 24.84 -34.57 5.24
C GLU H 96 25.16 -33.26 5.95
N ARG H 97 24.13 -32.61 6.46
CA ARG H 97 24.28 -31.35 7.15
C ARG H 97 23.52 -31.50 8.46
N ASN H 98 24.13 -31.05 9.54
CA ASN H 98 23.51 -31.13 10.87
C ASN H 98 22.23 -30.32 10.98
N LEU H 99 21.21 -30.84 10.29
CA LEU H 99 19.91 -30.22 10.23
C LEU H 99 18.98 -31.04 11.09
N LYS H 100 18.51 -30.44 12.17
CA LYS H 100 17.51 -31.03 13.01
C LYS H 100 16.26 -31.11 12.14
N PRO H 101 15.53 -32.21 12.17
CA PRO H 101 14.33 -32.35 11.33
C PRO H 101 13.28 -31.29 11.62
N GLU H 102 13.30 -30.74 12.83
CA GLU H 102 12.32 -29.76 13.22
C GLU H 102 12.57 -28.39 12.55
N PHE H 103 13.80 -28.19 12.05
CA PHE H 103 14.12 -27.01 11.20
C PHE H 103 13.15 -26.88 10.05
N PHE H 104 12.83 -28.00 9.42
CA PHE H 104 11.85 -28.03 8.36
C PHE H 104 10.45 -27.67 8.87
N ASP H 105 10.11 -28.08 10.10
CA ASP H 105 8.82 -27.68 10.68
C ASP H 105 8.76 -26.18 10.91
N ILE H 106 9.85 -25.61 11.42
CA ILE H 106 9.93 -24.16 11.56
C ILE H 106 9.77 -23.53 10.20
N PHE H 107 10.44 -24.10 9.19
CA PHE H 107 10.30 -23.60 7.84
C PHE H 107 8.82 -23.55 7.41
N LEU H 108 8.08 -24.62 7.71
CA LEU H 108 6.65 -24.66 7.36
C LEU H 108 5.80 -23.64 8.11
N LYS H 109 6.03 -23.50 9.41
CA LYS H 109 5.30 -22.53 10.22
C LYS H 109 5.43 -21.14 9.58
N HIS H 110 6.65 -20.82 9.13
CA HIS H 110 6.93 -19.51 8.60
C HIS H 110 6.49 -19.34 7.15
N LEU H 111 6.59 -20.41 6.36
CA LEU H 111 6.08 -20.35 4.99
C LEU H 111 4.59 -20.04 5.02
N LEU H 112 3.85 -20.78 5.85
CA LEU H 112 2.40 -20.58 5.99
C LEU H 112 2.05 -19.19 6.52
N HIS H 113 2.85 -18.70 7.46
CA HIS H 113 2.68 -17.36 8.00
C HIS H 113 2.86 -16.28 6.93
N VAL H 114 3.97 -16.35 6.20
CA VAL H 114 4.19 -15.36 5.13
C VAL H 114 3.19 -15.50 3.99
N LEU H 115 2.83 -16.73 3.63
CA LEU H 115 1.83 -16.93 2.57
C LEU H 115 0.51 -16.36 3.02
N GLY H 116 0.20 -16.54 4.30
CA GLY H 116 -0.97 -15.93 4.92
C GLY H 116 -1.10 -14.44 4.69
N ASP H 117 0.00 -13.71 4.91
CA ASP H 117 0.03 -12.26 4.65
C ASP H 117 -0.24 -11.95 3.20
N ARG H 118 0.42 -12.68 2.30
CA ARG H 118 0.25 -12.44 0.89
C ARG H 118 -1.18 -12.69 0.40
N LEU H 119 -1.75 -13.84 0.74
CA LEU H 119 -3.01 -14.27 0.11
C LEU H 119 -4.22 -13.80 0.90
N GLY H 120 -4.01 -13.50 2.17
CA GLY H 120 -5.04 -12.99 3.06
C GLY H 120 -5.99 -14.05 3.58
N THR H 121 -7.24 -13.66 3.79
CA THR H 121 -8.28 -14.56 4.29
C THR H 121 -8.66 -15.68 3.32
N HIS H 122 -8.28 -15.53 2.05
CA HIS H 122 -8.54 -16.53 1.02
C HIS H 122 -7.57 -17.71 1.10
N PHE H 123 -6.55 -17.55 1.93
CA PHE H 123 -5.48 -18.54 2.09
C PHE H 123 -6.02 -19.90 2.54
N ASP H 124 -5.84 -20.91 1.71
CA ASP H 124 -6.33 -22.24 2.04
C ASP H 124 -5.31 -22.96 2.92
N PHE H 125 -5.27 -22.53 4.19
CA PHE H 125 -4.41 -23.11 5.21
C PHE H 125 -4.48 -24.62 5.25
N GLY H 126 -5.71 -25.16 5.27
CA GLY H 126 -5.92 -26.60 5.30
C GLY H 126 -5.19 -27.29 4.17
N ALA H 127 -5.42 -26.82 2.95
CA ALA H 127 -4.79 -27.39 1.76
C ALA H 127 -3.28 -27.26 1.81
N TRP H 128 -2.79 -26.04 2.04
CA TRP H 128 -1.35 -25.81 2.11
C TRP H 128 -0.66 -26.73 3.08
N HIS H 129 -1.20 -26.76 4.30
CA HIS H 129 -0.66 -27.58 5.35
C HIS H 129 -0.53 -29.05 4.96
N ASP H 130 -1.64 -29.63 4.52
CA ASP H 130 -1.63 -31.02 4.09
C ASP H 130 -0.56 -31.23 3.03
N CYS H 131 -0.73 -30.50 1.93
CA CYS H 131 0.16 -30.52 0.77
C CYS H 131 1.64 -30.33 1.01
N VAL H 132 2.02 -29.22 1.65
CA VAL H 132 3.43 -28.93 1.85
C VAL H 132 4.06 -29.87 2.89
N ASP H 133 3.24 -30.30 3.85
CA ASP H 133 3.68 -31.22 4.90
C ASP H 133 4.33 -32.44 4.29
N GLN H 134 3.69 -32.94 3.23
CA GLN H 134 4.17 -34.04 2.45
C GLN H 134 5.53 -33.76 1.82
N ILE H 135 5.69 -32.57 1.25
CA ILE H 135 6.96 -32.18 0.65
C ILE H 135 8.04 -32.17 1.73
N ILE H 136 7.74 -31.53 2.86
CA ILE H 136 8.66 -31.50 4.00
C ILE H 136 9.08 -32.89 4.47
N ASP H 137 8.13 -33.82 4.60
CA ASP H 137 8.44 -35.17 5.09
C ASP H 137 9.40 -35.91 4.18
N GLY H 138 9.28 -35.66 2.88
CA GLY H 138 10.15 -36.27 1.89
C GLY H 138 11.58 -35.76 1.92
N ILE H 139 11.79 -34.58 2.52
CA ILE H 139 13.12 -33.97 2.58
C ILE H 139 13.74 -34.15 3.96
N LYS H 140 12.91 -33.92 4.97
CA LYS H 140 13.25 -33.98 6.39
C LYS H 140 14.12 -35.19 6.74
N ASP I 5 1.19 37.80 13.24
CA ASP I 5 2.45 37.25 13.82
C ASP I 5 2.29 35.86 14.46
N CYS I 6 1.26 35.14 14.02
CA CYS I 6 1.05 33.77 14.45
C CYS I 6 1.69 32.91 13.37
N CYS I 7 2.13 31.72 13.75
CA CYS I 7 2.69 30.79 12.79
C CYS I 7 1.56 30.02 12.09
N SER I 8 1.12 30.49 10.93
CA SER I 8 0.03 29.84 10.20
C SER I 8 0.43 28.49 9.62
N TYR I 9 -0.57 27.74 9.16
CA TYR I 9 -0.35 26.47 8.50
C TYR I 9 0.42 26.64 7.18
N GLU I 10 0.11 27.72 6.48
CA GLU I 10 0.80 28.09 5.25
C GLU I 10 2.25 28.44 5.51
N ASP I 11 2.52 29.13 6.61
CA ASP I 11 3.91 29.45 6.96
C ASP I 11 4.67 28.17 7.26
N ARG I 12 4.08 27.29 8.06
CA ARG I 12 4.72 26.00 8.38
C ARG I 12 5.05 25.20 7.14
N ARG I 13 4.13 25.20 6.19
CA ARG I 13 4.31 24.49 4.94
C ARG I 13 5.38 25.18 4.10
N GLU I 14 5.38 26.51 4.10
CA GLU I 14 6.45 27.28 3.48
C GLU I 14 7.83 26.93 4.05
N ILE I 15 7.92 26.85 5.38
CA ILE I 15 9.20 26.60 6.05
C ILE I 15 9.75 25.21 5.71
N ARG I 16 8.86 24.21 5.65
CA ARG I 16 9.23 22.88 5.15
C ARG I 16 9.93 22.96 3.79
N HIS I 17 9.35 23.69 2.84
CA HIS I 17 9.96 23.83 1.53
C HIS I 17 11.34 24.50 1.62
N ILE I 18 11.40 25.64 2.31
CA ILE I 18 12.67 26.30 2.58
C ILE I 18 13.67 25.28 3.12
N TRP I 19 13.27 24.56 4.17
CA TRP I 19 14.20 23.72 4.92
C TRP I 19 14.90 22.61 4.15
N ASP I 20 14.20 22.06 3.15
CA ASP I 20 14.79 21.06 2.27
C ASP I 20 16.06 21.55 1.58
N ASP I 21 16.12 22.86 1.35
CA ASP I 21 17.24 23.47 0.63
C ASP I 21 18.41 23.85 1.51
N VAL I 22 18.17 24.30 2.74
CA VAL I 22 19.28 24.56 3.65
C VAL I 22 19.84 23.24 4.17
N TRP I 23 18.93 22.33 4.52
CA TRP I 23 19.28 21.04 5.12
C TRP I 23 19.40 19.95 4.06
N SER I 24 20.46 20.03 3.26
CA SER I 24 20.65 19.04 2.23
C SER I 24 21.48 17.90 2.79
N SER I 25 22.62 17.67 2.17
CA SER I 25 23.50 16.54 2.45
C SER I 25 23.42 15.97 3.85
N SER I 26 23.63 14.65 3.93
CA SER I 26 23.81 13.93 5.18
C SER I 26 25.30 13.91 5.56
N PHE I 27 25.97 15.01 5.23
CA PHE I 27 27.31 15.33 5.68
C PHE I 27 27.14 16.58 6.50
N THR I 28 28.10 16.88 7.37
CA THR I 28 27.91 18.01 8.27
C THR I 28 28.38 19.35 7.75
N ASP I 29 29.23 19.35 6.74
CA ASP I 29 29.88 20.57 6.27
C ASP I 29 28.96 21.76 6.12
N ARG I 30 27.85 21.56 5.42
CA ARG I 30 26.92 22.63 5.16
C ARG I 30 26.23 23.07 6.44
N ARG I 31 25.71 22.11 7.21
CA ARG I 31 25.05 22.44 8.48
C ARG I 31 26.06 22.85 9.55
N VAL I 32 27.34 22.37 9.51
CA VAL I 32 28.34 23.17 10.33
C VAL I 32 28.45 24.67 9.92
N ALA I 33 28.67 24.98 8.64
CA ALA I 33 28.98 26.37 8.22
C ALA I 33 27.85 27.37 8.42
N ILE I 34 26.63 26.94 8.17
CA ILE I 34 25.48 27.84 8.30
C ILE I 34 25.26 28.22 9.75
N VAL I 35 25.29 27.24 10.67
CA VAL I 35 25.11 27.52 12.10
C VAL I 35 26.28 28.30 12.67
N ARG I 36 27.49 28.03 12.19
CA ARG I 36 28.66 28.81 12.58
C ARG I 36 28.47 30.28 12.21
N ALA I 37 27.97 30.52 10.99
CA ALA I 37 27.70 31.87 10.53
C ALA I 37 26.59 32.52 11.37
N VAL I 38 25.58 31.74 11.73
CA VAL I 38 24.52 32.22 12.63
C VAL I 38 25.11 32.69 13.96
N PHE I 39 26.03 31.90 14.52
CA PHE I 39 26.67 32.23 15.80
C PHE I 39 27.63 33.40 15.69
N ASP I 40 28.43 33.44 14.63
CA ASP I 40 29.24 34.62 14.35
C ASP I 40 28.38 35.87 14.35
N ASP I 41 27.21 35.79 13.72
CA ASP I 41 26.27 36.91 13.71
C ASP I 41 25.82 37.25 15.13
N LEU I 42 25.41 36.24 15.91
CA LEU I 42 25.01 36.46 17.29
C LEU I 42 26.11 37.15 18.12
N PHE I 43 27.35 36.66 17.99
CA PHE I 43 28.47 37.18 18.75
C PHE I 43 28.87 38.59 18.33
N LYS I 44 28.46 38.97 17.13
CA LYS I 44 28.76 40.30 16.63
C LYS I 44 27.75 41.27 17.23
N HIS I 45 26.52 40.82 17.41
CA HIS I 45 25.48 41.69 17.94
C HIS I 45 25.30 41.60 19.45
N TYR I 46 25.75 40.49 20.04
CA TYR I 46 25.71 40.29 21.49
C TYR I 46 26.97 39.56 21.92
N PRO I 47 28.11 40.24 21.88
CA PRO I 47 29.41 39.61 22.14
C PRO I 47 29.56 38.88 23.48
N THR I 48 28.88 39.36 24.53
CA THR I 48 29.00 38.66 25.82
C THR I 48 28.38 37.26 25.81
N SER I 49 27.56 36.95 24.81
CA SER I 49 26.98 35.60 24.70
C SER I 49 28.05 34.57 24.40
N LYS I 50 29.17 35.02 23.84
CA LYS I 50 30.20 34.09 23.37
C LYS I 50 30.80 33.32 24.52
N ALA I 51 30.74 33.89 25.72
CA ALA I 51 31.26 33.22 26.90
C ALA I 51 30.42 32.03 27.38
N LEU I 52 29.23 31.83 26.81
CA LEU I 52 28.38 30.70 27.20
C LEU I 52 28.84 29.36 26.62
N PHE I 53 29.81 29.41 25.71
CA PHE I 53 30.21 28.24 24.94
C PHE I 53 31.61 27.74 25.22
N GLU I 54 32.14 28.02 26.41
CA GLU I 54 33.49 27.59 26.73
C GLU I 54 33.56 26.10 27.01
N ARG I 55 32.46 25.54 27.49
CA ARG I 55 32.38 24.10 27.73
C ARG I 55 32.47 23.30 26.42
N VAL I 56 31.95 23.86 25.32
CA VAL I 56 32.01 23.19 24.01
C VAL I 56 33.17 23.70 23.14
N LYS I 57 34.06 24.45 23.77
CA LYS I 57 35.34 24.90 23.20
C LYS I 57 35.28 25.88 22.02
N ILE I 58 34.48 26.95 22.09
CA ILE I 58 34.59 28.04 21.08
C ILE I 58 36.03 28.48 20.89
N ASP I 59 36.83 28.44 21.97
CA ASP I 59 38.23 28.86 21.89
C ASP I 59 38.98 28.08 20.82
N GLU I 60 38.47 26.88 20.52
CA GLU I 60 39.01 26.05 19.44
C GLU I 60 37.90 25.78 18.42
N PRO I 61 37.61 26.77 17.56
CA PRO I 61 36.43 26.73 16.70
C PRO I 61 36.39 25.61 15.65
N GLU I 62 37.48 24.86 15.53
CA GLU I 62 37.55 23.77 14.55
C GLU I 62 37.79 22.44 15.28
N SER I 63 37.47 22.43 16.58
CA SER I 63 37.88 21.33 17.47
C SER I 63 37.08 20.05 17.34
N GLY I 64 35.87 20.09 16.81
CA GLY I 64 35.14 18.82 16.70
C GLY I 64 34.15 18.72 17.84
N GLU I 65 34.58 19.03 19.07
CA GLU I 65 33.62 19.17 20.16
C GLU I 65 32.75 20.41 19.93
N PHE I 66 33.35 21.47 19.40
CA PHE I 66 32.60 22.67 19.06
C PHE I 66 31.82 22.49 17.76
N LYS I 67 32.45 21.85 16.77
CA LYS I 67 31.78 21.54 15.52
C LYS I 67 30.59 20.63 15.77
N SER I 68 30.72 19.70 16.71
CA SER I 68 29.60 18.80 17.03
C SER I 68 28.52 19.53 17.80
N HIS I 69 28.92 20.52 18.61
CA HIS I 69 27.94 21.38 19.26
C HIS I 69 27.11 22.11 18.22
N LEU I 70 27.78 22.59 17.16
CA LEU I 70 27.12 23.32 16.09
C LEU I 70 26.11 22.43 15.36
N VAL I 71 26.49 21.17 15.18
CA VAL I 71 25.63 20.18 14.55
C VAL I 71 24.46 19.85 15.46
N ARG I 72 24.69 19.82 16.77
CA ARG I 72 23.61 19.50 17.70
C ARG I 72 22.51 20.55 17.63
N VAL I 73 22.94 21.79 17.43
CA VAL I 73 22.03 22.92 17.28
C VAL I 73 21.33 22.83 15.95
N ALA I 74 22.11 22.59 14.89
CA ALA I 74 21.56 22.36 13.57
C ALA I 74 20.48 21.27 13.63
N ASN I 75 20.83 20.10 14.17
CA ASN I 75 19.86 19.00 14.27
C ASN I 75 18.69 19.28 15.20
N GLY I 76 18.91 20.12 16.21
CA GLY I 76 17.82 20.52 17.11
C GLY I 76 16.79 21.36 16.36
N LEU I 77 17.30 22.20 15.47
CA LEU I 77 16.45 23.06 14.65
C LEU I 77 15.72 22.23 13.59
N LYS I 78 16.45 21.30 12.97
CA LYS I 78 15.91 20.33 12.02
C LYS I 78 14.82 19.53 12.71
N LEU I 79 15.05 19.18 13.98
CA LEU I 79 14.05 18.47 14.75
C LEU I 79 12.77 19.29 14.85
N LEU I 80 12.91 20.57 15.19
CA LEU I 80 11.76 21.45 15.35
C LEU I 80 10.98 21.64 14.06
N ILE I 81 11.70 21.87 12.95
CA ILE I 81 11.06 22.02 11.64
C ILE I 81 10.25 20.77 11.30
N ASN I 82 10.82 19.59 11.53
CA ASN I 82 10.17 18.33 11.23
C ASN I 82 9.08 17.91 12.23
N LEU I 83 8.82 18.77 13.19
CA LEU I 83 7.73 18.58 14.13
C LEU I 83 6.62 19.57 13.88
N LEU I 84 6.85 20.50 12.95
CA LEU I 84 5.88 21.56 12.67
C LEU I 84 4.51 21.06 12.22
N ASP I 85 4.40 19.76 11.98
CA ASP I 85 3.16 19.14 11.55
C ASP I 85 2.65 18.09 12.54
N ASP I 86 3.37 17.94 13.65
CA ASP I 86 2.97 17.09 14.74
C ASP I 86 2.97 17.96 16.00
N THR I 87 1.99 18.85 16.03
CA THR I 87 1.95 19.97 16.98
C THR I 87 1.95 19.60 18.45
N LEU I 88 1.33 18.48 18.80
CA LEU I 88 1.35 18.05 20.20
C LEU I 88 2.73 17.53 20.60
N VAL I 89 3.36 16.74 19.73
CA VAL I 89 4.73 16.31 19.97
C VAL I 89 5.61 17.56 20.08
N LEU I 90 5.38 18.51 19.16
CA LEU I 90 6.15 19.76 19.09
C LEU I 90 6.10 20.51 20.42
N GLN I 91 4.89 20.68 20.93
CA GLN I 91 4.62 21.35 22.20
C GLN I 91 5.43 20.72 23.32
N SER I 92 5.32 19.40 23.46
CA SER I 92 6.06 18.65 24.46
C SER I 92 7.56 18.89 24.31
N HIS I 93 8.09 18.60 23.13
CA HIS I 93 9.52 18.73 22.90
C HIS I 93 10.09 20.13 23.16
N LEU I 94 9.31 21.15 22.81
CA LEU I 94 9.73 22.55 22.99
C LEU I 94 10.06 22.82 24.46
N GLY I 95 9.27 22.23 25.37
CA GLY I 95 9.52 22.33 26.80
C GLY I 95 10.84 21.68 27.17
N HIS I 96 11.06 20.50 26.61
CA HIS I 96 12.33 19.81 26.82
C HIS I 96 13.50 20.71 26.46
N LEU I 97 13.41 21.36 25.30
CA LEU I 97 14.48 22.23 24.81
C LEU I 97 14.64 23.45 25.72
N ALA I 98 13.52 23.96 26.19
CA ALA I 98 13.48 25.03 27.18
C ALA I 98 14.24 24.64 28.43
N ASP I 99 13.96 23.45 28.96
CA ASP I 99 14.62 22.99 30.18
C ASP I 99 16.12 22.85 30.01
N GLN I 100 16.57 22.42 28.83
CA GLN I 100 17.99 22.34 28.57
C GLN I 100 18.65 23.71 28.61
N HIS I 101 17.94 24.74 28.15
CA HIS I 101 18.50 26.08 28.16
C HIS I 101 18.35 26.80 29.51
N ILE I 102 17.32 26.47 30.27
CA ILE I 102 17.17 27.01 31.63
C ILE I 102 18.30 26.53 32.55
N GLN I 103 18.85 25.35 32.26
CA GLN I 103 19.89 24.77 33.11
C GLN I 103 21.27 25.33 32.79
N ARG I 104 21.31 26.23 31.79
CA ARG I 104 22.52 26.95 31.45
C ARG I 104 22.30 28.39 31.87
N LYS I 105 22.78 28.74 33.06
CA LYS I 105 22.62 30.09 33.57
C LYS I 105 23.40 31.05 32.66
N GLY I 106 22.80 32.19 32.32
CA GLY I 106 23.45 33.11 31.39
C GLY I 106 22.70 33.23 30.08
N VAL I 107 21.99 32.17 29.69
CA VAL I 107 21.15 32.20 28.48
C VAL I 107 19.94 33.07 28.77
N THR I 108 19.73 34.12 27.98
CA THR I 108 18.65 35.06 28.24
C THR I 108 17.66 35.14 27.09
N LYS I 109 16.51 35.75 27.37
CA LYS I 109 15.53 36.06 26.35
C LYS I 109 16.15 36.92 25.26
N GLU I 110 17.03 37.83 25.67
CA GLU I 110 17.70 38.72 24.73
C GLU I 110 18.56 37.95 23.73
N TYR I 111 19.32 36.97 24.21
CA TYR I 111 20.16 36.19 23.33
C TYR I 111 19.34 35.38 22.32
N PHE I 112 18.17 34.92 22.74
CA PHE I 112 17.26 34.20 21.85
C PHE I 112 16.60 35.08 20.80
N ARG I 113 16.38 36.34 21.15
CA ARG I 113 15.96 37.36 20.19
C ARG I 113 17.06 37.48 19.14
N GLY I 114 18.30 37.53 19.63
CA GLY I 114 19.49 37.69 18.82
C GLY I 114 19.72 36.56 17.83
N ILE I 115 19.48 35.32 18.26
CA ILE I 115 19.64 34.19 17.35
C ILE I 115 18.55 34.24 16.25
N GLY I 116 17.38 34.76 16.61
CA GLY I 116 16.30 34.98 15.65
C GLY I 116 16.73 35.98 14.58
N GLU I 117 17.33 37.08 15.02
CA GLU I 117 17.83 38.11 14.11
C GLU I 117 18.97 37.56 13.27
N ALA I 118 19.76 36.67 13.87
CA ALA I 118 20.92 36.08 13.19
C ALA I 118 20.47 35.17 12.05
N PHE I 119 19.50 34.31 12.34
CA PHE I 119 18.88 33.46 11.33
C PHE I 119 18.25 34.25 10.19
N ALA I 120 17.53 35.32 10.55
CA ALA I 120 16.86 36.19 9.57
C ALA I 120 17.82 36.85 8.59
N ARG I 121 19.05 37.07 9.06
CA ARG I 121 20.07 37.80 8.33
C ARG I 121 20.93 36.82 7.53
N VAL I 122 21.10 35.61 8.07
CA VAL I 122 21.97 34.60 7.45
C VAL I 122 21.24 33.71 6.43
N LEU I 123 20.07 33.20 6.79
CA LEU I 123 19.35 32.31 5.86
C LEU I 123 19.17 32.92 4.46
N PRO I 124 18.75 34.17 4.34
CA PRO I 124 18.64 34.80 3.02
C PRO I 124 19.94 34.83 2.22
N GLN I 125 21.07 34.59 2.88
CA GLN I 125 22.35 34.57 2.19
C GLN I 125 22.73 33.18 1.71
N VAL I 126 22.07 32.16 2.25
CA VAL I 126 22.37 30.79 1.84
C VAL I 126 21.38 30.28 0.80
N LEU I 127 20.19 30.87 0.76
CA LEU I 127 19.24 30.52 -0.29
C LEU I 127 18.40 31.70 -0.76
N SER I 128 18.11 31.72 -2.05
CA SER I 128 17.25 32.75 -2.62
C SER I 128 15.82 32.23 -2.65
N CYS I 129 14.87 33.13 -2.85
CA CYS I 129 13.44 32.81 -2.72
C CYS I 129 13.14 32.27 -1.30
N PHE I 130 13.80 32.86 -0.31
CA PHE I 130 13.54 32.52 1.09
C PHE I 130 12.48 33.49 1.62
N ASN I 131 11.35 32.95 2.09
CA ASN I 131 10.28 33.74 2.72
C ASN I 131 10.66 34.09 4.16
N VAL I 132 11.40 35.19 4.34
CA VAL I 132 11.90 35.54 5.67
C VAL I 132 10.75 35.82 6.66
N ASP I 133 9.68 36.43 6.18
CA ASP I 133 8.52 36.74 7.01
C ASP I 133 7.88 35.49 7.59
N ALA I 134 7.64 34.49 6.74
CA ALA I 134 7.03 33.25 7.20
C ALA I 134 7.97 32.56 8.18
N TRP I 135 9.27 32.63 7.89
CA TRP I 135 10.29 32.09 8.76
C TRP I 135 10.32 32.79 10.12
N ASN I 136 10.32 34.12 10.13
CA ASN I 136 10.40 34.84 11.40
C ASN I 136 9.18 34.60 12.29
N ARG I 137 8.03 34.49 11.65
CA ARG I 137 6.77 34.35 12.37
C ARG I 137 6.78 33.06 13.16
N CYS I 138 7.29 32.00 12.54
CA CYS I 138 7.31 30.69 13.16
C CYS I 138 8.48 30.54 14.11
N PHE I 139 9.62 31.09 13.72
CA PHE I 139 10.79 31.08 14.59
C PHE I 139 10.51 31.79 15.91
N HIS I 140 9.83 32.93 15.85
CA HIS I 140 9.42 33.70 17.02
C HIS I 140 8.48 32.90 17.92
N ARG I 141 7.53 32.19 17.32
CA ARG I 141 6.62 31.35 18.08
C ARG I 141 7.42 30.26 18.78
N LEU I 142 8.36 29.64 18.08
CA LEU I 142 9.18 28.57 18.65
C LEU I 142 10.05 29.11 19.80
N VAL I 143 10.72 30.22 19.52
CA VAL I 143 11.56 30.92 20.50
C VAL I 143 10.74 31.40 21.70
N ALA I 144 9.53 31.89 21.47
CA ALA I 144 8.70 32.43 22.54
C ALA I 144 8.58 31.39 23.65
N ARG I 145 8.31 30.16 23.23
CA ARG I 145 8.17 29.04 24.14
C ARG I 145 9.51 28.59 24.76
N ILE I 146 10.56 28.51 23.95
CA ILE I 146 11.87 28.05 24.46
C ILE I 146 12.39 28.99 25.56
N ALA I 147 12.14 30.28 25.39
CA ALA I 147 12.68 31.31 26.28
C ALA I 147 11.66 31.85 27.28
N LYS I 148 10.53 31.16 27.42
CA LYS I 148 9.45 31.61 28.31
C LYS I 148 9.97 31.98 29.70
N ASP I 149 10.84 31.14 30.27
CA ASP I 149 11.31 31.31 31.65
C ASP I 149 12.80 31.64 31.77
N LEU I 150 13.40 31.98 30.64
CA LEU I 150 14.84 32.22 30.56
C LEU I 150 15.44 33.44 31.27
N PRO I 151 14.81 34.61 31.15
CA PRO I 151 15.53 35.89 31.31
C PRO I 151 16.44 35.93 32.54
N LYS J 1 31.59 44.08 -5.24
CA LYS J 1 30.39 44.51 -4.46
C LYS J 1 30.06 43.55 -3.32
N LYS J 2 30.62 42.33 -3.40
CA LYS J 2 30.42 41.27 -2.41
C LYS J 2 31.58 40.31 -2.58
N GLN J 3 32.04 39.70 -1.49
CA GLN J 3 33.19 38.80 -1.59
C GLN J 3 32.78 37.33 -1.60
N CYS J 4 33.56 36.49 -2.24
CA CYS J 4 33.26 35.06 -2.25
C CYS J 4 33.65 34.49 -0.90
N GLY J 5 32.80 34.72 0.09
CA GLY J 5 32.96 34.15 1.43
C GLY J 5 32.21 32.85 1.62
N VAL J 6 32.24 32.33 2.84
CA VAL J 6 31.54 31.10 3.19
C VAL J 6 30.12 31.02 2.63
N LEU J 7 29.29 31.99 3.00
CA LEU J 7 27.88 31.99 2.65
C LEU J 7 27.64 32.06 1.15
N GLU J 8 28.36 32.94 0.48
CA GLU J 8 28.19 33.08 -0.96
C GLU J 8 28.72 31.85 -1.71
N GLY J 9 29.76 31.22 -1.17
CA GLY J 9 30.26 29.96 -1.73
C GLY J 9 29.22 28.86 -1.59
N LEU J 10 28.54 28.86 -0.44
CA LEU J 10 27.51 27.89 -0.12
C LEU J 10 26.34 28.07 -1.09
N LYS J 11 25.89 29.31 -1.25
CA LYS J 11 24.83 29.63 -2.19
C LYS J 11 25.17 29.22 -3.63
N VAL J 12 26.32 29.68 -4.13
CA VAL J 12 26.72 29.37 -5.51
C VAL J 12 26.77 27.86 -5.72
N LYS J 13 27.30 27.13 -4.76
CA LYS J 13 27.34 25.66 -4.83
C LYS J 13 25.95 25.05 -5.07
N SER J 14 24.98 25.47 -4.27
CA SER J 14 23.62 24.98 -4.43
C SER J 14 23.06 25.35 -5.79
N GLU J 15 23.15 26.63 -6.14
CA GLU J 15 22.54 27.16 -7.36
C GLU J 15 23.18 26.56 -8.61
N TRP J 16 24.48 26.29 -8.55
CA TRP J 16 25.18 25.58 -9.62
C TRP J 16 24.62 24.17 -9.75
N GLY J 17 24.47 23.48 -8.62
CA GLY J 17 23.92 22.12 -8.60
C GLY J 17 22.62 22.06 -9.38
N ARG J 18 21.75 23.01 -9.09
CA ARG J 18 20.44 23.15 -9.74
C ARG J 18 20.47 23.60 -11.21
N ALA J 19 21.38 24.51 -11.57
CA ALA J 19 21.50 24.97 -12.96
C ALA J 19 22.21 23.97 -13.87
N TYR J 20 23.21 23.29 -13.31
CA TYR J 20 24.10 22.41 -14.07
C TYR J 20 23.39 21.24 -14.77
N GLY J 21 22.49 20.56 -14.05
CA GLY J 21 21.70 19.46 -14.64
C GLY J 21 22.54 18.32 -15.17
N SER J 22 21.99 17.56 -16.12
CA SER J 22 22.66 16.37 -16.66
C SER J 22 22.13 15.96 -18.03
N GLY J 23 22.84 15.04 -18.68
CA GLY J 23 22.49 14.59 -20.02
C GLY J 23 22.26 15.74 -20.98
N HIS J 24 21.15 15.68 -21.71
CA HIS J 24 20.83 16.67 -22.73
C HIS J 24 20.75 18.10 -22.19
N ASP J 25 20.16 18.27 -21.00
CA ASP J 25 20.11 19.56 -20.31
C ASP J 25 21.50 20.14 -20.10
N ARG J 26 22.47 19.28 -19.79
CA ARG J 26 23.84 19.72 -19.54
C ARG J 26 24.52 20.13 -20.84
N GLU J 27 24.31 19.35 -21.90
CA GLU J 27 24.82 19.71 -23.21
C GLU J 27 24.32 21.08 -23.63
N ALA J 28 23.01 21.30 -23.47
CA ALA J 28 22.36 22.55 -23.85
C ALA J 28 22.90 23.71 -23.02
N PHE J 29 23.03 23.47 -21.72
CA PHE J 29 23.59 24.44 -20.77
C PHE J 29 25.01 24.83 -21.17
N SER J 30 25.82 23.80 -21.44
CA SER J 30 27.19 23.96 -21.93
C SER J 30 27.23 24.83 -23.17
N GLN J 31 26.29 24.59 -24.09
CA GLN J 31 26.25 25.32 -25.35
C GLN J 31 25.81 26.75 -25.13
N ALA J 32 24.72 26.92 -24.38
CA ALA J 32 24.18 28.24 -24.10
C ALA J 32 25.25 29.20 -23.55
N ILE J 33 26.11 28.69 -22.66
CA ILE J 33 27.18 29.51 -22.08
C ILE J 33 28.19 29.97 -23.14
N TRP J 34 28.67 29.04 -23.96
CA TRP J 34 29.63 29.40 -25.01
C TRP J 34 29.07 30.34 -26.06
N ARG J 35 27.82 30.13 -26.44
CA ARG J 35 27.16 31.01 -27.40
C ARG J 35 27.03 32.43 -26.86
N ALA J 36 26.69 32.55 -25.58
CA ALA J 36 26.59 33.87 -24.96
C ALA J 36 27.98 34.50 -24.89
N THR J 37 29.01 33.69 -24.65
CA THR J 37 30.38 34.20 -24.62
C THR J 37 30.74 34.76 -25.99
N PHE J 38 30.53 33.95 -27.02
CA PHE J 38 30.82 34.34 -28.39
C PHE J 38 30.01 35.53 -28.85
N ALA J 39 28.73 35.59 -28.49
CA ALA J 39 27.90 36.74 -28.83
C ALA J 39 28.52 38.04 -28.29
N GLN J 40 29.16 37.96 -27.12
CA GLN J 40 29.77 39.13 -26.52
C GLN J 40 31.18 39.43 -27.03
N VAL J 41 31.99 38.39 -27.25
CA VAL J 41 33.34 38.61 -27.79
C VAL J 41 33.63 37.70 -28.97
N PRO J 42 32.97 37.91 -30.11
CA PRO J 42 33.11 36.99 -31.27
C PRO J 42 34.57 36.77 -31.67
N GLU J 43 35.45 37.68 -31.23
CA GLU J 43 36.90 37.56 -31.40
C GLU J 43 37.48 36.28 -30.82
N SER J 44 36.97 35.90 -29.64
CA SER J 44 37.45 34.77 -28.87
C SER J 44 37.30 33.44 -29.59
N ARG J 45 36.34 33.38 -30.51
CA ARG J 45 36.03 32.19 -31.28
C ARG J 45 37.25 31.57 -31.96
N SER J 46 38.15 32.42 -32.45
CA SER J 46 39.34 31.96 -33.18
C SER J 46 40.22 31.05 -32.34
N LEU J 47 40.12 31.16 -31.02
CA LEU J 47 40.93 30.34 -30.12
C LEU J 47 40.47 28.89 -30.12
N PHE J 48 39.25 28.66 -30.60
CA PHE J 48 38.62 27.34 -30.50
C PHE J 48 38.54 26.63 -31.85
N LYS J 49 39.38 27.06 -32.80
CA LYS J 49 39.39 26.46 -34.13
C LYS J 49 39.77 24.97 -34.05
N ARG J 50 40.74 24.64 -33.19
CA ARG J 50 41.15 23.24 -32.99
C ARG J 50 40.03 22.35 -32.46
N VAL J 51 38.96 22.94 -31.94
CA VAL J 51 37.89 22.16 -31.33
C VAL J 51 36.51 22.48 -31.96
N HIS J 52 36.53 22.76 -33.27
CA HIS J 52 35.36 23.14 -34.08
C HIS J 52 34.53 24.27 -33.46
N GLY J 53 35.23 25.30 -33.01
CA GLY J 53 34.61 26.47 -32.40
C GLY J 53 33.69 27.24 -33.34
N ASP J 54 33.92 27.07 -34.64
CA ASP J 54 33.08 27.70 -35.67
C ASP J 54 31.64 27.22 -35.60
N ASP J 55 31.43 26.02 -35.08
CA ASP J 55 30.11 25.40 -35.01
C ASP J 55 29.88 24.81 -33.61
N THR J 56 29.03 25.45 -32.82
CA THR J 56 28.81 25.04 -31.43
C THR J 56 27.95 23.77 -31.30
N SER J 57 27.43 23.29 -32.42
CA SER J 57 26.71 22.02 -32.44
C SER J 57 27.62 20.84 -32.78
N HIS J 58 28.82 21.12 -33.29
CA HIS J 58 29.76 20.05 -33.62
C HIS J 58 30.04 19.24 -32.37
N PRO J 59 30.04 17.90 -32.46
CA PRO J 59 30.28 17.05 -31.30
C PRO J 59 31.59 17.38 -30.58
N ALA J 60 32.63 17.75 -31.34
CA ALA J 60 33.94 18.01 -30.75
C ALA J 60 33.88 19.25 -29.88
N PHE J 61 32.98 20.17 -30.26
CA PHE J 61 32.80 21.35 -29.45
C PHE J 61 31.97 21.08 -28.21
N ILE J 62 30.96 20.22 -28.34
CA ILE J 62 30.15 19.84 -27.18
C ILE J 62 31.08 19.26 -26.13
N ALA J 63 31.94 18.32 -26.55
CA ALA J 63 32.87 17.68 -25.64
C ALA J 63 33.70 18.74 -24.92
N HIS J 64 34.28 19.67 -25.69
CA HIS J 64 35.08 20.77 -25.15
C HIS J 64 34.28 21.58 -24.14
N ALA J 65 33.04 21.93 -24.51
CA ALA J 65 32.19 22.76 -23.66
C ALA J 65 31.83 22.03 -22.36
N ASP J 66 31.42 20.76 -22.47
CA ASP J 66 31.18 19.93 -21.28
C ASP J 66 32.46 19.81 -20.45
N ARG J 67 33.61 19.75 -21.12
CA ARG J 67 34.89 19.64 -20.44
C ARG J 67 35.18 20.89 -19.61
N VAL J 68 34.84 22.05 -20.17
CA VAL J 68 34.96 23.33 -19.48
C VAL J 68 34.08 23.39 -18.24
N LEU J 69 32.79 23.10 -18.41
CA LEU J 69 31.87 23.09 -17.30
C LEU J 69 32.31 22.04 -16.29
N GLY J 70 33.03 21.02 -16.77
CA GLY J 70 33.59 19.99 -15.89
C GLY J 70 34.60 20.61 -14.94
N GLY J 71 35.45 21.48 -15.46
CA GLY J 71 36.44 22.20 -14.67
C GLY J 71 35.79 23.21 -13.75
N LEU J 72 34.81 23.94 -14.27
CA LEU J 72 34.09 24.92 -13.48
C LEU J 72 33.43 24.23 -12.29
N ASP J 73 32.91 23.02 -12.54
CA ASP J 73 32.23 22.21 -11.55
C ASP J 73 33.13 21.84 -10.37
N ILE J 74 34.35 21.44 -10.66
CA ILE J 74 35.33 21.13 -9.62
C ILE J 74 35.59 22.37 -8.78
N ALA J 75 35.85 23.50 -9.46
CA ALA J 75 36.13 24.76 -8.80
C ALA J 75 34.99 25.20 -7.87
N ILE J 76 33.78 25.31 -8.40
CA ILE J 76 32.63 25.69 -7.60
C ILE J 76 32.43 24.73 -6.43
N SER J 77 32.51 23.43 -6.72
CA SER J 77 32.29 22.42 -5.69
C SER J 77 33.32 22.46 -4.56
N THR J 78 34.49 23.06 -4.80
CA THR J 78 35.51 23.16 -3.75
C THR J 78 35.75 24.59 -3.27
N LEU J 79 34.81 25.50 -3.55
CA LEU J 79 34.87 26.87 -3.03
C LEU J 79 35.11 26.88 -1.51
N ASP J 80 34.55 25.88 -0.82
CA ASP J 80 34.71 25.75 0.62
C ASP J 80 35.94 24.95 1.07
N GLN J 81 36.74 24.50 0.11
CA GLN J 81 37.98 23.79 0.43
C GLN J 81 39.12 24.49 -0.30
N PRO J 82 39.59 25.60 0.29
CA PRO J 82 40.58 26.47 -0.36
C PRO J 82 41.81 25.76 -0.90
N ALA J 83 42.37 24.83 -0.14
CA ALA J 83 43.61 24.17 -0.55
C ALA J 83 43.42 23.33 -1.81
N THR J 84 42.32 22.57 -1.84
CA THR J 84 41.95 21.77 -3.00
C THR J 84 41.62 22.69 -4.18
N LEU J 85 40.86 23.75 -3.91
CA LEU J 85 40.49 24.69 -4.97
C LEU J 85 41.74 25.26 -5.64
N LYS J 86 42.73 25.59 -4.80
CA LYS J 86 43.98 26.17 -5.25
C LYS J 86 44.68 25.20 -6.19
N GLU J 87 44.72 23.94 -5.76
CA GLU J 87 45.35 22.90 -6.56
C GLU J 87 44.63 22.72 -7.90
N GLU J 88 43.31 22.80 -7.90
CA GLU J 88 42.57 22.67 -9.15
C GLU J 88 42.80 23.88 -10.03
N LEU J 89 42.70 25.08 -9.45
CA LEU J 89 42.88 26.31 -10.22
C LEU J 89 44.27 26.43 -10.86
N ASP J 90 45.29 25.90 -10.17
CA ASP J 90 46.66 25.83 -10.71
C ASP J 90 46.76 24.92 -11.92
N HIS J 91 46.08 23.78 -11.85
CA HIS J 91 46.04 22.83 -12.95
C HIS J 91 45.48 23.53 -14.18
N LEU J 92 44.40 24.29 -13.97
CA LEU J 92 43.71 24.99 -15.06
C LEU J 92 44.56 26.11 -15.60
N GLN J 93 45.16 26.86 -14.70
CA GLN J 93 46.09 27.92 -15.05
C GLN J 93 47.17 27.40 -15.99
N VAL J 94 47.78 26.28 -15.62
CA VAL J 94 48.80 25.65 -16.47
C VAL J 94 48.24 25.36 -17.86
N GLN J 95 46.96 25.03 -17.94
CA GLN J 95 46.35 24.70 -19.24
C GLN J 95 45.91 25.95 -20.02
N HIS J 96 45.84 27.11 -19.37
CA HIS J 96 45.48 28.35 -20.07
C HIS J 96 46.67 29.29 -20.32
N GLU J 97 47.72 29.19 -19.49
CA GLU J 97 48.95 29.95 -19.69
C GLU J 97 49.62 29.51 -20.99
N GLY J 98 50.12 30.49 -21.74
CA GLY J 98 50.62 30.23 -23.08
C GLY J 98 49.63 30.71 -24.12
N ARG J 99 48.35 30.42 -23.90
CA ARG J 99 47.30 30.92 -24.78
C ARG J 99 47.14 32.43 -24.57
N LYS J 100 46.77 33.14 -25.64
CA LYS J 100 46.58 34.59 -25.56
C LYS J 100 45.12 34.86 -25.22
N ILE J 101 44.82 34.84 -23.93
CA ILE J 101 43.47 35.08 -23.44
C ILE J 101 43.46 36.35 -22.59
N PRO J 102 42.99 37.44 -23.18
CA PRO J 102 42.91 38.72 -22.47
C PRO J 102 41.76 38.72 -21.46
N ASP J 103 41.89 39.53 -20.40
CA ASP J 103 40.87 39.65 -19.34
C ASP J 103 39.48 39.85 -19.92
N ASN J 104 39.46 40.63 -21.00
CA ASN J 104 38.29 40.89 -21.84
C ASN J 104 37.44 39.64 -22.04
N TYR J 105 38.11 38.51 -22.27
CA TYR J 105 37.45 37.23 -22.54
C TYR J 105 36.87 36.57 -21.30
N PHE J 106 37.70 36.38 -20.28
CA PHE J 106 37.24 35.83 -19.00
C PHE J 106 36.06 36.61 -18.49
N ASP J 107 36.09 37.90 -18.80
CA ASP J 107 35.05 38.81 -18.38
C ASP J 107 33.74 38.48 -19.10
N ALA J 108 33.83 38.25 -20.42
CA ALA J 108 32.64 37.89 -21.19
C ALA J 108 32.10 36.53 -20.76
N PHE J 109 33.03 35.58 -20.56
CA PHE J 109 32.68 34.24 -20.08
C PHE J 109 31.87 34.31 -18.79
N LYS J 110 32.37 35.07 -17.81
CA LYS J 110 31.69 35.28 -16.55
C LYS J 110 30.26 35.79 -16.76
N THR J 111 30.11 36.80 -17.61
CA THR J 111 28.81 37.37 -17.95
C THR J 111 27.89 36.32 -18.59
N ALA J 112 28.46 35.44 -19.41
CA ALA J 112 27.70 34.35 -20.03
C ALA J 112 27.18 33.39 -18.95
N ILE J 113 28.10 32.89 -18.12
CA ILE J 113 27.73 31.99 -17.00
C ILE J 113 26.57 32.59 -16.23
N LEU J 114 26.78 33.80 -15.71
CA LEU J 114 25.74 34.48 -14.92
C LEU J 114 24.46 34.64 -15.70
N HIS J 115 24.56 34.89 -17.01
CA HIS J 115 23.38 35.11 -17.82
C HIS J 115 22.54 33.83 -17.96
N VAL J 116 23.22 32.75 -18.30
CA VAL J 116 22.59 31.46 -18.55
C VAL J 116 22.03 30.85 -17.26
N VAL J 117 22.78 30.99 -16.17
CA VAL J 117 22.32 30.52 -14.87
C VAL J 117 21.04 31.25 -14.43
N ALA J 118 21.05 32.57 -14.52
CA ALA J 118 19.89 33.36 -14.14
C ALA J 118 18.65 32.89 -14.90
N ALA J 119 18.87 32.49 -16.16
CA ALA J 119 17.81 31.95 -17.00
C ALA J 119 17.33 30.61 -16.45
N GLN J 120 18.28 29.71 -16.16
CA GLN J 120 17.97 28.39 -15.61
C GLN J 120 17.16 28.46 -14.32
N LEU J 121 17.46 29.43 -13.47
CA LEU J 121 16.94 29.43 -12.11
C LEU J 121 15.85 30.46 -11.86
N GLY J 122 15.53 31.25 -12.87
CA GLY J 122 14.53 32.32 -12.75
C GLY J 122 14.91 33.35 -11.70
N ARG J 123 14.05 33.49 -10.68
CA ARG J 123 14.31 34.39 -9.56
C ARG J 123 15.43 33.87 -8.67
N CYS J 124 15.35 32.58 -8.33
CA CYS J 124 16.17 31.96 -7.30
C CYS J 124 17.65 31.87 -7.65
N TYR J 125 18.28 33.03 -7.69
CA TYR J 125 19.71 33.10 -7.87
C TYR J 125 20.20 34.46 -7.40
N ASP J 126 21.44 34.49 -6.92
CA ASP J 126 22.04 35.71 -6.41
C ASP J 126 23.18 36.15 -7.35
N ARG J 127 22.88 37.14 -8.19
CA ARG J 127 23.87 37.65 -9.13
C ARG J 127 25.17 38.10 -8.48
N GLU J 128 25.08 38.82 -7.37
CA GLU J 128 26.29 39.33 -6.69
C GLU J 128 27.18 38.22 -6.14
N ALA J 129 26.56 37.15 -5.62
CA ALA J 129 27.28 36.02 -5.06
C ALA J 129 28.03 35.24 -6.14
N TRP J 130 27.33 34.96 -7.23
CA TRP J 130 27.92 34.32 -8.40
C TRP J 130 29.08 35.13 -8.98
N ASP J 131 28.82 36.40 -9.22
CA ASP J 131 29.83 37.30 -9.76
C ASP J 131 31.11 37.24 -8.93
N ALA J 132 30.97 37.25 -7.62
CA ALA J 132 32.14 37.21 -6.72
C ALA J 132 32.91 35.89 -6.85
N CYS J 133 32.19 34.78 -6.81
CA CYS J 133 32.79 33.45 -6.83
C CYS J 133 33.38 33.05 -8.18
N ILE J 134 32.74 33.44 -9.27
CA ILE J 134 33.30 33.24 -10.60
C ILE J 134 34.57 34.08 -10.77
N ASP J 135 34.51 35.34 -10.32
CA ASP J 135 35.70 36.19 -10.27
C ASP J 135 36.82 35.50 -9.53
N HIS J 136 36.50 34.96 -8.37
CA HIS J 136 37.51 34.32 -7.55
C HIS J 136 38.12 33.10 -8.26
N ILE J 137 37.28 32.32 -8.94
CA ILE J 137 37.72 31.15 -9.69
C ILE J 137 38.61 31.58 -10.86
N GLU J 138 38.16 32.60 -11.59
CA GLU J 138 38.90 33.12 -12.74
C GLU J 138 40.27 33.72 -12.38
N ASP J 139 40.37 34.40 -11.25
CA ASP J 139 41.67 34.90 -10.80
C ASP J 139 42.73 33.80 -10.76
N GLY J 140 42.33 32.61 -10.32
CA GLY J 140 43.27 31.49 -10.17
C GLY J 140 43.63 30.89 -11.52
N ILE J 141 42.78 31.12 -12.51
CA ILE J 141 43.03 30.56 -13.83
C ILE J 141 43.92 31.50 -14.62
N LYS J 142 43.66 32.80 -14.49
CA LYS J 142 44.49 33.82 -15.11
C LYS J 142 45.85 33.89 -14.41
N GLY J 143 45.84 33.71 -13.09
CA GLY J 143 47.02 33.98 -12.28
C GLY J 143 47.21 35.46 -12.00
N HIS J 144 46.41 36.29 -12.67
CA HIS J 144 46.43 37.74 -12.51
C HIS J 144 45.58 38.21 -11.35
N HIS J 145 45.87 39.43 -10.88
CA HIS J 145 45.14 40.06 -9.79
C HIS J 145 43.62 40.04 -10.00
N HIS K 3 26.70 -5.25 -32.29
CA HIS K 3 27.13 -4.54 -31.05
C HIS K 3 26.21 -3.36 -30.67
N GLU K 4 25.01 -3.34 -31.24
CA GLU K 4 23.97 -2.34 -30.89
C GLU K 4 23.26 -2.79 -29.63
N HIS K 5 23.77 -3.89 -29.07
CA HIS K 5 23.18 -4.52 -27.90
C HIS K 5 24.19 -4.43 -26.77
N CYS K 6 25.37 -3.91 -27.09
CA CYS K 6 26.38 -3.59 -26.11
C CYS K 6 26.21 -2.14 -25.72
N CYS K 7 25.91 -1.89 -24.45
CA CYS K 7 25.56 -0.53 -24.00
C CYS K 7 24.48 0.10 -24.90
N SER K 8 23.34 -0.58 -25.00
CA SER K 8 22.20 -0.14 -25.80
C SER K 8 21.55 1.15 -25.27
N GLU K 9 20.45 1.56 -25.91
CA GLU K 9 19.72 2.74 -25.47
C GLU K 9 19.32 2.60 -24.01
N GLU K 10 18.58 1.54 -23.68
CA GLU K 10 18.11 1.35 -22.31
C GLU K 10 19.27 1.10 -21.36
N ASP K 11 20.31 0.42 -21.83
CA ASP K 11 21.51 0.20 -21.03
C ASP K 11 22.05 1.49 -20.45
N HIS K 12 22.38 2.44 -21.33
CA HIS K 12 23.00 3.68 -20.90
C HIS K 12 22.02 4.56 -20.14
N ARG K 13 20.73 4.40 -20.40
CA ARG K 13 19.71 5.14 -19.67
C ARG K 13 19.63 4.66 -18.20
N ILE K 14 19.80 3.35 -18.01
CA ILE K 14 19.87 2.73 -16.69
C ILE K 14 21.11 3.24 -15.96
N VAL K 15 22.23 3.28 -16.68
CA VAL K 15 23.50 3.72 -16.11
C VAL K 15 23.39 5.18 -15.66
N GLN K 16 22.86 6.04 -16.52
CA GLN K 16 22.70 7.45 -16.17
C GLN K 16 21.81 7.66 -14.95
N LYS K 17 20.70 6.94 -14.89
CA LYS K 17 19.74 7.07 -13.79
C LYS K 17 20.35 6.65 -12.47
N GLN K 18 21.04 5.51 -12.48
CA GLN K 18 21.65 4.93 -11.29
C GLN K 18 22.83 5.78 -10.80
N TRP K 19 23.61 6.31 -11.73
CA TRP K 19 24.75 7.18 -11.43
C TRP K 19 24.30 8.46 -10.74
N ASP K 20 23.24 9.05 -11.31
CA ASP K 20 22.66 10.31 -10.86
C ASP K 20 22.32 10.34 -9.37
N ILE K 21 21.86 9.21 -8.83
CA ILE K 21 21.53 9.06 -7.42
C ILE K 21 22.68 9.48 -6.49
N LEU K 22 23.92 9.30 -6.94
CA LEU K 22 25.10 9.70 -6.17
C LEU K 22 25.24 11.21 -5.91
N TRP K 23 24.51 12.02 -6.68
CA TRP K 23 24.60 13.48 -6.55
C TRP K 23 23.28 14.06 -6.11
N ARG K 24 22.39 13.18 -5.64
CA ARG K 24 21.17 13.61 -4.98
C ARG K 24 21.47 14.70 -3.95
N ASP K 25 22.68 14.71 -3.38
CA ASP K 25 23.06 15.76 -2.42
C ASP K 25 24.24 16.66 -2.81
N THR K 26 24.30 17.80 -2.12
CA THR K 26 25.14 18.94 -2.48
C THR K 26 26.62 18.78 -2.20
N GLU K 27 26.98 17.92 -1.24
CA GLU K 27 28.40 17.71 -0.98
C GLU K 27 28.98 16.61 -1.87
N SER K 28 28.67 16.73 -3.15
CA SER K 28 29.16 15.83 -4.20
C SER K 28 30.69 15.76 -4.24
N SER K 29 31.37 16.89 -4.04
CA SER K 29 32.85 16.90 -4.05
C SER K 29 33.40 15.95 -2.99
N LYS K 30 32.79 15.99 -1.81
CA LYS K 30 33.14 15.08 -0.73
C LYS K 30 33.01 13.61 -1.18
N ILE K 31 31.90 13.29 -1.84
CA ILE K 31 31.66 11.97 -2.39
C ILE K 31 32.64 11.65 -3.52
N LYS K 32 32.84 12.61 -4.42
CA LYS K 32 33.76 12.41 -5.55
C LYS K 32 35.17 12.12 -5.07
N ILE K 33 35.67 12.94 -4.14
CA ILE K 33 37.01 12.76 -3.57
C ILE K 33 37.13 11.42 -2.85
N GLY K 34 36.20 11.14 -1.94
CA GLY K 34 36.24 9.86 -1.23
C GLY K 34 36.34 8.68 -2.17
N PHE K 35 35.37 8.60 -3.08
CA PHE K 35 35.24 7.48 -4.01
C PHE K 35 36.41 7.40 -4.99
N GLY K 36 36.78 8.52 -5.60
CA GLY K 36 37.91 8.57 -6.53
C GLY K 36 39.21 8.14 -5.88
N ARG K 37 39.47 8.68 -4.69
CA ARG K 37 40.64 8.33 -3.90
C ARG K 37 40.67 6.83 -3.62
N LEU K 38 39.54 6.29 -3.16
CA LEU K 38 39.41 4.86 -2.91
C LEU K 38 39.78 4.01 -4.13
N LEU K 39 39.21 4.34 -5.29
CA LEU K 39 39.47 3.58 -6.52
C LEU K 39 40.94 3.53 -6.92
N LEU K 40 41.59 4.70 -6.98
CA LEU K 40 42.97 4.78 -7.41
C LEU K 40 43.93 4.18 -6.37
N THR K 41 43.59 4.38 -5.10
CA THR K 41 44.31 3.77 -3.98
C THR K 41 44.33 2.24 -4.15
N LYS K 42 43.15 1.70 -4.44
CA LYS K 42 42.98 0.29 -4.73
C LYS K 42 43.74 -0.09 -6.00
N LEU K 43 43.72 0.78 -7.01
CA LEU K 43 44.44 0.50 -8.24
C LEU K 43 45.94 0.35 -7.98
N ALA K 44 46.50 1.27 -7.20
CA ALA K 44 47.93 1.25 -6.86
C ALA K 44 48.33 0.05 -6.00
N LYS K 45 47.45 -0.30 -5.06
CA LYS K 45 47.59 -1.50 -4.24
C LYS K 45 47.76 -2.76 -5.08
N ASP K 46 46.99 -2.86 -6.17
CA ASP K 46 46.99 -4.06 -7.00
C ASP K 46 48.09 -4.09 -8.04
N ILE K 47 48.48 -2.90 -8.50
CA ILE K 47 49.51 -2.76 -9.51
C ILE K 47 50.43 -1.65 -8.99
N PRO K 48 51.45 -2.03 -8.21
CA PRO K 48 52.31 -1.07 -7.52
C PRO K 48 52.94 -0.01 -8.43
N GLU K 49 53.26 -0.37 -9.68
CA GLU K 49 53.84 0.60 -10.62
C GLU K 49 52.97 1.86 -10.81
N VAL K 50 51.69 1.75 -10.47
CA VAL K 50 50.73 2.85 -10.61
C VAL K 50 51.08 4.02 -9.69
N ASN K 51 51.57 3.73 -8.49
CA ASN K 51 52.06 4.77 -7.59
C ASN K 51 53.03 5.74 -8.25
N ASP K 52 53.90 5.24 -9.12
CA ASP K 52 54.84 6.11 -9.82
C ASP K 52 54.12 7.00 -10.82
N LEU K 53 53.15 6.43 -11.54
CA LEU K 53 52.35 7.15 -12.51
C LEU K 53 51.65 8.36 -11.92
N PHE K 54 51.30 8.27 -10.64
CA PHE K 54 50.58 9.36 -9.96
C PHE K 54 51.45 10.16 -9.02
N LYS K 55 52.76 10.14 -9.26
CA LYS K 55 53.71 10.89 -8.45
C LYS K 55 53.42 12.39 -8.53
N ARG K 56 53.16 12.86 -9.76
CA ARG K 56 52.84 14.25 -10.05
C ARG K 56 51.60 14.79 -9.30
N VAL K 57 50.63 13.90 -9.00
CA VAL K 57 49.42 14.33 -8.28
C VAL K 57 49.48 14.00 -6.79
N ASP K 58 50.67 13.57 -6.35
CA ASP K 58 50.96 13.36 -4.94
C ASP K 58 50.04 12.29 -4.33
N ILE K 59 49.99 11.12 -4.97
CA ILE K 59 49.24 9.97 -4.43
C ILE K 59 49.79 9.58 -3.04
N GLU K 60 51.08 9.84 -2.85
CA GLU K 60 51.80 9.61 -1.60
C GLU K 60 51.03 10.13 -0.39
N HIS K 61 50.35 11.26 -0.58
CA HIS K 61 49.48 11.84 0.43
C HIS K 61 48.09 11.89 -0.17
N ALA K 62 47.47 10.71 -0.30
CA ALA K 62 46.15 10.56 -0.92
C ALA K 62 45.11 11.56 -0.42
N GLU K 63 45.19 11.89 0.86
CA GLU K 63 44.29 12.87 1.50
C GLU K 63 44.65 14.33 1.21
N GLY K 64 45.81 14.58 0.62
CA GLY K 64 46.29 15.95 0.38
C GLY K 64 45.50 16.69 -0.68
N PRO K 65 45.64 18.02 -0.76
CA PRO K 65 44.87 18.79 -1.75
C PRO K 65 45.25 18.47 -3.20
N LYS K 66 46.53 18.14 -3.44
CA LYS K 66 47.01 17.71 -4.76
C LYS K 66 46.21 16.53 -5.35
N PHE K 67 46.16 15.44 -4.58
CA PHE K 67 45.51 14.21 -5.04
C PHE K 67 44.00 14.34 -5.02
N SER K 68 43.51 15.16 -4.09
CA SER K 68 42.08 15.42 -3.98
C SER K 68 41.58 16.03 -5.28
N ALA K 69 42.28 17.05 -5.75
CA ALA K 69 41.91 17.72 -6.99
C ALA K 69 41.91 16.73 -8.14
N HIS K 70 42.93 15.87 -8.16
CA HIS K 70 43.05 14.87 -9.20
C HIS K 70 41.91 13.85 -9.15
N ALA K 71 41.54 13.44 -7.94
CA ALA K 71 40.42 12.51 -7.71
C ALA K 71 39.14 13.08 -8.30
N LEU K 72 38.96 14.39 -8.11
CA LEU K 72 37.84 15.11 -8.73
C LEU K 72 37.96 15.12 -10.24
N ARG K 73 39.16 15.34 -10.76
CA ARG K 73 39.35 15.45 -12.20
C ARG K 73 38.95 14.16 -12.90
N ILE K 74 39.40 13.03 -12.35
CA ILE K 74 39.02 11.71 -12.87
C ILE K 74 37.53 11.40 -12.71
N LEU K 75 36.97 11.68 -11.53
CA LEU K 75 35.55 11.43 -11.32
C LEU K 75 34.69 12.23 -12.29
N ASN K 76 35.07 13.49 -12.52
CA ASN K 76 34.36 14.31 -13.49
C ASN K 76 34.58 13.84 -14.92
N GLY K 77 35.75 13.26 -15.16
CA GLY K 77 36.06 12.63 -16.43
C GLY K 77 35.09 11.51 -16.70
N LEU K 78 34.90 10.65 -15.71
CA LEU K 78 33.93 9.56 -15.81
C LEU K 78 32.50 10.10 -15.85
N ASP K 79 32.24 11.18 -15.10
CA ASP K 79 30.93 11.82 -15.12
C ASP K 79 30.61 12.43 -16.49
N LEU K 80 31.64 12.94 -17.14
CA LEU K 80 31.50 13.52 -18.48
C LEU K 80 31.03 12.45 -19.47
N ALA K 81 31.72 11.32 -19.45
CA ALA K 81 31.41 10.20 -20.35
C ALA K 81 30.00 9.67 -20.10
N ILE K 82 29.67 9.41 -18.84
CA ILE K 82 28.30 8.97 -18.49
C ILE K 82 27.25 9.96 -18.98
N ASN K 83 27.47 11.25 -18.75
CA ASN K 83 26.49 12.24 -19.16
C ASN K 83 26.43 12.48 -20.66
N LEU K 84 27.34 11.85 -21.41
CA LEU K 84 27.29 11.96 -22.85
C LEU K 84 26.92 10.65 -23.53
N LEU K 85 26.54 9.64 -22.73
CA LEU K 85 26.21 8.33 -23.29
C LEU K 85 25.06 8.41 -24.29
N ASP K 86 24.15 9.36 -24.07
CA ASP K 86 23.01 9.57 -24.94
C ASP K 86 23.35 10.40 -26.19
N ASP K 87 24.64 10.64 -26.41
CA ASP K 87 25.10 11.40 -27.58
C ASP K 87 26.42 10.81 -28.09
N PRO K 88 26.34 9.67 -28.75
CA PRO K 88 27.54 8.91 -29.14
C PRO K 88 28.70 9.71 -29.80
N PRO K 89 28.44 10.57 -30.79
CA PRO K 89 29.53 11.29 -31.46
C PRO K 89 30.24 12.27 -30.52
N ALA K 90 29.47 12.98 -29.69
CA ALA K 90 30.03 13.86 -28.66
C ALA K 90 30.83 13.04 -27.65
N LEU K 91 30.33 11.85 -27.32
CA LEU K 91 31.00 10.95 -26.38
C LEU K 91 32.35 10.54 -26.93
N ASP K 92 32.36 10.12 -28.19
CA ASP K 92 33.59 9.73 -28.85
C ASP K 92 34.62 10.84 -28.86
N ALA K 93 34.17 12.05 -29.16
CA ALA K 93 35.06 13.20 -29.18
C ALA K 93 35.68 13.35 -27.80
N ALA K 94 34.82 13.26 -26.78
CA ALA K 94 35.23 13.35 -25.38
C ALA K 94 36.21 12.23 -24.96
N LEU K 95 35.93 11.00 -25.36
CA LEU K 95 36.79 9.88 -24.96
C LEU K 95 38.09 9.88 -25.74
N ASP K 96 38.02 10.35 -26.98
CA ASP K 96 39.21 10.49 -27.78
C ASP K 96 40.17 11.47 -27.11
N HIS K 97 39.64 12.62 -26.68
CA HIS K 97 40.41 13.61 -25.95
C HIS K 97 41.08 12.99 -24.71
N LEU K 98 40.31 12.26 -23.90
CA LEU K 98 40.87 11.56 -22.74
C LEU K 98 41.96 10.58 -23.14
N ALA K 99 41.71 9.86 -24.24
CA ALA K 99 42.66 8.90 -24.77
C ALA K 99 44.02 9.55 -25.03
N HIS K 100 44.03 10.72 -25.66
CA HIS K 100 45.28 11.45 -25.86
C HIS K 100 45.92 11.82 -24.54
N GLN K 101 45.12 12.30 -23.59
CA GLN K 101 45.66 12.74 -22.31
C GLN K 101 46.40 11.61 -21.58
N HIS K 102 45.98 10.37 -21.79
CA HIS K 102 46.66 9.21 -21.18
C HIS K 102 47.77 8.67 -22.07
N GLU K 103 47.59 8.83 -23.38
CA GLU K 103 48.60 8.45 -24.35
C GLU K 103 49.92 9.14 -24.01
N VAL K 104 49.85 10.45 -23.74
CA VAL K 104 51.05 11.25 -23.40
C VAL K 104 51.64 10.99 -22.00
N ARG K 105 51.17 9.96 -21.31
CA ARG K 105 51.73 9.62 -20.00
C ARG K 105 52.50 8.31 -20.12
N GLU K 106 53.81 8.36 -19.88
CA GLU K 106 54.61 7.13 -19.97
C GLU K 106 54.33 6.17 -18.81
N GLY K 107 54.08 4.91 -19.14
CA GLY K 107 53.85 3.87 -18.14
C GLY K 107 52.41 3.35 -18.11
N VAL K 108 51.46 4.26 -18.26
CA VAL K 108 50.03 3.93 -18.28
C VAL K 108 49.75 2.92 -19.40
N GLN K 109 49.18 1.77 -19.06
CA GLN K 109 48.92 0.75 -20.08
C GLN K 109 47.52 0.13 -19.96
N LYS K 110 47.06 -0.50 -21.04
CA LYS K 110 45.74 -1.15 -21.10
C LYS K 110 45.43 -2.04 -19.91
N ALA K 111 46.46 -2.73 -19.41
CA ALA K 111 46.34 -3.61 -18.25
C ALA K 111 45.77 -2.86 -17.04
N HIS K 112 46.22 -1.62 -16.87
CA HIS K 112 45.75 -0.71 -15.81
C HIS K 112 44.25 -0.40 -15.93
N PHE K 113 43.80 -0.14 -17.15
CA PHE K 113 42.39 0.13 -17.40
C PHE K 113 41.49 -1.09 -17.22
N LYS K 114 42.06 -2.28 -17.39
CA LYS K 114 41.30 -3.51 -17.19
C LYS K 114 41.03 -3.71 -15.70
N LYS K 115 42.07 -3.48 -14.89
CA LYS K 115 41.99 -3.61 -13.45
C LYS K 115 41.01 -2.58 -12.90
N PHE K 116 41.14 -1.35 -13.38
CA PHE K 116 40.29 -0.25 -12.95
C PHE K 116 38.82 -0.60 -13.18
N GLY K 117 38.51 -1.14 -14.35
CA GLY K 117 37.16 -1.62 -14.65
C GLY K 117 36.65 -2.56 -13.57
N GLU K 118 37.49 -3.49 -13.14
CA GLU K 118 37.12 -4.44 -12.10
C GLU K 118 36.83 -3.74 -10.79
N ILE K 119 37.79 -2.93 -10.33
CA ILE K 119 37.68 -2.17 -9.09
C ILE K 119 36.42 -1.32 -9.10
N LEU K 120 36.13 -0.73 -10.27
CA LEU K 120 34.97 0.12 -10.44
C LEU K 120 33.67 -0.69 -10.36
N ALA K 121 33.67 -1.87 -10.98
CA ALA K 121 32.52 -2.78 -10.93
C ALA K 121 32.23 -3.28 -9.51
N THR K 122 33.28 -3.54 -8.73
CA THR K 122 33.11 -3.94 -7.35
C THR K 122 32.62 -2.76 -6.50
N GLY K 123 33.20 -1.59 -6.73
CA GLY K 123 32.95 -0.40 -5.92
C GLY K 123 31.57 0.24 -6.07
N LEU K 124 31.10 0.35 -7.31
CA LEU K 124 29.81 1.02 -7.59
C LEU K 124 28.61 0.49 -6.80
N PRO K 125 28.41 -0.83 -6.74
CA PRO K 125 27.33 -1.37 -5.91
C PRO K 125 27.54 -1.14 -4.41
N GLN K 126 28.77 -0.86 -3.97
CA GLN K 126 28.99 -0.57 -2.55
C GLN K 126 28.48 0.80 -2.18
N VAL K 127 28.18 1.62 -3.19
CA VAL K 127 27.65 2.95 -2.95
C VAL K 127 26.26 3.13 -3.53
N LEU K 128 25.95 2.46 -4.64
CA LEU K 128 24.62 2.56 -5.23
C LEU K 128 23.81 1.35 -4.84
N ASP K 129 22.66 1.55 -4.21
CA ASP K 129 21.83 0.39 -3.85
C ASP K 129 20.96 -0.11 -4.98
N ASP K 130 21.11 0.50 -6.15
CA ASP K 130 20.39 0.09 -7.32
C ASP K 130 21.39 0.04 -8.46
N TYR K 131 21.76 -1.17 -8.87
CA TYR K 131 22.89 -1.32 -9.78
C TYR K 131 22.65 -2.46 -10.75
N ASP K 132 22.52 -2.13 -12.03
CA ASP K 132 22.41 -3.17 -13.03
C ASP K 132 23.81 -3.54 -13.48
N ALA K 133 24.31 -4.67 -12.97
CA ALA K 133 25.68 -5.09 -13.27
C ALA K 133 25.93 -5.25 -14.76
N LEU K 134 24.90 -5.69 -15.49
CA LEU K 134 25.07 -5.96 -16.91
C LEU K 134 25.19 -4.68 -17.74
N ALA K 135 24.32 -3.72 -17.45
CA ALA K 135 24.32 -2.43 -18.13
C ALA K 135 25.58 -1.61 -17.83
N TRP K 136 26.01 -1.62 -16.58
CA TRP K 136 27.22 -0.90 -16.21
C TRP K 136 28.44 -1.53 -16.84
N LYS K 137 28.48 -2.86 -16.83
CA LYS K 137 29.59 -3.59 -17.41
C LYS K 137 29.78 -3.24 -18.87
N SER K 138 28.73 -3.34 -19.67
CA SER K 138 28.89 -3.07 -21.09
C SER K 138 29.24 -1.59 -21.34
N CYS K 139 28.58 -0.69 -20.63
CA CYS K 139 28.86 0.75 -20.81
C CYS K 139 30.27 1.11 -20.36
N LEU K 140 30.67 0.62 -19.20
CA LEU K 140 32.02 0.91 -18.70
C LEU K 140 33.10 0.36 -19.63
N LYS K 141 32.87 -0.81 -20.23
CA LYS K 141 33.84 -1.41 -21.14
C LYS K 141 34.08 -0.50 -22.34
N GLY K 142 32.98 -0.03 -22.94
CA GLY K 142 33.04 0.86 -24.09
C GLY K 142 33.89 2.07 -23.81
N ILE K 143 33.60 2.72 -22.68
CA ILE K 143 34.30 3.91 -22.23
C ILE K 143 35.77 3.60 -21.92
N LEU K 144 36.02 2.59 -21.10
CA LEU K 144 37.39 2.25 -20.69
C LEU K 144 38.26 1.86 -21.87
N THR K 145 37.65 1.20 -22.86
CA THR K 145 38.37 0.75 -24.04
C THR K 145 38.78 1.93 -24.93
N LYS K 146 37.87 2.89 -25.09
CA LYS K 146 38.11 4.05 -25.94
C LYS K 146 39.22 4.91 -25.37
N ILE K 147 39.22 5.07 -24.05
CA ILE K 147 40.26 5.82 -23.36
C ILE K 147 41.64 5.15 -23.44
N SER K 148 41.68 3.83 -23.53
CA SER K 148 42.95 3.09 -23.49
C SER K 148 43.46 2.56 -24.84
N SER K 149 42.74 2.83 -25.93
CA SER K 149 43.14 2.38 -27.26
C SER K 149 44.47 3.00 -27.72
N ARG K 150 44.69 4.28 -27.42
CA ARG K 150 45.97 4.94 -27.75
C ARG K 150 47.12 4.54 -26.81
N LEU K 151 46.97 3.42 -26.10
CA LEU K 151 48.01 2.99 -25.14
C LEU K 151 48.78 1.76 -25.62
N GLU L 1 33.85 -1.95 11.45
CA GLU L 1 34.76 -1.21 10.52
C GLU L 1 34.01 -0.65 9.30
N CYS L 2 33.70 0.65 9.38
CA CYS L 2 32.97 1.35 8.32
C CYS L 2 33.93 2.10 7.42
N LEU L 3 34.24 1.51 6.27
CA LEU L 3 35.01 2.22 5.25
C LEU L 3 34.18 3.35 4.63
N VAL L 4 34.74 3.97 3.59
CA VAL L 4 34.16 5.15 2.96
C VAL L 4 32.90 4.81 2.19
N THR L 5 32.94 3.71 1.46
CA THR L 5 31.78 3.26 0.67
C THR L 5 30.62 2.90 1.57
N GLU L 6 30.89 2.20 2.67
CA GLU L 6 29.83 1.77 3.60
C GLU L 6 29.15 2.92 4.33
N SER L 7 29.95 3.87 4.84
CA SER L 7 29.41 5.04 5.52
C SER L 7 28.53 5.83 4.56
N LEU L 8 28.97 5.87 3.30
CA LEU L 8 28.23 6.57 2.26
C LEU L 8 26.92 5.87 1.94
N LYS L 9 26.96 4.55 1.83
CA LYS L 9 25.75 3.75 1.65
C LYS L 9 24.77 4.00 2.79
N VAL L 10 25.28 4.01 4.02
CA VAL L 10 24.42 4.20 5.19
C VAL L 10 23.80 5.60 5.16
N LYS L 11 24.62 6.61 4.87
CA LYS L 11 24.14 7.98 4.72
C LYS L 11 22.99 8.04 3.71
N LEU L 12 23.25 7.55 2.50
CA LEU L 12 22.23 7.52 1.44
C LEU L 12 20.98 6.77 1.85
N GLN L 13 21.16 5.59 2.46
CA GLN L 13 20.00 4.77 2.81
C GLN L 13 19.22 5.38 3.96
N TRP L 14 19.93 6.03 4.89
CA TRP L 14 19.26 6.73 6.01
C TRP L 14 18.37 7.84 5.50
N ALA L 15 18.88 8.60 4.53
CA ALA L 15 18.11 9.69 3.95
C ALA L 15 16.75 9.20 3.46
N SER L 16 16.70 8.07 2.76
CA SER L 16 15.42 7.48 2.32
C SER L 16 14.55 7.00 3.48
N ALA L 17 15.10 6.11 4.31
CA ALA L 17 14.32 5.46 5.35
C ALA L 17 13.80 6.41 6.43
N PHE L 18 14.62 7.40 6.79
CA PHE L 18 14.28 8.39 7.82
C PHE L 18 13.02 9.17 7.45
N GLY L 19 13.01 9.73 6.24
CA GLY L 19 11.89 10.54 5.76
C GLY L 19 11.91 11.93 6.35
N HIS L 20 10.77 12.60 6.31
CA HIS L 20 10.67 13.98 6.81
C HIS L 20 9.73 14.23 7.98
N ALA L 21 8.65 14.96 7.78
CA ALA L 21 7.87 15.41 8.94
C ALA L 21 7.29 14.25 9.74
N HIS L 22 6.03 13.90 9.42
CA HIS L 22 5.29 12.87 10.10
C HIS L 22 5.83 11.46 9.79
N GLU L 23 6.55 11.31 8.69
CA GLU L 23 7.19 10.04 8.33
C GLU L 23 8.13 9.56 9.43
N ARG L 24 8.91 10.49 9.98
CA ARG L 24 9.84 10.21 11.07
C ARG L 24 9.12 9.73 12.33
N VAL L 25 8.05 10.42 12.71
CA VAL L 25 7.25 10.08 13.89
C VAL L 25 6.71 8.64 13.84
N ALA L 26 6.17 8.27 12.68
CA ALA L 26 5.70 6.90 12.45
C ALA L 26 6.85 5.89 12.54
N PHE L 27 8.00 6.24 11.95
CA PHE L 27 9.18 5.38 12.00
C PHE L 27 9.60 5.10 13.45
N GLY L 28 9.75 6.18 14.21
CA GLY L 28 10.15 6.11 15.62
C GLY L 28 9.23 5.30 16.49
N LEU L 29 7.92 5.43 16.26
CA LEU L 29 6.91 4.69 17.00
C LEU L 29 7.00 3.20 16.66
N GLU L 30 7.05 2.89 15.37
CA GLU L 30 7.18 1.51 14.94
C GLU L 30 8.41 0.87 15.59
N LEU L 31 9.51 1.60 15.58
CA LEU L 31 10.77 1.11 16.13
C LEU L 31 10.66 0.80 17.61
N TRP L 32 10.13 1.76 18.38
CA TRP L 32 10.04 1.58 19.82
C TRP L 32 8.96 0.62 20.24
N ARG L 33 7.92 0.48 19.44
CA ARG L 33 6.91 -0.52 19.73
C ARG L 33 7.53 -1.90 19.61
N ASP L 34 8.32 -2.10 18.56
CA ASP L 34 9.00 -3.38 18.33
C ASP L 34 9.94 -3.77 19.47
N ILE L 35 10.77 -2.80 19.86
CA ILE L 35 11.75 -2.97 20.94
C ILE L 35 11.06 -3.32 22.27
N ILE L 36 10.12 -2.47 22.66
CA ILE L 36 9.46 -2.56 23.97
C ILE L 36 8.55 -3.78 24.07
N ASP L 37 8.01 -4.20 22.92
CA ASP L 37 7.22 -5.43 22.81
C ASP L 37 8.09 -6.62 23.16
N ASP L 38 9.25 -6.67 22.49
CA ASP L 38 10.26 -7.70 22.69
C ASP L 38 10.85 -7.65 24.08
N HIS L 39 11.13 -6.46 24.59
CA HIS L 39 11.76 -6.32 25.90
C HIS L 39 11.09 -5.28 26.78
N PRO L 40 9.96 -5.65 27.40
CA PRO L 40 9.18 -4.71 28.22
C PRO L 40 9.92 -4.07 29.41
N GLU L 41 11.09 -4.58 29.79
CA GLU L 41 11.90 -3.98 30.87
C GLU L 41 12.40 -2.60 30.47
N ILE L 42 12.60 -2.43 29.16
CA ILE L 42 13.10 -1.18 28.59
C ILE L 42 12.17 0.01 28.88
N LYS L 43 10.95 -0.24 29.35
CA LYS L 43 10.03 0.84 29.73
C LYS L 43 10.46 1.56 31.00
N ALA L 44 11.09 0.82 31.90
CA ALA L 44 11.47 1.33 33.21
C ALA L 44 12.25 2.65 33.12
N PRO L 45 13.38 2.69 32.41
CA PRO L 45 14.16 3.92 32.28
C PRO L 45 13.41 5.05 31.57
N PHE L 46 12.32 4.69 30.89
CA PHE L 46 11.54 5.66 30.14
C PHE L 46 10.39 6.23 30.96
N SER L 47 10.55 6.14 32.27
CA SER L 47 9.57 6.60 33.22
C SER L 47 9.22 8.08 33.04
N ARG L 48 10.22 8.90 32.72
CA ARG L 48 10.03 10.35 32.64
C ARG L 48 9.44 10.78 31.29
N VAL L 49 9.46 9.87 30.32
CA VAL L 49 9.00 10.19 28.97
C VAL L 49 7.78 9.38 28.54
N ARG L 50 7.02 8.90 29.51
CA ARG L 50 5.82 8.09 29.28
C ARG L 50 6.08 6.87 28.38
N GLY L 51 7.00 6.01 28.83
CA GLY L 51 7.32 4.77 28.11
C GLY L 51 6.19 3.77 28.16
N ASP L 52 5.23 4.03 29.06
CA ASP L 52 4.06 3.18 29.25
C ASP L 52 3.05 3.46 28.14
N ASN L 53 3.17 4.64 27.54
CA ASN L 53 2.32 5.03 26.43
C ASN L 53 3.14 5.63 25.28
N ILE L 54 3.55 4.78 24.34
CA ILE L 54 4.41 5.24 23.24
C ILE L 54 3.65 6.13 22.24
N TYR L 55 2.34 6.18 22.35
CA TYR L 55 1.53 6.98 21.44
C TYR L 55 1.29 8.38 22.00
N SER L 56 1.80 8.64 23.20
CA SER L 56 1.64 9.94 23.85
C SER L 56 2.59 10.97 23.21
N PRO L 57 2.25 12.27 23.29
CA PRO L 57 3.13 13.27 22.70
C PRO L 57 4.48 13.34 23.43
N GLU L 58 4.49 13.06 24.73
CA GLU L 58 5.73 13.02 25.51
C GLU L 58 6.75 11.99 25.02
N PHE L 59 6.28 10.77 24.76
CA PHE L 59 7.16 9.73 24.23
C PHE L 59 7.55 10.01 22.78
N GLY L 60 6.60 10.61 22.05
CA GLY L 60 6.83 10.98 20.66
C GLY L 60 7.99 11.94 20.57
N ALA L 61 8.00 12.92 21.48
CA ALA L 61 9.09 13.87 21.61
C ALA L 61 10.42 13.16 21.87
N HIS L 62 10.44 12.29 22.88
CA HIS L 62 11.63 11.50 23.19
C HIS L 62 12.09 10.73 21.96
N SER L 63 11.15 10.01 21.35
CA SER L 63 11.40 9.22 20.15
C SER L 63 12.03 10.05 19.03
N GLN L 64 11.50 11.25 18.79
CA GLN L 64 12.04 12.15 17.80
C GLN L 64 13.45 12.60 18.13
N ARG L 65 13.69 12.88 19.41
CA ARG L 65 15.03 13.24 19.87
C ARG L 65 16.06 12.16 19.59
N VAL L 66 15.65 10.90 19.76
CA VAL L 66 16.49 9.75 19.53
C VAL L 66 16.86 9.67 18.07
N LEU L 67 15.84 9.68 17.20
CA LEU L 67 16.09 9.58 15.78
C LEU L 67 16.96 10.73 15.31
N SER L 68 16.71 11.92 15.86
CA SER L 68 17.52 13.07 15.49
C SER L 68 18.98 12.87 15.93
N GLY L 69 19.16 12.22 17.07
CA GLY L 69 20.48 11.85 17.57
C GLY L 69 21.16 10.83 16.68
N LEU L 70 20.42 9.81 16.27
CA LEU L 70 20.93 8.83 15.32
C LEU L 70 21.36 9.55 14.04
N ASP L 71 20.58 10.56 13.67
CA ASP L 71 20.85 11.28 12.44
C ASP L 71 22.18 12.02 12.52
N ILE L 72 22.43 12.64 13.67
CA ILE L 72 23.68 13.33 13.93
C ILE L 72 24.86 12.38 13.75
N THR L 73 24.79 11.21 14.38
CA THR L 73 25.90 10.26 14.32
C THR L 73 26.13 9.70 12.93
N ILE L 74 25.04 9.39 12.22
CA ILE L 74 25.16 8.90 10.85
C ILE L 74 25.84 9.95 9.96
N SER L 75 25.42 11.21 10.08
CA SER L 75 26.04 12.28 9.30
C SER L 75 27.50 12.56 9.71
N MET L 76 27.95 11.96 10.81
CA MET L 76 29.31 12.15 11.29
C MET L 76 30.24 10.96 11.03
N LEU L 77 29.72 9.90 10.39
CA LEU L 77 30.49 8.68 10.16
C LEU L 77 31.83 8.91 9.46
N ASP L 78 31.94 10.03 8.76
CA ASP L 78 33.15 10.35 7.99
C ASP L 78 34.04 11.41 8.65
N THR L 79 33.63 11.91 9.82
CA THR L 79 34.43 12.89 10.56
C THR L 79 34.72 12.34 11.96
N PRO L 80 35.84 11.64 12.13
CA PRO L 80 36.11 10.96 13.41
C PRO L 80 36.21 11.89 14.63
N ASP L 81 36.85 13.05 14.46
CA ASP L 81 36.95 14.05 15.52
C ASP L 81 35.57 14.40 16.08
N MET L 82 34.63 14.70 15.18
CA MET L 82 33.25 14.99 15.56
C MET L 82 32.51 13.77 16.09
N LEU L 83 32.67 12.64 15.44
CA LEU L 83 31.98 11.43 15.88
C LEU L 83 32.37 11.10 17.31
N ALA L 84 33.67 11.12 17.58
CA ALA L 84 34.19 10.85 18.92
C ALA L 84 33.53 11.76 19.95
N ALA L 85 33.54 13.07 19.70
CA ALA L 85 32.94 14.05 20.61
C ALA L 85 31.44 13.81 20.81
N GLN L 86 30.72 13.60 19.72
CA GLN L 86 29.30 13.34 19.77
C GLN L 86 28.93 12.07 20.55
N LEU L 87 29.65 10.98 20.27
CA LEU L 87 29.39 9.73 20.98
C LEU L 87 29.66 9.89 22.48
N ALA L 88 30.67 10.67 22.84
CA ALA L 88 30.97 10.96 24.24
C ALA L 88 29.81 11.72 24.88
N HIS L 89 29.36 12.76 24.19
CA HIS L 89 28.21 13.56 24.61
C HIS L 89 26.97 12.69 24.83
N LEU L 90 26.72 11.77 23.88
CA LEU L 90 25.55 10.89 23.98
C LEU L 90 25.67 9.93 25.15
N LYS L 91 26.87 9.40 25.34
CA LYS L 91 27.18 8.53 26.46
C LYS L 91 26.88 9.20 27.80
N VAL L 92 27.34 10.44 27.98
CA VAL L 92 27.03 11.22 29.18
C VAL L 92 25.53 11.17 29.44
N GLN L 93 24.74 11.33 28.39
CA GLN L 93 23.28 11.34 28.49
C GLN L 93 22.61 10.00 28.83
N HIS L 94 23.36 8.90 28.75
CA HIS L 94 22.82 7.58 29.12
C HIS L 94 23.49 6.96 30.33
N VAL L 95 24.72 7.39 30.64
CA VAL L 95 25.58 6.73 31.62
C VAL L 95 24.99 6.52 33.02
N GLU L 96 24.19 7.49 33.50
CA GLU L 96 23.70 7.43 34.87
C GLU L 96 22.34 6.76 35.01
N ARG L 97 21.98 5.94 34.02
CA ARG L 97 20.70 5.24 34.05
C ARG L 97 20.99 3.76 33.98
N ASN L 98 20.19 2.97 34.70
CA ASN L 98 20.40 1.54 34.79
C ASN L 98 20.17 0.82 33.46
N LEU L 99 20.96 1.16 32.45
CA LEU L 99 20.82 0.62 31.11
C LEU L 99 21.81 -0.51 30.88
N LYS L 100 21.31 -1.72 30.75
CA LYS L 100 22.18 -2.84 30.42
C LYS L 100 22.76 -2.54 29.04
N PRO L 101 24.05 -2.74 28.84
CA PRO L 101 24.64 -2.52 27.52
C PRO L 101 23.91 -3.29 26.41
N GLU L 102 23.21 -4.37 26.77
CA GLU L 102 22.53 -5.18 25.76
C GLU L 102 21.29 -4.48 25.19
N PHE L 103 20.77 -3.50 25.94
CA PHE L 103 19.67 -2.65 25.48
C PHE L 103 19.99 -2.06 24.10
N PHE L 104 21.22 -1.60 23.93
CA PHE L 104 21.65 -1.02 22.67
C PHE L 104 21.77 -2.07 21.58
N ASP L 105 22.07 -3.31 21.97
CA ASP L 105 22.12 -4.39 20.98
C ASP L 105 20.72 -4.71 20.47
N ILE L 106 19.75 -4.68 21.39
CA ILE L 106 18.35 -4.88 21.04
C ILE L 106 17.87 -3.73 20.15
N PHE L 107 18.24 -2.51 20.51
CA PHE L 107 17.91 -1.34 19.72
C PHE L 107 18.41 -1.56 18.29
N LEU L 108 19.68 -1.95 18.16
CA LEU L 108 20.26 -2.19 16.84
C LEU L 108 19.50 -3.27 16.09
N LYS L 109 19.14 -4.32 16.81
CA LYS L 109 18.51 -5.48 16.17
C LYS L 109 17.23 -5.01 15.51
N HIS L 110 16.47 -4.21 16.24
CA HIS L 110 15.21 -3.70 15.75
C HIS L 110 15.33 -2.59 14.74
N LEU L 111 16.37 -1.76 14.88
CA LEU L 111 16.63 -0.71 13.89
C LEU L 111 16.87 -1.34 12.51
N LEU L 112 17.69 -2.37 12.46
CA LEU L 112 18.01 -3.01 11.19
C LEU L 112 16.79 -3.75 10.61
N HIS L 113 15.95 -4.28 11.50
CA HIS L 113 14.70 -4.93 11.10
C HIS L 113 13.73 -3.93 10.46
N VAL L 114 13.44 -2.82 11.14
CA VAL L 114 12.53 -1.83 10.57
C VAL L 114 13.11 -1.21 9.32
N LEU L 115 14.43 -1.01 9.31
CA LEU L 115 15.10 -0.44 8.15
C LEU L 115 14.95 -1.37 6.95
N GLY L 116 15.03 -2.68 7.21
CA GLY L 116 14.87 -3.70 6.18
C GLY L 116 13.51 -3.65 5.53
N ASP L 117 12.48 -3.37 6.35
CA ASP L 117 11.11 -3.21 5.86
C ASP L 117 10.97 -2.02 4.95
N ARG L 118 11.55 -0.89 5.37
CA ARG L 118 11.47 0.36 4.64
C ARG L 118 12.23 0.32 3.33
N LEU L 119 13.41 -0.31 3.34
CA LEU L 119 14.32 -0.24 2.19
C LEU L 119 14.23 -1.45 1.27
N GLY L 120 13.79 -2.58 1.82
CA GLY L 120 13.59 -3.79 1.03
C GLY L 120 14.88 -4.57 0.82
N THR L 121 14.93 -5.31 -0.27
CA THR L 121 16.04 -6.20 -0.56
C THR L 121 17.33 -5.42 -0.86
N HIS L 122 17.21 -4.11 -0.96
CA HIS L 122 18.34 -3.21 -1.24
C HIS L 122 19.13 -2.84 0.01
N PHE L 123 18.50 -3.05 1.16
CA PHE L 123 19.10 -2.73 2.44
C PHE L 123 20.52 -3.28 2.55
N ASP L 124 21.51 -2.39 2.65
CA ASP L 124 22.90 -2.81 2.81
C ASP L 124 23.17 -3.15 4.28
N PHE L 125 22.61 -4.30 4.67
CA PHE L 125 22.74 -4.88 6.00
C PHE L 125 24.16 -4.88 6.51
N GLY L 126 25.09 -5.35 5.67
CA GLY L 126 26.49 -5.41 6.02
C GLY L 126 27.03 -4.05 6.37
N ALA L 127 26.80 -3.08 5.47
CA ALA L 127 27.24 -1.71 5.71
C ALA L 127 26.62 -1.13 6.98
N TRP L 128 25.31 -1.27 7.14
CA TRP L 128 24.65 -0.73 8.33
C TRP L 128 25.21 -1.32 9.60
N HIS L 129 25.32 -2.65 9.60
CA HIS L 129 25.74 -3.38 10.79
C HIS L 129 27.08 -2.91 11.28
N ASP L 130 28.04 -2.87 10.36
CA ASP L 130 29.37 -2.38 10.64
C ASP L 130 29.27 -1.00 11.25
N CYS L 131 28.72 -0.10 10.44
CA CYS L 131 28.70 1.34 10.68
C CYS L 131 28.03 1.80 11.97
N VAL L 132 26.82 1.28 12.23
CA VAL L 132 26.05 1.71 13.39
C VAL L 132 26.52 0.98 14.63
N ASP L 133 27.13 -0.19 14.43
CA ASP L 133 27.73 -0.94 15.51
C ASP L 133 28.70 -0.06 16.29
N GLN L 134 29.60 0.59 15.56
CA GLN L 134 30.52 1.59 16.08
C GLN L 134 29.83 2.67 16.91
N ILE L 135 28.73 3.22 16.39
CA ILE L 135 27.96 4.24 17.10
C ILE L 135 27.42 3.67 18.41
N ILE L 136 26.75 2.52 18.32
CA ILE L 136 26.26 1.82 19.49
C ILE L 136 27.36 1.62 20.55
N ASP L 137 28.55 1.18 20.13
CA ASP L 137 29.64 0.91 21.06
C ASP L 137 30.09 2.15 21.80
N GLY L 138 30.09 3.28 21.09
CA GLY L 138 30.45 4.55 21.69
C GLY L 138 29.51 5.05 22.77
N ILE L 139 28.25 4.62 22.73
CA ILE L 139 27.26 5.08 23.71
C ILE L 139 27.08 4.06 24.84
N LYS L 140 27.14 2.81 24.44
CA LYS L 140 26.96 1.64 25.28
C LYS L 140 27.72 1.74 26.60
#